data_3V4Y
#
_entry.id   3V4Y
#
_cell.length_a   76.639
_cell.length_b   116.035
_cell.length_c   168.093
_cell.angle_alpha   90.00
_cell.angle_beta   90.00
_cell.angle_gamma   90.00
#
_symmetry.space_group_name_H-M   'P 21 21 21'
#
loop_
_entity.id
_entity.type
_entity.pdbx_description
1 polymer 'Serine/threonine-protein phosphatase PP1-alpha catalytic subunit'
2 polymer 'Nuclear inhibitor of protein phosphatase 1'
3 non-polymer 'MANGANESE (II) ION'
4 non-polymer GLYCEROL
5 non-polymer 'POLYETHYLENE GLYCOL (N=34)'
6 water water
#
loop_
_entity_poly.entity_id
_entity_poly.type
_entity_poly.pdbx_seq_one_letter_code
_entity_poly.pdbx_strand_id
1 'polypeptide(L)'
;GHMGSLNLDSIIGRLLEVQGSRPGKNVQLTENEIRGLCLKSREIFLSQPILLELEAPLKICGDIHGQYYDLLRLFEYGGF
PPESNYLFLGDYVDRGKQSLETICLLLAYKIKYPENFFLLRGNHECASINRIYGFYDECKRRYNIKLWKTFTDCFNCLPI
AAIVDEKIFCCHGGLSPDLQSMEQIRRIMRPTDVPDQGLLCDLLWSDPDKDVQGWGENDRGVSFTFGAEVVAKFLHKHDL
DLICRAHQVVEDGYEFFAKRQLVTLFSAPNYCGEFDNAGAMMSVDETLMCSFQILKPADKNKGKYG
;
A,C,E,G
2 'polypeptide(L)' GAMEEETELDNLTEFNTAHNKRISTLTIEEGNLDIQRPKRKRKNSRVTFSEDDEIINPEDVD B,D,F,H
#
# COMPACT_ATOMS: atom_id res chain seq x y z
N LEU A 6 2.00 -6.50 -3.18
CA LEU A 6 1.24 -7.36 -4.09
C LEU A 6 2.06 -8.57 -4.55
N ASN A 7 1.68 -9.76 -4.11
CA ASN A 7 2.41 -10.97 -4.48
C ASN A 7 1.68 -11.69 -5.60
N LEU A 8 2.11 -11.45 -6.82
CA LEU A 8 1.40 -11.93 -7.99
C LEU A 8 1.44 -13.46 -8.11
N ASP A 9 2.59 -14.06 -7.86
CA ASP A 9 2.71 -15.51 -7.96
C ASP A 9 1.82 -16.19 -6.91
N SER A 10 1.72 -15.58 -5.74
CA SER A 10 0.82 -16.09 -4.70
C SER A 10 -0.62 -16.03 -5.18
N ILE A 11 -1.01 -14.90 -5.77
CA ILE A 11 -2.37 -14.74 -6.28
C ILE A 11 -2.70 -15.79 -7.32
N ILE A 12 -1.79 -15.99 -8.26
CA ILE A 12 -2.00 -16.96 -9.33
C ILE A 12 -2.06 -18.39 -8.75
N GLY A 13 -1.21 -18.67 -7.78
CA GLY A 13 -1.21 -19.97 -7.12
C GLY A 13 -2.57 -20.25 -6.51
N ARG A 14 -3.13 -19.28 -5.78
CA ARG A 14 -4.43 -19.45 -5.16
C ARG A 14 -5.57 -19.56 -6.20
N LEU A 15 -5.48 -18.81 -7.29
CA LEU A 15 -6.47 -18.93 -8.35
C LEU A 15 -6.41 -20.33 -9.02
N LEU A 16 -5.22 -20.88 -9.19
CA LEU A 16 -5.08 -22.19 -9.87
C LEU A 16 -5.33 -23.37 -8.93
N GLU A 17 -5.33 -23.09 -7.63
CA GLU A 17 -5.44 -24.11 -6.58
C GLU A 17 -6.69 -24.94 -6.75
N VAL A 18 -7.75 -24.30 -7.24
CA VAL A 18 -9.07 -24.93 -7.28
C VAL A 18 -9.27 -25.71 -8.57
N GLN A 19 -8.21 -25.82 -9.36
CA GLN A 19 -8.26 -26.62 -10.57
C GLN A 19 -8.45 -28.07 -10.15
N GLY A 20 -9.42 -28.74 -10.74
CA GLY A 20 -9.66 -30.13 -10.39
C GLY A 20 -10.66 -30.28 -9.26
N SER A 21 -10.83 -29.23 -8.47
CA SER A 21 -11.94 -29.18 -7.54
C SER A 21 -13.22 -29.27 -8.34
N ARG A 22 -14.28 -29.80 -7.75
CA ARG A 22 -15.52 -29.92 -8.49
C ARG A 22 -15.93 -28.50 -8.91
N PRO A 23 -16.17 -28.30 -10.22
CA PRO A 23 -16.42 -26.96 -10.76
C PRO A 23 -17.34 -26.13 -9.86
N GLY A 24 -16.99 -24.87 -9.62
CA GLY A 24 -17.83 -23.95 -8.86
C GLY A 24 -17.24 -23.50 -7.54
N LYS A 25 -16.08 -24.03 -7.16
CA LYS A 25 -15.42 -23.62 -5.93
C LYS A 25 -14.75 -22.25 -6.06
N ASN A 26 -15.07 -21.34 -5.16
CA ASN A 26 -14.61 -19.95 -5.25
C ASN A 26 -13.20 -19.75 -4.75
N VAL A 27 -12.52 -18.72 -5.27
CA VAL A 27 -11.28 -18.23 -4.72
C VAL A 27 -11.54 -16.81 -4.24
N GLN A 28 -11.30 -16.54 -2.98
CA GLN A 28 -11.54 -15.23 -2.41
C GLN A 28 -10.22 -14.50 -2.12
N LEU A 29 -9.70 -13.80 -3.13
CA LEU A 29 -8.51 -12.96 -2.93
C LEU A 29 -8.89 -11.78 -2.03
N THR A 30 -7.92 -11.05 -1.49
CA THR A 30 -8.27 -9.88 -0.69
C THR A 30 -8.65 -8.78 -1.65
N GLU A 31 -9.43 -7.83 -1.16
CA GLU A 31 -9.81 -6.66 -1.94
C GLU A 31 -8.58 -5.88 -2.44
N ASN A 32 -7.57 -5.72 -1.60
CA ASN A 32 -6.36 -5.03 -2.04
C ASN A 32 -5.63 -5.76 -3.17
N GLU A 33 -5.62 -7.09 -3.12
CA GLU A 33 -4.99 -7.88 -4.19
C GLU A 33 -5.70 -7.61 -5.51
N ILE A 34 -7.03 -7.60 -5.50
CA ILE A 34 -7.78 -7.42 -6.75
C ILE A 34 -7.62 -5.99 -7.24
N ARG A 35 -7.68 -5.04 -6.33
CA ARG A 35 -7.50 -3.66 -6.70
C ARG A 35 -6.12 -3.49 -7.35
N GLY A 36 -5.10 -4.13 -6.78
CA GLY A 36 -3.76 -4.16 -7.34
C GLY A 36 -3.68 -4.69 -8.77
N LEU A 37 -4.32 -5.83 -9.02
CA LEU A 37 -4.45 -6.38 -10.37
C LEU A 37 -5.08 -5.36 -11.33
N CYS A 38 -6.16 -4.73 -10.90
CA CYS A 38 -6.84 -3.76 -11.76
C CYS A 38 -5.92 -2.60 -12.11
N LEU A 39 -5.26 -2.03 -11.11
CA LEU A 39 -4.49 -0.81 -11.28
C LEU A 39 -3.23 -1.08 -12.09
N LYS A 40 -2.55 -2.19 -11.82
CA LYS A 40 -1.36 -2.53 -12.59
C LYS A 40 -1.67 -2.94 -14.03
N SER A 41 -2.69 -3.76 -14.27
CA SER A 41 -2.99 -4.14 -15.65
C SER A 41 -3.45 -2.88 -16.42
N ARG A 42 -4.16 -1.99 -15.75
CA ARG A 42 -4.62 -0.75 -16.38
C ARG A 42 -3.43 0.06 -16.91
N GLU A 43 -2.38 0.15 -16.09
CA GLU A 43 -1.15 0.83 -16.50
CA GLU A 43 -1.16 0.85 -16.49
C GLU A 43 -0.57 0.18 -17.74
N ILE A 44 -0.51 -1.13 -17.74
CA ILE A 44 0.01 -1.89 -18.88
C ILE A 44 -0.85 -1.67 -20.14
N PHE A 45 -2.17 -1.76 -20.01
CA PHE A 45 -3.04 -1.50 -21.18
C PHE A 45 -2.73 -0.14 -21.81
N LEU A 46 -2.57 0.90 -20.98
CA LEU A 46 -2.37 2.25 -21.48
C LEU A 46 -0.99 2.40 -22.13
N SER A 47 -0.02 1.59 -21.70
CA SER A 47 1.32 1.69 -22.24
C SER A 47 1.46 0.96 -23.58
N GLN A 48 0.47 0.16 -23.93
CA GLN A 48 0.52 -0.62 -25.18
C GLN A 48 -0.54 -0.06 -26.15
N PRO A 49 -0.36 -0.30 -27.45
CA PRO A 49 -1.27 0.30 -28.45
C PRO A 49 -2.72 -0.13 -28.27
N ILE A 50 -3.66 0.72 -28.68
CA ILE A 50 -5.08 0.41 -28.62
C ILE A 50 -5.44 -0.51 -29.79
N LEU A 51 -4.63 -0.45 -30.85
CA LEU A 51 -4.68 -1.43 -31.94
C LEU A 51 -3.40 -2.27 -31.86
N LEU A 52 -3.51 -3.47 -31.34
CA LEU A 52 -2.34 -4.33 -31.15
C LEU A 52 -1.85 -4.89 -32.47
N GLU A 53 -0.54 -5.06 -32.59
CA GLU A 53 0.02 -5.72 -33.75
C GLU A 53 0.83 -6.89 -33.22
N LEU A 54 0.31 -8.09 -33.49
CA LEU A 54 0.83 -9.29 -32.86
C LEU A 54 1.40 -10.23 -33.92
N GLU A 55 2.24 -11.16 -33.49
CA GLU A 55 2.81 -12.14 -34.41
C GLU A 55 2.41 -13.53 -33.95
N ALA A 56 2.24 -14.45 -34.89
CA ALA A 56 1.96 -15.85 -34.55
C ALA A 56 3.27 -16.46 -34.07
N PRO A 57 3.25 -17.60 -33.37
CA PRO A 57 2.10 -18.43 -32.98
C PRO A 57 1.32 -17.83 -31.82
N LEU A 58 0.02 -18.09 -31.84
CA LEU A 58 -0.89 -17.43 -30.92
CA LEU A 58 -0.89 -17.43 -30.92
C LEU A 58 -2.13 -18.29 -30.81
N LYS A 59 -2.72 -18.35 -29.62
CA LYS A 59 -4.00 -19.01 -29.45
C LYS A 59 -5.04 -17.96 -29.11
N ILE A 60 -6.18 -18.04 -29.79
CA ILE A 60 -7.19 -17.01 -29.70
C ILE A 60 -8.47 -17.59 -29.12
N CYS A 61 -9.03 -16.92 -28.13
CA CYS A 61 -10.27 -17.37 -27.49
C CYS A 61 -11.36 -16.31 -27.60
N GLY A 62 -12.60 -16.76 -27.70
CA GLY A 62 -13.75 -15.86 -27.68
C GLY A 62 -14.36 -15.73 -26.28
N ASP A 63 -15.66 -15.46 -26.24
CA ASP A 63 -16.32 -15.11 -24.99
C ASP A 63 -16.11 -16.19 -23.93
N ILE A 64 -15.80 -15.76 -22.71
CA ILE A 64 -15.66 -16.67 -21.57
C ILE A 64 -16.84 -16.50 -20.62
N HIS A 65 -17.30 -15.27 -20.44
CA HIS A 65 -18.46 -14.98 -19.61
C HIS A 65 -18.48 -15.68 -18.23
N GLY A 66 -17.41 -15.52 -17.45
CA GLY A 66 -17.41 -16.01 -16.08
C GLY A 66 -17.39 -17.53 -15.88
N GLN A 67 -17.20 -18.29 -16.96
CA GLN A 67 -17.08 -19.75 -16.85
C GLN A 67 -15.65 -20.15 -16.54
N TYR A 68 -15.27 -19.88 -15.30
CA TYR A 68 -13.90 -20.01 -14.87
C TYR A 68 -13.36 -21.41 -15.17
N TYR A 69 -14.14 -22.44 -14.84
CA TYR A 69 -13.62 -23.79 -14.98
C TYR A 69 -13.47 -24.21 -16.45
N ASP A 70 -14.28 -23.65 -17.33
CA ASP A 70 -14.04 -23.80 -18.76
C ASP A 70 -12.76 -23.08 -19.23
N LEU A 71 -12.51 -21.90 -18.70
CA LEU A 71 -11.23 -21.21 -18.97
C LEU A 71 -10.06 -22.11 -18.58
N LEU A 72 -10.12 -22.72 -17.40
CA LEU A 72 -9.03 -23.57 -16.95
C LEU A 72 -8.85 -24.79 -17.87
N ARG A 73 -9.96 -25.32 -18.40
CA ARG A 73 -9.87 -26.45 -19.32
C ARG A 73 -9.17 -26.05 -20.62
N LEU A 74 -9.47 -24.84 -21.12
CA LEU A 74 -8.83 -24.34 -22.32
C LEU A 74 -7.32 -24.15 -22.10
N PHE A 75 -6.95 -23.48 -21.01
CA PHE A 75 -5.54 -23.31 -20.66
C PHE A 75 -4.86 -24.68 -20.50
N GLU A 76 -5.56 -25.63 -19.89
CA GLU A 76 -4.98 -26.95 -19.65
C GLU A 76 -4.62 -27.62 -20.98
N TYR A 77 -5.49 -27.49 -21.97
CA TYR A 77 -5.24 -28.10 -23.28
C TYR A 77 -4.25 -27.28 -24.12
N GLY A 78 -4.41 -25.96 -24.15
CA GLY A 78 -3.58 -25.11 -24.98
C GLY A 78 -2.20 -24.85 -24.37
N GLY A 79 -2.09 -25.03 -23.06
CA GLY A 79 -0.87 -24.76 -22.32
C GLY A 79 -1.05 -23.49 -21.50
N PHE A 80 -0.73 -23.54 -20.21
CA PHE A 80 -0.89 -22.38 -19.35
C PHE A 80 0.18 -21.36 -19.69
N PRO A 81 -0.20 -20.07 -19.73
CA PRO A 81 0.82 -19.05 -19.98
C PRO A 81 2.01 -19.28 -19.06
N PRO A 82 3.23 -19.05 -19.56
CA PRO A 82 3.53 -18.55 -20.91
C PRO A 82 3.86 -19.66 -21.91
N GLU A 83 3.38 -20.88 -21.70
CA GLU A 83 3.68 -21.98 -22.63
C GLU A 83 3.24 -21.59 -24.03
N SER A 84 2.07 -21.00 -24.13
CA SER A 84 1.60 -20.49 -25.42
C SER A 84 1.23 -19.03 -25.24
N ASN A 85 1.30 -18.27 -26.33
CA ASN A 85 0.80 -16.90 -26.35
C ASN A 85 -0.71 -16.89 -26.53
N TYR A 86 -1.41 -15.95 -25.89
CA TYR A 86 -2.86 -15.90 -26.00
C TYR A 86 -3.35 -14.51 -26.39
N LEU A 87 -4.46 -14.49 -27.13
CA LEU A 87 -5.27 -13.30 -27.35
C LEU A 87 -6.72 -13.65 -27.03
N PHE A 88 -7.32 -12.90 -26.11
CA PHE A 88 -8.74 -13.05 -25.82
C PHE A 88 -9.51 -11.91 -26.45
N LEU A 89 -10.72 -12.19 -26.95
CA LEU A 89 -11.48 -11.21 -27.73
C LEU A 89 -12.54 -10.48 -26.91
N GLY A 90 -12.53 -10.67 -25.59
CA GLY A 90 -13.43 -9.90 -24.74
C GLY A 90 -14.54 -10.71 -24.10
N ASP A 91 -15.41 -10.03 -23.35
CA ASP A 91 -16.54 -10.65 -22.66
C ASP A 91 -16.06 -11.72 -21.65
N TYR A 92 -15.36 -11.23 -20.63
CA TYR A 92 -14.79 -12.06 -19.59
C TYR A 92 -15.77 -12.26 -18.46
N VAL A 93 -16.67 -11.29 -18.29
CA VAL A 93 -17.58 -11.26 -17.15
C VAL A 93 -19.04 -11.34 -17.61
N ASP A 94 -19.94 -11.46 -16.63
CA ASP A 94 -21.38 -11.58 -16.85
C ASP A 94 -21.84 -12.99 -17.21
N ARG A 95 -23.05 -13.31 -16.76
CA ARG A 95 -23.78 -14.52 -17.12
C ARG A 95 -23.29 -15.72 -16.33
N GLY A 96 -21.99 -15.95 -16.30
CA GLY A 96 -21.43 -17.08 -15.59
C GLY A 96 -21.39 -16.86 -14.09
N LYS A 97 -20.96 -17.88 -13.37
CA LYS A 97 -20.99 -17.86 -11.91
C LYS A 97 -19.68 -17.38 -11.29
N GLN A 98 -18.61 -17.33 -12.07
CA GLN A 98 -17.32 -16.94 -11.52
C GLN A 98 -16.58 -15.92 -12.38
N SER A 99 -17.24 -14.79 -12.62
CA SER A 99 -16.63 -13.68 -13.33
C SER A 99 -15.36 -13.21 -12.63
N LEU A 100 -15.41 -13.17 -11.30
CA LEU A 100 -14.28 -12.62 -10.54
C LEU A 100 -13.01 -13.47 -10.71
N GLU A 101 -13.11 -14.78 -10.53
CA GLU A 101 -11.92 -15.63 -10.71
C GLU A 101 -11.41 -15.52 -12.15
N THR A 102 -12.33 -15.44 -13.11
CA THR A 102 -11.99 -15.39 -14.52
C THR A 102 -11.19 -14.11 -14.82
N ILE A 103 -11.75 -12.94 -14.51
CA ILE A 103 -11.06 -11.70 -14.81
C ILE A 103 -9.75 -11.55 -13.97
N CYS A 104 -9.74 -12.00 -12.72
CA CYS A 104 -8.50 -11.92 -11.91
C CYS A 104 -7.34 -12.73 -12.50
N LEU A 105 -7.62 -13.96 -12.92
CA LEU A 105 -6.59 -14.79 -13.53
C LEU A 105 -6.10 -14.16 -14.84
N LEU A 106 -7.04 -13.73 -15.69
CA LEU A 106 -6.65 -13.08 -16.94
C LEU A 106 -5.80 -11.83 -16.68
N LEU A 107 -6.20 -10.99 -15.74
CA LEU A 107 -5.43 -9.78 -15.45
C LEU A 107 -4.06 -10.11 -14.86
N ALA A 108 -4.01 -11.16 -14.03
CA ALA A 108 -2.75 -11.59 -13.45
C ALA A 108 -1.76 -12.03 -14.52
N TYR A 109 -2.23 -12.80 -15.49
CA TYR A 109 -1.36 -13.22 -16.58
C TYR A 109 -0.94 -12.05 -17.46
N LYS A 110 -1.80 -11.06 -17.66
CA LYS A 110 -1.43 -9.88 -18.45
C LYS A 110 -0.28 -9.15 -17.78
N ILE A 111 -0.34 -9.06 -16.45
CA ILE A 111 0.70 -8.39 -15.68
C ILE A 111 1.98 -9.21 -15.66
N LYS A 112 1.86 -10.52 -15.48
CA LYS A 112 3.06 -11.35 -15.38
C LYS A 112 3.79 -11.51 -16.72
N TYR A 113 3.04 -11.59 -17.82
CA TYR A 113 3.62 -11.82 -19.16
C TYR A 113 3.06 -10.80 -20.15
N PRO A 114 3.37 -9.52 -19.94
CA PRO A 114 2.73 -8.45 -20.70
C PRO A 114 3.03 -8.47 -22.19
N GLU A 115 4.08 -9.17 -22.62
CA GLU A 115 4.40 -9.18 -24.04
C GLU A 115 3.93 -10.47 -24.71
N ASN A 116 3.32 -11.36 -23.93
CA ASN A 116 2.92 -12.65 -24.50
C ASN A 116 1.47 -13.02 -24.25
N PHE A 117 0.71 -12.10 -23.66
CA PHE A 117 -0.64 -12.39 -23.24
C PHE A 117 -1.46 -11.12 -23.47
N PHE A 118 -2.58 -11.22 -24.18
CA PHE A 118 -3.31 -10.03 -24.61
C PHE A 118 -4.82 -10.18 -24.46
N LEU A 119 -5.46 -9.09 -24.06
CA LEU A 119 -6.90 -9.05 -23.80
C LEU A 119 -7.52 -7.90 -24.55
N LEU A 120 -8.53 -8.16 -25.38
CA LEU A 120 -9.30 -7.10 -26.00
C LEU A 120 -10.55 -6.80 -25.18
N ARG A 121 -11.19 -5.69 -25.52
CA ARG A 121 -12.41 -5.28 -24.84
C ARG A 121 -13.64 -5.87 -25.52
N GLY A 122 -14.56 -6.41 -24.73
CA GLY A 122 -15.82 -6.89 -25.27
C GLY A 122 -16.91 -5.93 -24.85
N ASN A 123 -18.13 -6.12 -25.36
CA ASN A 123 -19.22 -5.19 -25.02
C ASN A 123 -19.66 -5.34 -23.56
N HIS A 124 -19.30 -6.44 -22.90
CA HIS A 124 -19.60 -6.61 -21.47
C HIS A 124 -18.54 -6.00 -20.54
N GLU A 125 -17.41 -5.58 -21.09
CA GLU A 125 -16.44 -4.81 -20.32
C GLU A 125 -16.83 -3.32 -20.34
N CYS A 126 -17.98 -3.05 -19.76
CA CYS A 126 -18.68 -1.77 -19.89
C CYS A 126 -19.69 -1.71 -18.76
N ALA A 127 -19.59 -0.69 -17.92
CA ALA A 127 -20.37 -0.66 -16.67
C ALA A 127 -21.87 -0.76 -16.90
N SER A 128 -22.38 -0.13 -17.95
CA SER A 128 -23.83 -0.13 -18.11
C SER A 128 -24.33 -1.51 -18.53
N ILE A 129 -23.48 -2.34 -19.13
CA ILE A 129 -23.89 -3.70 -19.46
C ILE A 129 -23.69 -4.63 -18.25
N ASN A 130 -22.50 -4.59 -17.66
CA ASN A 130 -22.19 -5.58 -16.64
C ASN A 130 -22.82 -5.19 -15.28
N ARG A 131 -23.39 -3.98 -15.22
CA ARG A 131 -24.29 -3.63 -14.12
C ARG A 131 -25.50 -4.56 -14.09
N ILE A 132 -25.92 -5.00 -15.27
CA ILE A 132 -27.23 -5.66 -15.44
C ILE A 132 -27.11 -7.17 -15.55
N TYR A 133 -26.04 -7.63 -16.19
CA TYR A 133 -25.94 -9.04 -16.52
C TYR A 133 -25.09 -9.89 -15.56
N GLY A 134 -24.83 -9.36 -14.36
CA GLY A 134 -24.29 -10.20 -13.29
C GLY A 134 -23.00 -9.76 -12.59
N PHE A 135 -22.13 -9.01 -13.26
CA PHE A 135 -20.82 -8.71 -12.67
C PHE A 135 -20.96 -7.77 -11.48
N TYR A 136 -21.79 -6.74 -11.63
CA TYR A 136 -22.07 -5.85 -10.49
C TYR A 136 -22.59 -6.66 -9.29
N ASP A 137 -23.55 -7.55 -9.53
CA ASP A 137 -24.09 -8.38 -8.45
C ASP A 137 -23.02 -9.22 -7.78
N GLU A 138 -22.14 -9.83 -8.57
CA GLU A 138 -21.09 -10.69 -8.04
C GLU A 138 -20.12 -9.85 -7.16
N CYS A 139 -19.74 -8.67 -7.65
CA CYS A 139 -18.89 -7.76 -6.88
C CYS A 139 -19.57 -7.32 -5.58
N LYS A 140 -20.85 -6.98 -5.65
CA LYS A 140 -21.55 -6.50 -4.47
C LYS A 140 -21.65 -7.62 -3.42
N ARG A 141 -21.87 -8.84 -3.88
CA ARG A 141 -22.04 -9.97 -2.97
C ARG A 141 -20.73 -10.32 -2.29
N ARG A 142 -19.68 -10.46 -3.10
CA ARG A 142 -18.43 -11.02 -2.64
C ARG A 142 -17.40 -10.00 -2.16
N TYR A 143 -17.55 -8.76 -2.62
CA TYR A 143 -16.68 -7.66 -2.22
C TYR A 143 -17.53 -6.44 -1.90
N ASN A 144 -17.40 -5.36 -2.67
CA ASN A 144 -18.25 -4.20 -2.52
C ASN A 144 -18.33 -3.47 -3.85
N ILE A 145 -19.19 -2.47 -3.97
CA ILE A 145 -19.46 -1.79 -5.24
CA ILE A 145 -19.41 -1.86 -5.27
C ILE A 145 -18.28 -0.92 -5.65
N LYS A 146 -17.47 -0.53 -4.68
CA LYS A 146 -16.31 0.29 -4.98
C LYS A 146 -15.29 -0.53 -5.79
N LEU A 147 -15.16 -1.81 -5.48
CA LEU A 147 -14.29 -2.68 -6.27
C LEU A 147 -14.83 -2.79 -7.69
N TRP A 148 -16.14 -2.86 -7.83
CA TRP A 148 -16.76 -2.89 -9.15
C TRP A 148 -16.35 -1.64 -9.96
N LYS A 149 -16.34 -0.47 -9.32
CA LYS A 149 -15.96 0.74 -10.04
C LYS A 149 -14.47 0.68 -10.40
N THR A 150 -13.64 0.06 -9.55
CA THR A 150 -12.24 -0.13 -9.91
C THR A 150 -12.10 -1.03 -11.16
N PHE A 151 -12.89 -2.10 -11.23
CA PHE A 151 -12.87 -2.93 -12.44
C PHE A 151 -13.24 -2.11 -13.67
N THR A 152 -14.26 -1.27 -13.55
CA THR A 152 -14.73 -0.45 -14.66
C THR A 152 -13.61 0.45 -15.17
N ASP A 153 -12.90 1.10 -14.26
CA ASP A 153 -11.76 1.94 -14.66
C ASP A 153 -10.68 1.14 -15.40
N CYS A 154 -10.50 -0.11 -15.04
CA CYS A 154 -9.54 -0.98 -15.73
C CYS A 154 -10.08 -1.40 -17.12
N PHE A 155 -11.34 -1.85 -17.16
CA PHE A 155 -12.00 -2.16 -18.45
C PHE A 155 -11.98 -0.97 -19.42
N ASN A 156 -12.10 0.24 -18.90
CA ASN A 156 -12.13 1.44 -19.75
C ASN A 156 -10.80 1.68 -20.49
N CYS A 157 -9.76 0.94 -20.13
CA CYS A 157 -8.46 1.10 -20.78
C CYS A 157 -8.08 -0.09 -21.67
N LEU A 158 -8.95 -1.09 -21.79
CA LEU A 158 -8.61 -2.26 -22.63
C LEU A 158 -8.40 -1.85 -24.11
N PRO A 159 -7.46 -2.51 -24.82
CA PRO A 159 -7.32 -2.23 -26.25
C PRO A 159 -8.54 -2.76 -27.00
N ILE A 160 -8.72 -2.32 -28.24
CA ILE A 160 -10.00 -2.53 -28.93
C ILE A 160 -9.88 -3.57 -30.06
N ALA A 161 -8.72 -3.67 -30.70
CA ALA A 161 -8.58 -4.62 -31.80
C ALA A 161 -7.15 -5.09 -31.92
N ALA A 162 -6.94 -6.09 -32.76
CA ALA A 162 -5.60 -6.61 -32.98
C ALA A 162 -5.45 -7.13 -34.39
N ILE A 163 -4.27 -6.94 -34.95
CA ILE A 163 -3.93 -7.54 -36.22
C ILE A 163 -2.77 -8.51 -36.03
N VAL A 164 -3.00 -9.76 -36.42
CA VAL A 164 -1.98 -10.79 -36.31
C VAL A 164 -1.23 -10.90 -37.64
N ASP A 165 0.08 -10.64 -37.59
CA ASP A 165 0.95 -10.74 -38.78
C ASP A 165 0.38 -10.06 -40.02
N GLU A 166 -0.23 -8.90 -39.82
CA GLU A 166 -0.82 -8.11 -40.91
C GLU A 166 -1.82 -8.88 -41.75
N LYS A 167 -2.42 -9.94 -41.20
CA LYS A 167 -3.35 -10.75 -42.00
C LYS A 167 -4.68 -11.09 -41.33
N ILE A 168 -4.70 -11.14 -40.00
CA ILE A 168 -5.95 -11.47 -39.29
C ILE A 168 -6.37 -10.29 -38.45
N PHE A 169 -7.50 -9.67 -38.79
CA PHE A 169 -8.03 -8.56 -38.01
C PHE A 169 -8.95 -9.12 -36.92
N CYS A 170 -8.65 -8.85 -35.65
CA CYS A 170 -9.43 -9.39 -34.52
C CYS A 170 -10.11 -8.29 -33.73
N CYS A 171 -11.39 -8.47 -33.42
CA CYS A 171 -12.07 -7.55 -32.52
C CYS A 171 -13.23 -8.32 -31.97
N HIS A 172 -13.96 -7.75 -31.02
CA HIS A 172 -15.00 -8.54 -30.36
C HIS A 172 -16.28 -8.67 -31.19
N GLY A 173 -16.81 -7.54 -31.66
CA GLY A 173 -18.04 -7.54 -32.44
C GLY A 173 -17.78 -7.66 -33.93
N GLY A 174 -17.44 -6.55 -34.58
CA GLY A 174 -17.13 -6.62 -35.99
C GLY A 174 -16.80 -5.28 -36.63
N LEU A 175 -17.13 -5.15 -37.91
CA LEU A 175 -16.77 -3.98 -38.71
C LEU A 175 -17.71 -2.83 -38.42
N SER A 176 -17.37 -1.67 -38.96
CA SER A 176 -18.16 -0.47 -38.74
C SER A 176 -18.23 0.30 -40.05
N PRO A 177 -19.39 0.91 -40.34
CA PRO A 177 -19.42 1.70 -41.58
C PRO A 177 -18.48 2.90 -41.48
N ASP A 178 -18.05 3.22 -40.26
CA ASP A 178 -17.12 4.33 -40.05
C ASP A 178 -15.66 3.89 -40.14
N LEU A 179 -15.40 2.60 -40.31
CA LEU A 179 -14.02 2.16 -40.32
C LEU A 179 -13.44 2.21 -41.72
N GLN A 180 -12.77 3.32 -42.03
CA GLN A 180 -12.16 3.50 -43.35
C GLN A 180 -10.64 3.27 -43.34
N SER A 181 -9.98 3.61 -42.23
CA SER A 181 -8.55 3.31 -42.11
C SER A 181 -8.19 2.81 -40.72
N MET A 182 -7.19 1.94 -40.64
CA MET A 182 -6.76 1.40 -39.36
C MET A 182 -6.34 2.51 -38.41
N GLU A 183 -5.80 3.61 -38.95
CA GLU A 183 -5.33 4.73 -38.14
C GLU A 183 -6.47 5.29 -37.28
N GLN A 184 -7.71 5.22 -37.78
CA GLN A 184 -8.85 5.69 -37.00
C GLN A 184 -8.99 4.99 -35.65
N ILE A 185 -8.79 3.67 -35.62
CA ILE A 185 -8.78 2.93 -34.35
C ILE A 185 -7.72 3.52 -33.41
N ARG A 186 -6.58 3.90 -33.97
CA ARG A 186 -5.50 4.44 -33.16
C ARG A 186 -5.85 5.82 -32.57
N ARG A 187 -6.83 6.50 -33.16
CA ARG A 187 -7.22 7.81 -32.64
C ARG A 187 -8.15 7.71 -31.42
N ILE A 188 -8.71 6.53 -31.18
CA ILE A 188 -9.61 6.34 -30.05
C ILE A 188 -8.84 6.62 -28.74
N MET A 189 -9.40 7.43 -27.85
CA MET A 189 -8.71 7.85 -26.63
C MET A 189 -9.16 7.02 -25.41
N ARG A 190 -8.21 6.69 -24.55
CA ARG A 190 -8.50 5.95 -23.32
C ARG A 190 -8.04 6.77 -22.12
N PRO A 191 -8.67 6.60 -20.96
CA PRO A 191 -9.78 5.68 -20.68
C PRO A 191 -11.06 6.15 -21.34
N THR A 192 -11.96 5.23 -21.64
CA THR A 192 -13.21 5.56 -22.29
C THR A 192 -14.28 4.57 -21.93
N ASP A 193 -15.51 5.05 -21.88
CA ASP A 193 -16.66 4.16 -21.85
C ASP A 193 -17.02 3.82 -23.29
N VAL A 194 -17.93 2.86 -23.48
CA VAL A 194 -18.38 2.52 -24.84
C VAL A 194 -19.52 3.45 -25.26
N PRO A 195 -19.31 4.29 -26.29
CA PRO A 195 -20.38 5.20 -26.71
C PRO A 195 -21.54 4.40 -27.28
N ASP A 196 -22.70 5.02 -27.43
CA ASP A 196 -23.87 4.28 -27.93
C ASP A 196 -23.93 4.23 -29.46
N GLN A 197 -22.97 4.87 -30.12
CA GLN A 197 -22.86 4.76 -31.57
C GLN A 197 -21.44 5.07 -32.03
N GLY A 198 -21.13 4.80 -33.29
CA GLY A 198 -19.84 5.14 -33.86
C GLY A 198 -18.85 3.97 -33.92
N LEU A 199 -17.63 4.29 -34.34
CA LEU A 199 -16.61 3.29 -34.60
C LEU A 199 -16.34 2.40 -33.39
N LEU A 200 -16.18 2.99 -32.21
CA LEU A 200 -15.84 2.20 -31.03
C LEU A 200 -17.00 1.28 -30.67
N CYS A 201 -18.21 1.83 -30.65
CA CYS A 201 -19.40 1.03 -30.41
C CYS A 201 -19.44 -0.17 -31.35
N ASP A 202 -19.31 0.09 -32.65
CA ASP A 202 -19.44 -0.96 -33.66
C ASP A 202 -18.41 -2.07 -33.52
N LEU A 203 -17.16 -1.71 -33.28
CA LEU A 203 -16.12 -2.71 -33.10
C LEU A 203 -16.46 -3.70 -31.97
N LEU A 204 -17.25 -3.25 -31.00
CA LEU A 204 -17.64 -4.10 -29.89
C LEU A 204 -19.03 -4.75 -30.04
N TRP A 205 -19.85 -4.21 -30.94
CA TRP A 205 -21.26 -4.61 -30.98
C TRP A 205 -21.79 -5.18 -32.31
N SER A 206 -21.15 -4.90 -33.44
CA SER A 206 -21.70 -5.32 -34.74
C SER A 206 -21.67 -6.84 -34.96
N ASP A 207 -22.54 -7.35 -35.84
CA ASP A 207 -22.62 -8.78 -36.19
C ASP A 207 -22.65 -9.00 -37.71
N PRO A 208 -22.06 -10.11 -38.19
CA PRO A 208 -22.29 -10.44 -39.59
C PRO A 208 -23.72 -10.96 -39.78
N ASP A 209 -24.26 -10.86 -41.00
CA ASP A 209 -25.62 -11.34 -41.30
C ASP A 209 -25.71 -11.81 -42.76
N LYS A 210 -26.11 -13.07 -42.96
CA LYS A 210 -26.18 -13.66 -44.30
C LYS A 210 -27.20 -13.01 -45.22
N ASP A 211 -28.22 -12.38 -44.65
CA ASP A 211 -29.36 -11.88 -45.43
C ASP A 211 -29.29 -10.38 -45.74
N VAL A 212 -28.17 -9.76 -45.40
CA VAL A 212 -28.01 -8.33 -45.64
C VAL A 212 -26.95 -8.10 -46.69
N GLN A 213 -27.28 -7.29 -47.69
CA GLN A 213 -26.29 -6.80 -48.62
C GLN A 213 -25.87 -5.42 -48.12
N GLY A 214 -24.62 -5.29 -47.71
CA GLY A 214 -24.12 -4.04 -47.16
C GLY A 214 -24.34 -3.98 -45.67
N TRP A 215 -24.94 -2.88 -45.21
CA TRP A 215 -25.15 -2.65 -43.79
C TRP A 215 -26.64 -2.70 -43.47
N GLY A 216 -26.99 -3.37 -42.38
CA GLY A 216 -28.38 -3.49 -41.96
C GLY A 216 -28.59 -3.13 -40.51
N GLU A 217 -29.84 -3.16 -40.08
CA GLU A 217 -30.17 -2.90 -38.69
C GLU A 217 -29.89 -4.12 -37.85
N ASN A 218 -29.55 -3.89 -36.59
CA ASN A 218 -29.18 -4.98 -35.71
C ASN A 218 -30.29 -5.14 -34.70
N ASP A 219 -30.81 -6.36 -34.58
CA ASP A 219 -31.90 -6.64 -33.65
C ASP A 219 -31.49 -6.37 -32.20
N ARG A 220 -30.19 -6.29 -31.95
CA ARG A 220 -29.73 -5.94 -30.60
C ARG A 220 -30.25 -4.58 -30.19
N GLY A 221 -30.54 -3.72 -31.18
CA GLY A 221 -30.93 -2.34 -30.91
C GLY A 221 -29.74 -1.41 -30.77
N VAL A 222 -28.58 -1.85 -31.22
CA VAL A 222 -27.39 -1.00 -31.25
C VAL A 222 -26.47 -1.45 -32.38
N SER A 223 -25.74 -0.50 -32.94
CA SER A 223 -24.79 -0.81 -33.99
C SER A 223 -25.51 -1.41 -35.22
N PHE A 224 -24.81 -2.25 -35.98
CA PHE A 224 -25.27 -2.68 -37.29
C PHE A 224 -25.01 -4.15 -37.49
N THR A 225 -25.54 -4.67 -38.60
CA THR A 225 -25.12 -5.95 -39.13
C THR A 225 -24.43 -5.66 -40.45
N PHE A 226 -23.59 -6.58 -40.92
CA PHE A 226 -22.87 -6.37 -42.17
C PHE A 226 -22.80 -7.66 -42.97
N GLY A 227 -22.84 -7.54 -44.29
CA GLY A 227 -22.91 -8.70 -45.17
C GLY A 227 -21.57 -9.20 -45.68
N ALA A 228 -21.63 -10.30 -46.44
CA ALA A 228 -20.43 -10.93 -46.99
C ALA A 228 -19.66 -9.96 -47.89
N GLU A 229 -20.37 -9.13 -48.63
CA GLU A 229 -19.71 -8.22 -49.55
C GLU A 229 -18.88 -7.19 -48.77
N VAL A 230 -19.40 -6.74 -47.63
CA VAL A 230 -18.66 -5.81 -46.78
C VAL A 230 -17.37 -6.46 -46.33
N VAL A 231 -17.46 -7.71 -45.87
CA VAL A 231 -16.28 -8.41 -45.41
C VAL A 231 -15.26 -8.52 -46.54
N ALA A 232 -15.72 -8.84 -47.74
CA ALA A 232 -14.81 -9.03 -48.88
C ALA A 232 -14.09 -7.73 -49.27
N LYS A 233 -14.83 -6.63 -49.41
CA LYS A 233 -14.22 -5.36 -49.79
C LYS A 233 -13.25 -4.88 -48.71
N PHE A 234 -13.56 -5.18 -47.46
CA PHE A 234 -12.72 -4.80 -46.35
C PHE A 234 -11.38 -5.55 -46.42
N LEU A 235 -11.46 -6.86 -46.52
CA LEU A 235 -10.25 -7.67 -46.60
C LEU A 235 -9.41 -7.24 -47.80
N HIS A 236 -10.04 -7.05 -48.95
CA HIS A 236 -9.31 -6.62 -50.14
C HIS A 236 -8.61 -5.27 -49.95
N LYS A 237 -9.36 -4.28 -49.47
CA LYS A 237 -8.81 -2.94 -49.27
C LYS A 237 -7.58 -2.92 -48.34
N HIS A 238 -7.62 -3.69 -47.25
CA HIS A 238 -6.55 -3.67 -46.25
C HIS A 238 -5.56 -4.83 -46.37
N ASP A 239 -5.69 -5.62 -47.44
CA ASP A 239 -4.75 -6.72 -47.69
C ASP A 239 -4.71 -7.69 -46.51
N LEU A 240 -5.89 -8.03 -46.00
CA LEU A 240 -6.06 -8.98 -44.90
C LEU A 240 -6.67 -10.27 -45.45
N ASP A 241 -6.54 -11.35 -44.69
CA ASP A 241 -7.06 -12.65 -45.11
C ASP A 241 -8.28 -13.10 -44.30
N LEU A 242 -8.43 -12.57 -43.08
CA LEU A 242 -9.45 -13.10 -42.18
C LEU A 242 -9.85 -12.10 -41.09
N ILE A 243 -11.16 -12.02 -40.87
CA ILE A 243 -11.68 -11.36 -39.66
C ILE A 243 -11.99 -12.42 -38.60
N CYS A 244 -11.51 -12.20 -37.39
CA CYS A 244 -11.72 -13.14 -36.31
C CYS A 244 -12.40 -12.38 -35.17
N ARG A 245 -13.63 -12.76 -34.86
CA ARG A 245 -14.40 -12.03 -33.87
C ARG A 245 -15.16 -13.01 -32.97
N ALA A 246 -15.96 -12.50 -32.04
CA ALA A 246 -16.65 -13.37 -31.08
C ALA A 246 -18.09 -12.89 -30.91
N HIS A 247 -18.54 -12.67 -29.68
CA HIS A 247 -19.75 -11.85 -29.47
C HIS A 247 -21.08 -12.62 -29.70
N GLN A 248 -21.05 -13.68 -30.48
CA GLN A 248 -22.27 -14.47 -30.69
C GLN A 248 -22.07 -15.95 -30.43
N VAL A 249 -23.01 -16.57 -29.71
CA VAL A 249 -22.87 -17.98 -29.40
C VAL A 249 -23.12 -18.78 -30.68
N VAL A 250 -22.24 -19.73 -30.96
CA VAL A 250 -22.34 -20.59 -32.14
C VAL A 250 -22.26 -22.07 -31.76
N GLU A 251 -23.10 -22.87 -32.40
CA GLU A 251 -23.35 -24.25 -32.01
C GLU A 251 -22.06 -25.05 -31.83
N ASP A 252 -21.15 -24.90 -32.79
CA ASP A 252 -19.95 -25.70 -32.85
C ASP A 252 -18.76 -25.00 -32.22
N GLY A 253 -18.97 -23.92 -31.49
CA GLY A 253 -17.85 -23.20 -30.87
C GLY A 253 -17.16 -22.19 -31.80
N TYR A 254 -16.98 -22.57 -33.06
CA TYR A 254 -16.56 -21.62 -34.10
C TYR A 254 -17.49 -21.76 -35.30
N GLU A 255 -17.59 -20.71 -36.09
CA GLU A 255 -18.50 -20.74 -37.23
C GLU A 255 -18.02 -19.78 -38.30
N PHE A 256 -17.88 -20.28 -39.54
CA PHE A 256 -17.41 -19.45 -40.64
C PHE A 256 -18.51 -18.63 -41.26
N PHE A 257 -18.10 -17.58 -41.97
CA PHE A 257 -19.00 -16.67 -42.64
C PHE A 257 -18.31 -16.12 -43.90
N ALA A 258 -19.09 -15.91 -44.96
CA ALA A 258 -18.55 -15.40 -46.21
C ALA A 258 -17.38 -16.27 -46.72
N LYS A 259 -17.65 -17.56 -46.88
CA LYS A 259 -16.66 -18.50 -47.43
C LYS A 259 -15.30 -18.39 -46.73
N ARG A 260 -15.32 -18.53 -45.42
CA ARG A 260 -14.12 -18.55 -44.59
C ARG A 260 -13.34 -17.23 -44.52
N GLN A 261 -13.95 -16.13 -44.93
CA GLN A 261 -13.31 -14.83 -44.77
C GLN A 261 -13.51 -14.25 -43.37
N LEU A 262 -14.48 -14.79 -42.63
CA LEU A 262 -14.71 -14.35 -41.26
C LEU A 262 -15.02 -15.58 -40.42
N VAL A 263 -14.45 -15.64 -39.22
CA VAL A 263 -14.83 -16.69 -38.29
C VAL A 263 -15.31 -16.06 -36.98
N THR A 264 -16.39 -16.63 -36.43
CA THR A 264 -16.87 -16.30 -35.10
C THR A 264 -16.35 -17.33 -34.11
N LEU A 265 -15.79 -16.86 -32.99
CA LEU A 265 -15.27 -17.76 -31.95
C LEU A 265 -16.04 -17.53 -30.66
N PHE A 266 -16.47 -18.62 -30.03
CA PHE A 266 -17.18 -18.52 -28.76
C PHE A 266 -16.67 -19.62 -27.87
N SER A 267 -16.08 -19.26 -26.72
CA SER A 267 -15.30 -20.23 -25.98
C SER A 267 -16.01 -20.82 -24.76
N ALA A 268 -17.20 -20.33 -24.44
CA ALA A 268 -17.93 -20.81 -23.26
C ALA A 268 -18.98 -21.88 -23.61
N PRO A 269 -18.65 -23.17 -23.41
CA PRO A 269 -19.59 -24.25 -23.76
C PRO A 269 -20.83 -24.23 -22.87
N ASN A 270 -21.93 -24.80 -23.35
CA ASN A 270 -23.18 -24.79 -22.61
C ASN A 270 -23.49 -23.41 -22.04
N TYR A 271 -23.31 -22.39 -22.87
CA TYR A 271 -23.39 -20.99 -22.42
C TYR A 271 -24.63 -20.70 -21.59
N CYS A 272 -24.43 -20.11 -20.42
CA CYS A 272 -25.55 -19.70 -19.56
C CYS A 272 -26.34 -20.88 -19.01
N GLY A 273 -25.92 -22.10 -19.31
CA GLY A 273 -26.73 -23.27 -19.07
C GLY A 273 -28.06 -23.18 -19.84
N GLU A 274 -28.09 -22.33 -20.86
CA GLU A 274 -29.31 -22.13 -21.66
C GLU A 274 -29.12 -22.67 -23.08
N PHE A 275 -27.89 -22.64 -23.57
CA PHE A 275 -27.58 -23.14 -24.91
C PHE A 275 -26.81 -24.46 -24.83
N ASP A 276 -26.83 -25.24 -25.91
CA ASP A 276 -26.09 -26.51 -25.94
C ASP A 276 -24.88 -26.41 -26.86
N ASN A 277 -24.30 -25.21 -26.93
CA ASN A 277 -23.19 -24.96 -27.82
C ASN A 277 -21.89 -25.60 -27.34
N ALA A 278 -20.99 -25.88 -28.28
CA ALA A 278 -19.61 -26.16 -27.88
C ALA A 278 -18.90 -24.83 -27.71
N GLY A 279 -17.74 -24.86 -27.07
CA GLY A 279 -16.85 -23.70 -27.06
C GLY A 279 -15.67 -24.03 -27.94
N ALA A 280 -14.99 -23.02 -28.47
CA ALA A 280 -13.81 -23.29 -29.30
C ALA A 280 -12.73 -22.25 -29.06
N MET A 281 -11.50 -22.66 -29.28
CA MET A 281 -10.36 -21.75 -29.28
C MET A 281 -9.70 -21.97 -30.64
N MET A 282 -9.09 -20.93 -31.21
CA MET A 282 -8.39 -21.09 -32.49
C MET A 282 -6.88 -20.90 -32.33
N SER A 283 -6.11 -21.92 -32.68
CA SER A 283 -4.65 -21.84 -32.66
C SER A 283 -4.14 -21.43 -34.03
N VAL A 284 -3.22 -20.46 -34.03
CA VAL A 284 -2.61 -19.96 -35.25
C VAL A 284 -1.13 -20.26 -35.19
N ASP A 285 -0.60 -21.10 -36.08
CA ASP A 285 0.82 -21.42 -36.01
C ASP A 285 1.62 -20.40 -36.82
N GLU A 286 2.95 -20.56 -36.83
CA GLU A 286 3.84 -19.54 -37.40
C GLU A 286 3.64 -19.31 -38.90
N THR A 287 2.98 -20.23 -39.59
CA THR A 287 2.70 -20.05 -41.01
C THR A 287 1.30 -19.46 -41.22
N LEU A 288 0.62 -19.19 -40.11
CA LEU A 288 -0.77 -18.74 -40.13
C LEU A 288 -1.71 -19.86 -40.58
N MET A 289 -1.35 -21.10 -40.28
CA MET A 289 -2.30 -22.18 -40.42
C MET A 289 -3.13 -22.25 -39.13
N CYS A 290 -4.43 -22.11 -39.28
CA CYS A 290 -5.34 -22.06 -38.14
C CYS A 290 -6.04 -23.39 -37.90
N SER A 291 -6.12 -23.80 -36.63
CA SER A 291 -6.87 -24.99 -36.27
C SER A 291 -7.76 -24.71 -35.04
N PHE A 292 -8.78 -25.54 -34.85
CA PHE A 292 -9.77 -25.31 -33.80
C PHE A 292 -9.71 -26.40 -32.74
N GLN A 293 -9.73 -25.98 -31.48
CA GLN A 293 -9.80 -26.92 -30.38
C GLN A 293 -11.12 -26.69 -29.67
N ILE A 294 -11.88 -27.77 -29.50
CA ILE A 294 -13.28 -27.71 -29.16
C ILE A 294 -13.54 -28.28 -27.78
N LEU A 295 -14.29 -27.53 -26.98
CA LEU A 295 -14.83 -28.01 -25.72
C LEU A 295 -16.27 -28.39 -25.98
N LYS A 296 -16.56 -29.68 -26.05
CA LYS A 296 -17.91 -30.15 -26.30
C LYS A 296 -18.79 -29.93 -25.08
N PRO A 297 -20.09 -29.67 -25.30
CA PRO A 297 -21.06 -29.47 -24.22
C PRO A 297 -21.32 -30.76 -23.44
N ALA A 298 -21.74 -30.64 -22.18
CA ALA A 298 -22.00 -31.81 -21.33
C ALA A 298 -22.87 -32.83 -22.05
N GLU B 6 -17.31 15.32 -9.14
CA GLU B 6 -16.80 14.37 -10.13
C GLU B 6 -15.27 14.35 -10.10
N THR B 7 -14.69 13.16 -10.06
CA THR B 7 -13.24 13.02 -10.04
C THR B 7 -12.65 13.42 -11.39
N GLU B 8 -11.33 13.62 -11.41
CA GLU B 8 -10.64 13.94 -12.65
C GLU B 8 -10.70 12.76 -13.63
N LEU B 9 -10.54 11.55 -13.09
CA LEU B 9 -10.57 10.35 -13.93
C LEU B 9 -11.94 10.23 -14.62
N ASP B 10 -13.00 10.43 -13.83
CA ASP B 10 -14.36 10.47 -14.37
C ASP B 10 -14.52 11.58 -15.42
N ASN B 11 -14.03 12.78 -15.14
CA ASN B 11 -14.06 13.84 -16.15
C ASN B 11 -13.33 13.47 -17.44
N LEU B 12 -12.14 12.89 -17.32
CA LEU B 12 -11.38 12.50 -18.50
C LEU B 12 -12.10 11.41 -19.31
N THR B 13 -12.63 10.42 -18.60
CA THR B 13 -13.32 9.31 -19.22
C THR B 13 -14.54 9.84 -20.00
N GLU B 14 -15.29 10.74 -19.39
CA GLU B 14 -16.44 11.37 -20.05
C GLU B 14 -15.99 12.16 -21.30
N PHE B 15 -14.94 12.96 -21.17
CA PHE B 15 -14.42 13.70 -22.32
C PHE B 15 -14.05 12.74 -23.46
N ASN B 16 -13.31 11.68 -23.14
CA ASN B 16 -12.87 10.69 -24.13
C ASN B 16 -14.04 9.95 -24.77
N THR B 17 -15.01 9.54 -23.95
CA THR B 17 -16.18 8.86 -24.46
C THR B 17 -16.87 9.71 -25.55
N ALA B 18 -17.05 11.00 -25.26
CA ALA B 18 -17.71 11.91 -26.21
C ALA B 18 -16.87 12.10 -27.49
N HIS B 19 -15.56 12.28 -27.32
CA HIS B 19 -14.64 12.31 -28.47
C HIS B 19 -14.75 11.03 -29.33
N ASN B 20 -14.84 9.88 -28.66
CA ASN B 20 -14.80 8.58 -29.36
C ASN B 20 -16.06 8.24 -30.11
N LYS B 21 -17.10 9.04 -29.94
CA LYS B 21 -18.35 8.83 -30.65
C LYS B 21 -18.20 9.07 -32.16
N ARG B 22 -17.33 10.01 -32.53
CA ARG B 22 -17.15 10.38 -33.93
C ARG B 22 -15.68 10.48 -34.30
N ILE B 23 -15.10 9.36 -34.73
CA ILE B 23 -13.71 9.36 -35.13
C ILE B 23 -13.64 9.71 -36.62
N SER B 24 -13.13 10.91 -36.92
CA SER B 24 -13.06 11.39 -38.30
C SER B 24 -12.29 10.43 -39.21
N THR B 25 -12.76 10.27 -40.44
CA THR B 25 -12.04 9.46 -41.44
C THR B 25 -10.83 10.22 -42.02
N LEU B 26 -10.70 11.49 -41.69
CA LEU B 26 -9.54 12.27 -42.11
C LEU B 26 -8.32 11.88 -41.28
N THR B 27 -7.59 10.84 -41.71
CA THR B 27 -6.37 10.43 -41.01
C THR B 27 -5.16 10.59 -41.95
N ILE B 28 -4.75 11.83 -42.17
CA ILE B 28 -3.71 12.16 -43.13
C ILE B 28 -2.36 12.29 -42.45
N GLU B 29 -1.34 11.65 -43.02
CA GLU B 29 0.03 11.80 -42.53
C GLU B 29 0.86 12.71 -43.46
N GLU B 30 1.80 13.45 -42.88
CA GLU B 30 2.49 14.53 -43.59
C GLU B 30 3.99 14.42 -43.30
N SER B 45 3.26 -14.56 -45.86
CA SER B 45 2.44 -15.52 -45.13
C SER B 45 0.94 -15.32 -45.43
N ARG B 46 0.24 -16.44 -45.58
CA ARG B 46 -1.15 -16.43 -46.03
C ARG B 46 -1.97 -17.44 -45.21
N VAL B 47 -3.17 -17.04 -44.80
CA VAL B 47 -3.95 -17.82 -43.84
C VAL B 47 -4.51 -19.10 -44.45
N THR B 48 -4.33 -20.21 -43.76
CA THR B 48 -4.91 -21.49 -44.17
C THR B 48 -5.61 -22.12 -42.95
N PHE B 49 -6.34 -23.20 -43.19
CA PHE B 49 -7.06 -23.89 -42.13
C PHE B 49 -6.79 -25.38 -42.19
N SER B 50 -6.42 -25.95 -41.06
CA SER B 50 -6.21 -27.38 -40.96
C SER B 50 -7.53 -28.08 -41.24
N GLU B 51 -7.47 -29.34 -41.67
CA GLU B 51 -8.68 -30.06 -42.01
C GLU B 51 -9.42 -30.60 -40.79
N ASP B 52 -8.71 -30.70 -39.67
CA ASP B 52 -9.23 -31.44 -38.52
C ASP B 52 -9.30 -30.65 -37.21
N ASP B 53 -10.47 -30.68 -36.59
CA ASP B 53 -10.70 -30.10 -35.27
C ASP B 53 -10.24 -31.03 -34.17
N GLU B 54 -9.62 -30.47 -33.14
CA GLU B 54 -9.18 -31.27 -32.00
C GLU B 54 -10.22 -31.18 -30.90
N ILE B 55 -10.63 -32.32 -30.38
CA ILE B 55 -11.61 -32.35 -29.30
C ILE B 55 -10.89 -32.45 -27.98
N ILE B 56 -11.17 -31.51 -27.08
CA ILE B 56 -10.47 -31.41 -25.81
C ILE B 56 -11.00 -32.42 -24.80
N ASN B 57 -12.30 -32.64 -24.80
CA ASN B 57 -12.97 -33.49 -23.82
C ASN B 57 -13.82 -34.55 -24.50
N PRO B 58 -13.17 -35.49 -25.21
CA PRO B 58 -13.97 -36.51 -25.91
C PRO B 58 -14.83 -37.34 -24.96
N GLU B 59 -14.42 -37.41 -23.69
CA GLU B 59 -15.22 -38.09 -22.68
C GLU B 59 -16.42 -37.25 -22.25
N ASP B 60 -17.18 -36.74 -23.22
CA ASP B 60 -18.39 -35.98 -22.94
C ASP B 60 -19.37 -36.09 -24.10
N SER C 5 6.32 -3.92 -33.41
CA SER C 5 7.60 -3.34 -33.03
C SER C 5 8.27 -4.21 -31.95
N LEU C 6 9.53 -4.57 -32.17
CA LEU C 6 10.38 -5.32 -31.22
C LEU C 6 10.68 -6.75 -31.67
N ASN C 7 9.71 -7.62 -31.46
CA ASN C 7 9.90 -9.07 -31.51
C ASN C 7 10.90 -9.55 -30.47
N LEU C 8 10.40 -9.52 -29.25
CA LEU C 8 11.16 -9.86 -28.08
C LEU C 8 11.60 -11.32 -28.10
N ASP C 9 10.71 -12.21 -28.51
CA ASP C 9 11.05 -13.63 -28.51
C ASP C 9 12.06 -14.00 -29.58
N SER C 10 12.00 -13.36 -30.74
CA SER C 10 13.04 -13.56 -31.74
C SER C 10 14.40 -13.10 -31.15
N ILE C 11 14.39 -11.96 -30.47
CA ILE C 11 15.63 -11.44 -29.84
C ILE C 11 16.18 -12.44 -28.83
N ILE C 12 15.35 -12.89 -27.91
CA ILE C 12 15.81 -13.88 -26.93
C ILE C 12 16.27 -15.18 -27.61
N GLY C 13 15.56 -15.62 -28.64
CA GLY C 13 15.96 -16.81 -29.38
C GLY C 13 17.38 -16.69 -29.93
N ARG C 14 17.68 -15.55 -30.56
CA ARG C 14 19.01 -15.35 -31.15
C ARG C 14 20.10 -15.24 -30.07
N LEU C 15 19.77 -14.65 -28.93
CA LEU C 15 20.75 -14.50 -27.85
C LEU C 15 21.09 -15.85 -27.21
N LEU C 16 20.10 -16.75 -27.11
CA LEU C 16 20.30 -18.06 -26.45
C LEU C 16 20.83 -19.10 -27.44
N GLU C 17 20.78 -18.77 -28.72
CA GLU C 17 21.18 -19.66 -29.80
C GLU C 17 22.64 -20.11 -29.65
N VAL C 18 23.47 -19.25 -29.09
CA VAL C 18 24.91 -19.52 -29.05
C VAL C 18 25.29 -20.36 -27.84
N GLN C 19 24.32 -20.67 -27.01
CA GLN C 19 24.57 -21.52 -25.85
C GLN C 19 25.20 -22.83 -26.31
N GLY C 20 26.36 -23.17 -25.77
CA GLY C 20 26.99 -24.45 -26.10
C GLY C 20 27.92 -24.36 -27.31
N SER C 21 27.82 -23.27 -28.05
CA SER C 21 28.86 -22.93 -29.01
C SER C 21 30.11 -22.77 -28.19
N ARG C 22 31.25 -22.61 -28.85
CA ARG C 22 32.47 -22.39 -28.09
C ARG C 22 32.43 -20.96 -27.57
N PRO C 23 32.64 -20.78 -26.25
CA PRO C 23 32.58 -19.43 -25.66
C PRO C 23 33.26 -18.40 -26.54
N GLY C 24 32.61 -17.24 -26.71
CA GLY C 24 33.16 -16.17 -27.51
C GLY C 24 32.40 -15.92 -28.81
N LYS C 25 31.42 -16.76 -29.14
CA LYS C 25 30.60 -16.48 -30.31
C LYS C 25 29.66 -15.31 -30.01
N ASN C 26 29.68 -14.31 -30.87
CA ASN C 26 28.89 -13.09 -30.70
C ASN C 26 27.47 -13.27 -31.20
N VAL C 27 26.58 -12.41 -30.71
CA VAL C 27 25.25 -12.29 -31.27
C VAL C 27 25.06 -10.83 -31.64
N GLN C 28 24.90 -10.57 -32.94
CA GLN C 28 24.78 -9.22 -33.43
C GLN C 28 23.32 -8.89 -33.75
N LEU C 29 22.63 -8.34 -32.74
CA LEU C 29 21.26 -7.86 -32.93
C LEU C 29 21.34 -6.57 -33.75
N THR C 30 20.20 -6.11 -34.26
CA THR C 30 20.19 -4.85 -35.00
C THR C 30 20.18 -3.71 -34.00
N GLU C 31 20.66 -2.56 -34.44
CA GLU C 31 20.64 -1.37 -33.61
C GLU C 31 19.21 -1.07 -33.12
N ASN C 32 18.24 -1.18 -34.01
CA ASN C 32 16.86 -0.88 -33.63
C ASN C 32 16.32 -1.85 -32.59
N GLU C 33 16.71 -3.12 -32.68
CA GLU C 33 16.33 -4.09 -31.66
C GLU C 33 16.90 -3.65 -30.31
N ILE C 34 18.17 -3.27 -30.29
CA ILE C 34 18.81 -2.90 -29.03
C ILE C 34 18.20 -1.61 -28.46
N ARG C 35 17.94 -0.64 -29.32
CA ARG C 35 17.32 0.61 -28.87
C ARG C 35 15.93 0.31 -28.27
N GLY C 36 15.19 -0.59 -28.91
CA GLY C 36 13.90 -1.02 -28.37
C GLY C 36 14.01 -1.60 -26.97
N LEU C 37 15.01 -2.45 -26.74
CA LEU C 37 15.23 -3.02 -25.40
C LEU C 37 15.50 -1.93 -24.37
N CYS C 38 16.31 -0.95 -24.74
CA CYS C 38 16.69 0.13 -23.83
C CYS C 38 15.48 1.00 -23.52
N LEU C 39 14.71 1.34 -24.54
CA LEU C 39 13.60 2.27 -24.35
C LEU C 39 12.48 1.61 -23.54
N LYS C 40 12.13 0.36 -23.85
CA LYS C 40 11.09 -0.32 -23.10
C LYS C 40 11.53 -0.66 -21.66
N SER C 41 12.75 -1.15 -21.48
CA SER C 41 13.21 -1.45 -20.12
C SER C 41 13.27 -0.16 -19.26
N ARG C 42 13.68 0.94 -19.85
CA ARG C 42 13.76 2.22 -19.14
C ARG C 42 12.39 2.64 -18.60
N GLU C 43 11.37 2.45 -19.42
CA GLU C 43 9.99 2.74 -19.03
CA GLU C 43 10.00 2.76 -19.02
C GLU C 43 9.57 1.85 -17.86
N ILE C 44 9.97 0.59 -17.91
CA ILE C 44 9.64 -0.33 -16.81
C ILE C 44 10.40 0.07 -15.54
N PHE C 45 11.69 0.38 -15.64
CA PHE C 45 12.46 0.79 -14.46
C PHE C 45 11.81 1.99 -13.78
N LEU C 46 11.44 2.99 -14.56
CA LEU C 46 10.82 4.19 -14.01
C LEU C 46 9.43 3.93 -13.44
N SER C 47 8.69 2.95 -13.96
CA SER C 47 7.36 2.65 -13.41
C SER C 47 7.40 1.84 -12.11
N GLN C 48 8.56 1.27 -11.80
CA GLN C 48 8.74 0.47 -10.58
C GLN C 48 9.56 1.28 -9.59
N PRO C 49 9.47 0.95 -8.30
CA PRO C 49 10.14 1.77 -7.27
C PRO C 49 11.66 1.73 -7.38
N ILE C 50 12.32 2.80 -6.93
CA ILE C 50 13.79 2.87 -6.94
C ILE C 50 14.38 1.99 -5.82
N LEU C 51 13.60 1.76 -4.78
CA LEU C 51 13.92 0.77 -3.73
C LEU C 51 12.93 -0.36 -3.87
N LEU C 52 13.36 -1.47 -4.46
CA LEU C 52 12.45 -2.57 -4.72
C LEU C 52 12.09 -3.34 -3.45
N GLU C 53 10.85 -3.83 -3.40
CA GLU C 53 10.43 -4.69 -2.30
C GLU C 53 9.97 -6.03 -2.89
N LEU C 54 10.80 -7.04 -2.69
CA LEU C 54 10.65 -8.33 -3.34
C LEU C 54 10.39 -9.43 -2.33
N GLU C 55 9.86 -10.55 -2.80
CA GLU C 55 9.62 -11.69 -1.92
C GLU C 55 10.35 -12.92 -2.41
N ALA C 56 10.85 -13.73 -1.50
CA ALA C 56 11.44 -15.01 -1.87
C ALA C 56 10.32 -15.90 -2.41
N PRO C 57 10.64 -16.96 -3.17
CA PRO C 57 12.01 -17.41 -3.51
C PRO C 57 12.61 -16.57 -4.63
N LEU C 58 13.94 -16.45 -4.62
CA LEU C 58 14.63 -15.51 -5.49
C LEU C 58 16.11 -15.93 -5.54
N LYS C 59 16.73 -15.76 -6.70
CA LYS C 59 18.15 -16.03 -6.84
C LYS C 59 18.85 -14.72 -7.18
N ILE C 60 19.95 -14.48 -6.48
CA ILE C 60 20.61 -13.20 -6.51
C ILE C 60 22.02 -13.38 -7.06
N CYS C 61 22.38 -12.58 -8.06
CA CYS C 61 23.71 -12.61 -8.66
C CYS C 61 24.44 -11.30 -8.50
N GLY C 62 25.76 -11.39 -8.32
CA GLY C 62 26.61 -10.23 -8.26
C GLY C 62 27.17 -9.93 -9.64
N ASP C 63 28.32 -9.26 -9.68
CA ASP C 63 28.89 -8.74 -10.93
C ASP C 63 29.01 -9.78 -12.04
N ILE C 64 28.64 -9.39 -13.25
CA ILE C 64 28.83 -10.24 -14.43
C ILE C 64 29.91 -9.69 -15.37
N HIS C 65 30.00 -8.36 -15.48
CA HIS C 65 31.03 -7.74 -16.29
C HIS C 65 31.23 -8.38 -17.68
N GLY C 66 30.15 -8.48 -18.45
CA GLY C 66 30.22 -8.92 -19.82
C GLY C 66 30.66 -10.35 -20.05
N GLN C 67 30.72 -11.17 -19.00
CA GLN C 67 31.05 -12.58 -19.16
C GLN C 67 29.79 -13.34 -19.50
N TYR C 68 29.39 -13.21 -20.75
CA TYR C 68 28.09 -13.70 -21.19
C TYR C 68 27.92 -15.22 -21.02
N TYR C 69 28.96 -15.98 -21.30
CA TYR C 69 28.84 -17.44 -21.23
C TYR C 69 28.76 -17.95 -19.80
N ASP C 70 29.34 -17.21 -18.87
CA ASP C 70 29.15 -17.50 -17.46
C ASP C 70 27.72 -17.19 -17.01
N LEU C 71 27.17 -16.07 -17.49
CA LEU C 71 25.77 -15.77 -17.23
C LEU C 71 24.89 -16.94 -17.70
N LEU C 72 25.12 -17.42 -18.91
CA LEU C 72 24.35 -18.55 -19.43
C LEU C 72 24.50 -19.81 -18.55
N ARG C 73 25.70 -20.04 -18.03
CA ARG C 73 25.90 -21.19 -17.13
C ARG C 73 25.11 -21.02 -15.82
N LEU C 74 25.02 -19.79 -15.31
CA LEU C 74 24.28 -19.54 -14.08
C LEU C 74 22.80 -19.78 -14.35
N PHE C 75 22.28 -19.28 -15.47
CA PHE C 75 20.88 -19.49 -15.82
C PHE C 75 20.60 -20.97 -16.04
N GLU C 76 21.54 -21.67 -16.68
CA GLU C 76 21.34 -23.08 -17.01
C GLU C 76 21.14 -23.89 -15.72
N TYR C 77 21.93 -23.56 -14.71
CA TYR C 77 21.88 -24.27 -13.44
C TYR C 77 20.73 -23.78 -12.58
N GLY C 78 20.54 -22.47 -12.51
CA GLY C 78 19.49 -21.91 -11.67
C GLY C 78 18.10 -22.06 -12.25
N GLY C 79 18.02 -22.30 -13.55
CA GLY C 79 16.74 -22.29 -14.25
C GLY C 79 16.55 -20.97 -14.98
N PHE C 80 16.36 -21.04 -16.30
CA PHE C 80 16.19 -19.84 -17.09
C PHE C 80 14.88 -19.15 -16.73
N PRO C 81 14.87 -17.82 -16.72
CA PRO C 81 13.60 -17.13 -16.52
C PRO C 81 12.53 -17.68 -17.46
N PRO C 82 11.29 -17.85 -16.98
CA PRO C 82 10.74 -17.51 -15.66
C PRO C 82 10.70 -18.68 -14.70
N GLU C 83 11.48 -19.73 -14.91
CA GLU C 83 11.54 -20.88 -13.99
C GLU C 83 11.89 -20.46 -12.57
N SER C 84 12.83 -19.51 -12.48
CA SER C 84 13.23 -18.94 -11.21
C SER C 84 13.19 -17.44 -11.31
N ASN C 85 12.98 -16.77 -10.18
CA ASN C 85 13.06 -15.31 -10.11
C ASN C 85 14.50 -14.86 -9.86
N TYR C 86 14.88 -13.71 -10.42
CA TYR C 86 16.26 -13.27 -10.28
C TYR C 86 16.33 -11.83 -9.83
N LEU C 87 17.38 -11.53 -9.08
CA LEU C 87 17.77 -10.17 -8.76
C LEU C 87 19.27 -10.08 -9.04
N PHE C 88 19.66 -9.18 -9.93
CA PHE C 88 21.07 -8.92 -10.20
C PHE C 88 21.50 -7.64 -9.50
N LEU C 89 22.72 -7.63 -8.96
CA LEU C 89 23.17 -6.52 -8.14
C LEU C 89 23.97 -5.46 -8.91
N GLY C 90 23.99 -5.54 -10.25
CA GLY C 90 24.66 -4.51 -11.07
C GLY C 90 25.97 -4.95 -11.71
N ASP C 91 26.65 -4.01 -12.37
CA ASP C 91 27.92 -4.28 -13.07
C ASP C 91 27.78 -5.37 -14.11
N TYR C 92 26.93 -5.09 -15.09
CA TYR C 92 26.66 -5.96 -16.23
C TYR C 92 27.69 -5.78 -17.32
N VAL C 93 28.27 -4.59 -17.40
CA VAL C 93 29.14 -4.26 -18.53
C VAL C 93 30.57 -3.97 -18.06
N ASP C 94 31.48 -3.81 -19.03
CA ASP C 94 32.91 -3.53 -18.79
C ASP C 94 33.72 -4.79 -18.46
N ARG C 95 34.99 -4.77 -18.87
CA ARG C 95 35.98 -5.81 -18.53
C ARG C 95 35.87 -7.07 -19.38
N GLY C 96 34.68 -7.69 -19.40
CA GLY C 96 34.48 -8.89 -20.18
C GLY C 96 34.40 -8.59 -21.67
N LYS C 97 34.27 -9.64 -22.47
CA LYS C 97 34.29 -9.52 -23.93
C LYS C 97 32.91 -9.35 -24.54
N GLN C 98 31.85 -9.67 -23.78
CA GLN C 98 30.50 -9.62 -24.35
C GLN C 98 29.52 -8.87 -23.47
N SER C 99 29.80 -7.60 -23.22
CA SER C 99 28.90 -6.74 -22.47
C SER C 99 27.57 -6.56 -23.21
N LEU C 100 27.63 -6.44 -24.53
CA LEU C 100 26.40 -6.20 -25.29
C LEU C 100 25.40 -7.36 -25.14
N GLU C 101 25.83 -8.59 -25.43
CA GLU C 101 24.96 -9.76 -25.26
C GLU C 101 24.45 -9.87 -23.82
N THR C 102 25.33 -9.60 -22.85
CA THR C 102 24.95 -9.69 -21.45
C THR C 102 23.83 -8.74 -21.13
N ILE C 103 24.02 -7.45 -21.41
CA ILE C 103 23.01 -6.47 -21.01
C ILE C 103 21.73 -6.66 -21.84
N CYS C 104 21.85 -7.06 -23.11
CA CYS C 104 20.68 -7.22 -23.96
C CYS C 104 19.82 -8.41 -23.47
N LEU C 105 20.44 -9.52 -23.07
CA LEU C 105 19.65 -10.64 -22.57
C LEU C 105 18.98 -10.25 -21.25
N LEU C 106 19.70 -9.58 -20.36
CA LEU C 106 19.10 -9.14 -19.10
C LEU C 106 17.95 -8.15 -19.32
N LEU C 107 18.12 -7.19 -20.22
CA LEU C 107 17.05 -6.24 -20.47
C LEU C 107 15.86 -6.94 -21.10
N ALA C 108 16.12 -7.93 -21.96
CA ALA C 108 15.02 -8.66 -22.60
C ALA C 108 14.17 -9.35 -21.54
N TYR C 109 14.81 -9.99 -20.56
CA TYR C 109 14.09 -10.71 -19.52
C TYR C 109 13.36 -9.73 -18.60
N LYS C 110 13.93 -8.55 -18.36
CA LYS C 110 13.22 -7.55 -17.57
C LYS C 110 11.90 -7.20 -18.27
N ILE C 111 11.95 -7.10 -19.59
CA ILE C 111 10.76 -6.68 -20.35
C ILE C 111 9.74 -7.80 -20.44
N LYS C 112 10.21 -9.04 -20.63
CA LYS C 112 9.29 -10.17 -20.79
C LYS C 112 8.65 -10.61 -19.48
N TYR C 113 9.37 -10.47 -18.37
CA TYR C 113 8.90 -10.94 -17.06
C TYR C 113 9.11 -9.88 -15.99
N PRO C 114 8.42 -8.75 -16.13
CA PRO C 114 8.73 -7.57 -15.31
C PRO C 114 8.51 -7.72 -13.82
N GLU C 115 7.71 -8.70 -13.39
CA GLU C 115 7.43 -8.90 -11.96
C GLU C 115 8.28 -10.02 -11.38
N ASN C 116 9.08 -10.68 -12.21
CA ASN C 116 9.86 -11.83 -11.74
C ASN C 116 11.35 -11.74 -12.04
N PHE C 117 11.80 -10.59 -12.51
CA PHE C 117 13.19 -10.44 -12.95
C PHE C 117 13.62 -9.00 -12.64
N PHE C 118 14.70 -8.84 -11.89
CA PHE C 118 15.07 -7.50 -11.40
C PHE C 118 16.55 -7.19 -11.55
N LEU C 119 16.85 -5.94 -11.89
CA LEU C 119 18.21 -5.47 -12.14
C LEU C 119 18.48 -4.23 -11.30
N LEU C 120 19.54 -4.26 -10.48
CA LEU C 120 19.99 -3.04 -9.77
C LEU C 120 21.14 -2.37 -10.53
N ARG C 121 21.39 -1.11 -10.19
CA ARG C 121 22.45 -0.36 -10.84
C ARG C 121 23.76 -0.64 -10.16
N GLY C 122 24.79 -0.87 -10.97
CA GLY C 122 26.14 -1.01 -10.44
C GLY C 122 26.93 0.23 -10.79
N ASN C 123 28.13 0.37 -10.22
CA ASN C 123 28.91 1.58 -10.46
C ASN C 123 29.42 1.63 -11.90
N HIS C 124 29.40 0.50 -12.61
CA HIS C 124 29.79 0.50 -14.03
C HIS C 124 28.61 0.86 -14.95
N GLU C 125 27.39 0.91 -14.41
CA GLU C 125 26.26 1.40 -15.19
C GLU C 125 26.22 2.91 -15.12
N CYS C 126 27.27 3.52 -15.66
CA CYS C 126 27.58 4.93 -15.47
C CYS C 126 28.56 5.36 -16.56
N ALA C 127 28.23 6.39 -17.35
CA ALA C 127 29.02 6.76 -18.51
C ALA C 127 30.46 7.08 -18.15
N SER C 128 30.71 7.74 -17.03
CA SER C 128 32.08 8.14 -16.73
C SER C 128 32.97 6.94 -16.35
N ILE C 129 32.35 5.83 -15.94
CA ILE C 129 33.12 4.64 -15.65
C ILE C 129 33.25 3.75 -16.90
N ASN C 130 32.14 3.50 -17.59
CA ASN C 130 32.18 2.54 -18.69
C ASN C 130 32.74 3.13 -20.00
N ARG C 131 32.96 4.45 -20.01
CA ARG C 131 33.73 5.13 -21.06
C ARG C 131 35.13 4.54 -21.13
N ILE C 132 35.64 4.13 -19.97
CA ILE C 132 37.04 3.76 -19.80
C ILE C 132 37.26 2.24 -19.75
N TYR C 133 36.33 1.51 -19.15
CA TYR C 133 36.58 0.11 -18.87
C TYR C 133 35.97 -0.90 -19.84
N GLY C 134 35.61 -0.45 -21.04
CA GLY C 134 35.30 -1.37 -22.13
C GLY C 134 33.98 -1.14 -22.87
N PHE C 135 32.94 -0.68 -22.17
CA PHE C 135 31.61 -0.66 -22.79
C PHE C 135 31.49 0.38 -23.90
N TYR C 136 32.00 1.57 -23.67
CA TYR C 136 32.07 2.59 -24.71
C TYR C 136 32.76 2.03 -25.96
N ASP C 137 33.94 1.41 -25.80
CA ASP C 137 34.70 0.88 -26.94
C ASP C 137 33.91 -0.20 -27.67
N GLU C 138 33.27 -1.07 -26.90
CA GLU C 138 32.50 -2.17 -27.47
C GLU C 138 31.34 -1.62 -28.32
N CYS C 139 30.63 -0.61 -27.80
CA CYS C 139 29.51 0.01 -28.53
C CYS C 139 30.00 0.69 -29.81
N LYS C 140 31.12 1.39 -29.71
CA LYS C 140 31.67 2.10 -30.86
C LYS C 140 32.15 1.14 -31.94
N ARG C 141 32.75 0.01 -31.52
CA ARG C 141 33.26 -0.96 -32.49
C ARG C 141 32.14 -1.74 -33.18
N ARG C 142 31.13 -2.14 -32.42
CA ARG C 142 30.10 -3.04 -32.95
C ARG C 142 28.81 -2.33 -33.36
N TYR C 143 28.62 -1.12 -32.87
CA TYR C 143 27.46 -0.32 -33.27
C TYR C 143 27.91 1.11 -33.54
N ASN C 144 27.46 2.06 -32.72
CA ASN C 144 27.96 3.42 -32.84
C ASN C 144 27.84 4.10 -31.50
N ILE C 145 28.41 5.30 -31.40
CA ILE C 145 28.49 6.02 -30.14
C ILE C 145 27.08 6.45 -29.68
N LYS C 146 26.15 6.62 -30.60
CA LYS C 146 24.80 7.03 -30.23
C LYS C 146 24.11 5.93 -29.43
N LEU C 147 24.39 4.67 -29.77
CA LEU C 147 23.81 3.57 -29.02
C LEU C 147 24.37 3.53 -27.58
N TRP C 148 25.63 3.87 -27.41
CA TRP C 148 26.22 3.96 -26.08
C TRP C 148 25.44 4.97 -25.24
N LYS C 149 25.10 6.11 -25.83
CA LYS C 149 24.29 7.10 -25.12
C LYS C 149 22.89 6.55 -24.80
N THR C 150 22.29 5.81 -25.73
CA THR C 150 21.00 5.19 -25.47
C THR C 150 21.09 4.25 -24.27
N PHE C 151 22.16 3.47 -24.17
CA PHE C 151 22.35 2.61 -22.99
C PHE C 151 22.46 3.43 -21.70
N THR C 152 23.25 4.50 -21.76
CA THR C 152 23.45 5.38 -20.62
C THR C 152 22.12 5.93 -20.11
N ASP C 153 21.26 6.36 -21.03
CA ASP C 153 19.95 6.88 -20.62
C ASP C 153 19.07 5.80 -19.97
N CYS C 154 19.20 4.56 -20.45
CA CYS C 154 18.55 3.44 -19.80
C CYS C 154 19.15 3.17 -18.40
N PHE C 155 20.48 3.04 -18.32
CA PHE C 155 21.15 2.84 -17.03
C PHE C 155 20.77 3.91 -16.02
N ASN C 156 20.58 5.14 -16.49
CA ASN C 156 20.35 6.25 -15.58
C ASN C 156 19.01 6.09 -14.84
N CYS C 157 18.20 5.12 -15.29
CA CYS C 157 16.88 4.87 -14.69
C CYS C 157 16.81 3.61 -13.83
N LEU C 158 17.91 2.87 -13.71
CA LEU C 158 17.90 1.63 -12.92
C LEU C 158 17.58 1.87 -11.44
N PRO C 159 16.87 0.93 -10.80
CA PRO C 159 16.68 1.02 -9.35
C PRO C 159 18.02 0.81 -8.63
N ILE C 160 18.10 1.23 -7.38
CA ILE C 160 19.36 1.34 -6.67
C ILE C 160 19.50 0.31 -5.53
N ALA C 161 18.40 -0.14 -4.97
CA ALA C 161 18.49 -1.08 -3.84
C ALA C 161 17.24 -1.94 -3.79
N ALA C 162 17.31 -3.03 -3.04
CA ALA C 162 16.15 -3.87 -2.86
C ALA C 162 16.11 -4.46 -1.46
N ILE C 163 14.91 -4.65 -0.94
CA ILE C 163 14.74 -5.40 0.30
C ILE C 163 13.92 -6.64 -0.01
N VAL C 164 14.47 -7.79 0.35
CA VAL C 164 13.80 -9.07 0.14
C VAL C 164 13.14 -9.50 1.45
N ASP C 165 11.81 -9.61 1.42
CA ASP C 165 11.01 -10.01 2.59
C ASP C 165 11.31 -9.22 3.84
N GLU C 166 11.50 -7.92 3.69
CA GLU C 166 11.84 -7.06 4.81
C GLU C 166 13.01 -7.58 5.67
N LYS C 167 13.88 -8.43 5.12
CA LYS C 167 14.97 -8.97 5.93
C LYS C 167 16.35 -8.93 5.29
N ILE C 168 16.40 -8.86 3.96
CA ILE C 168 17.68 -8.79 3.26
C ILE C 168 17.76 -7.51 2.45
N PHE C 169 18.69 -6.63 2.82
CA PHE C 169 18.91 -5.39 2.11
C PHE C 169 19.99 -5.62 1.02
N CYS C 170 19.65 -5.33 -0.23
CA CYS C 170 20.56 -5.57 -1.35
C CYS C 170 20.93 -4.27 -2.07
N CYS C 171 22.20 -4.09 -2.39
CA CYS C 171 22.66 -2.99 -3.23
C CYS C 171 24.01 -3.40 -3.80
N HIS C 172 24.50 -2.66 -4.78
CA HIS C 172 25.75 -3.02 -5.41
C HIS C 172 26.95 -2.82 -4.46
N GLY C 173 27.11 -1.59 -3.96
CA GLY C 173 28.28 -1.24 -3.15
C GLY C 173 28.11 -1.54 -1.67
N GLY C 174 27.48 -0.63 -0.94
CA GLY C 174 27.28 -0.84 0.48
C GLY C 174 26.56 0.30 1.16
N LEU C 175 26.83 0.47 2.45
CA LEU C 175 26.10 1.43 3.24
C LEU C 175 26.69 2.81 3.05
N SER C 176 26.01 3.81 3.60
CA SER C 176 26.41 5.20 3.47
C SER C 176 26.32 5.85 4.86
N PRO C 177 27.27 6.74 5.20
CA PRO C 177 27.08 7.48 6.47
C PRO C 177 25.84 8.39 6.43
N ASP C 178 25.32 8.69 5.25
CA ASP C 178 24.11 9.53 5.15
C ASP C 178 22.80 8.72 5.18
N LEU C 179 22.87 7.40 5.25
CA LEU C 179 21.65 6.59 5.16
C LEU C 179 21.06 6.35 6.56
N GLN C 180 20.06 7.16 6.92
CA GLN C 180 19.38 7.03 8.22
C GLN C 180 18.05 6.31 8.10
N SER C 181 17.36 6.51 6.98
CA SER C 181 16.08 5.83 6.76
C SER C 181 15.87 5.46 5.29
N MET C 182 15.07 4.42 5.07
CA MET C 182 14.85 3.90 3.74
C MET C 182 14.21 4.97 2.86
N GLU C 183 13.46 5.88 3.47
CA GLU C 183 12.80 6.91 2.70
C GLU C 183 13.83 7.78 1.94
N GLN C 184 15.04 7.89 2.48
CA GLN C 184 16.07 8.65 1.78
C GLN C 184 16.41 8.02 0.42
N ILE C 185 16.43 6.69 0.37
CA ILE C 185 16.61 5.99 -0.90
C ILE C 185 15.43 6.27 -1.83
N ARG C 186 14.21 6.22 -1.32
CA ARG C 186 13.04 6.40 -2.18
C ARG C 186 12.98 7.82 -2.77
N ARG C 187 13.69 8.78 -2.16
CA ARG C 187 13.69 10.17 -2.64
C ARG C 187 14.80 10.48 -3.64
N ILE C 188 15.69 9.53 -3.90
CA ILE C 188 16.69 9.70 -4.96
C ILE C 188 15.94 9.88 -6.28
N MET C 189 16.29 10.91 -7.04
CA MET C 189 15.55 11.18 -8.28
C MET C 189 16.17 10.56 -9.52
N ARG C 190 15.32 10.11 -10.42
CA ARG C 190 15.70 9.51 -11.69
C ARG C 190 14.97 10.22 -12.84
N PRO C 191 15.56 10.24 -14.04
CA PRO C 191 16.89 9.71 -14.37
C PRO C 191 18.02 10.50 -13.71
N THR C 192 19.15 9.84 -13.48
CA THR C 192 20.30 10.50 -12.86
C THR C 192 21.59 9.80 -13.22
N ASP C 193 22.64 10.58 -13.30
CA ASP C 193 24.00 10.05 -13.33
C ASP C 193 24.46 9.77 -11.91
N VAL C 194 25.59 9.08 -11.76
CA VAL C 194 26.16 8.80 -10.46
C VAL C 194 27.17 9.89 -10.10
N PRO C 195 26.87 10.68 -9.05
CA PRO C 195 27.74 11.78 -8.59
C PRO C 195 28.94 11.23 -7.84
N ASP C 196 29.97 12.05 -7.56
CA ASP C 196 31.16 11.54 -6.88
C ASP C 196 31.04 11.61 -5.36
N GLN C 197 29.84 11.91 -4.86
CA GLN C 197 29.58 11.90 -3.43
C GLN C 197 28.08 11.90 -3.15
N GLY C 198 27.70 11.52 -1.93
CA GLY C 198 26.30 11.45 -1.56
C GLY C 198 25.79 10.03 -1.44
N LEU C 199 24.52 9.93 -1.13
CA LEU C 199 23.93 8.64 -0.80
C LEU C 199 23.94 7.68 -1.98
N LEU C 200 23.51 8.15 -3.15
CA LEU C 200 23.47 7.34 -4.36
C LEU C 200 24.88 6.77 -4.63
N CYS C 201 25.87 7.63 -4.56
CA CYS C 201 27.26 7.23 -4.79
C CYS C 201 27.68 6.10 -3.85
N ASP C 202 27.46 6.27 -2.55
CA ASP C 202 27.88 5.28 -1.56
C ASP C 202 27.21 3.92 -1.79
N LEU C 203 25.91 3.94 -2.09
CA LEU C 203 25.18 2.69 -2.31
C LEU C 203 25.81 1.93 -3.47
N LEU C 204 26.44 2.66 -4.40
CA LEU C 204 27.06 2.02 -5.56
C LEU C 204 28.56 1.77 -5.40
N TRP C 205 29.20 2.46 -4.46
CA TRP C 205 30.67 2.46 -4.44
C TRP C 205 31.33 2.00 -3.12
N SER C 206 30.61 2.05 -2.00
CA SER C 206 31.26 1.79 -0.70
C SER C 206 31.64 0.31 -0.52
N ASP C 207 32.57 0.02 0.41
CA ASP C 207 33.00 -1.36 0.69
C ASP C 207 33.06 -1.63 2.20
N PRO C 208 32.79 -2.87 2.61
CA PRO C 208 33.12 -3.23 3.99
C PRO C 208 34.63 -3.37 4.17
N ASP C 209 35.11 -3.24 5.40
CA ASP C 209 36.55 -3.39 5.70
C ASP C 209 36.74 -3.89 7.14
N LYS C 210 37.53 -4.96 7.29
CA LYS C 210 37.77 -5.58 8.59
C LYS C 210 38.58 -4.72 9.53
N ASP C 211 39.37 -3.82 8.96
CA ASP C 211 40.32 -3.05 9.77
C ASP C 211 39.79 -1.68 10.17
N VAL C 212 38.61 -1.32 9.68
CA VAL C 212 38.05 -0.01 9.98
C VAL C 212 37.05 -0.10 11.14
N GLN C 213 37.07 0.91 11.99
CA GLN C 213 36.10 1.06 13.06
C GLN C 213 35.24 2.26 12.70
N GLY C 214 33.95 2.02 12.48
CA GLY C 214 33.06 3.07 12.01
C GLY C 214 33.23 3.23 10.51
N TRP C 215 33.57 4.44 10.08
CA TRP C 215 33.69 4.79 8.67
C TRP C 215 35.13 5.17 8.32
N GLY C 216 35.58 4.74 7.14
CA GLY C 216 36.93 5.04 6.69
C GLY C 216 36.96 5.61 5.28
N GLU C 217 38.15 6.01 4.84
CA GLU C 217 38.34 6.45 3.47
C GLU C 217 38.53 5.25 2.57
N ASN C 218 37.99 5.31 1.36
CA ASN C 218 38.03 4.16 0.47
C ASN C 218 39.18 4.32 -0.52
N ASP C 219 40.00 3.28 -0.64
CA ASP C 219 41.17 3.30 -1.53
C ASP C 219 40.81 3.59 -2.98
N ARG C 220 39.56 3.31 -3.36
CA ARG C 220 39.13 3.53 -4.74
C ARG C 220 39.17 5.01 -5.09
N GLY C 221 39.20 5.87 -4.07
CA GLY C 221 39.28 7.30 -4.33
C GLY C 221 37.91 7.97 -4.32
N VAL C 222 36.87 7.20 -4.03
CA VAL C 222 35.55 7.79 -3.89
C VAL C 222 34.84 7.03 -2.78
N SER C 223 33.87 7.68 -2.15
CA SER C 223 33.05 7.02 -1.13
C SER C 223 33.83 6.55 0.12
N PHE C 224 33.32 5.51 0.79
CA PHE C 224 33.79 5.13 2.12
C PHE C 224 33.98 3.62 2.29
N THR C 225 34.65 3.25 3.39
CA THR C 225 34.64 1.88 3.86
C THR C 225 33.85 1.88 5.17
N PHE C 226 33.29 0.75 5.55
CA PHE C 226 32.54 0.68 6.80
C PHE C 226 32.87 -0.61 7.55
N GLY C 227 32.93 -0.53 8.87
CA GLY C 227 33.29 -1.69 9.69
C GLY C 227 32.12 -2.56 10.08
N ALA C 228 32.43 -3.64 10.80
CA ALA C 228 31.42 -4.61 11.21
C ALA C 228 30.39 -3.99 12.16
N GLU C 229 30.83 -3.08 12.99
CA GLU C 229 29.94 -2.39 13.93
C GLU C 229 28.83 -1.65 13.18
N VAL C 230 29.22 -0.95 12.11
CA VAL C 230 28.26 -0.20 11.32
C VAL C 230 27.20 -1.13 10.76
N VAL C 231 27.62 -2.28 10.28
CA VAL C 231 26.68 -3.26 9.78
C VAL C 231 25.73 -3.74 10.89
N ALA C 232 26.26 -4.00 12.08
CA ALA C 232 25.42 -4.48 13.17
C ALA C 232 24.37 -3.44 13.60
N LYS C 233 24.80 -2.18 13.73
CA LYS C 233 23.88 -1.08 14.06
C LYS C 233 22.84 -0.88 12.96
N PHE C 234 23.28 -0.97 11.70
CA PHE C 234 22.36 -0.78 10.61
C PHE C 234 21.28 -1.87 10.60
N LEU C 235 21.69 -3.14 10.70
CA LEU C 235 20.73 -4.23 10.72
C LEU C 235 19.78 -4.16 11.91
N HIS C 236 20.31 -3.77 13.07
CA HIS C 236 19.49 -3.68 14.28
C HIS C 236 18.46 -2.57 14.15
N LYS C 237 18.88 -1.41 13.66
CA LYS C 237 17.98 -0.27 13.54
C LYS C 237 16.82 -0.52 12.59
N HIS C 238 17.08 -1.18 11.46
CA HIS C 238 16.05 -1.37 10.42
C HIS C 238 15.44 -2.76 10.49
N ASP C 239 15.79 -3.50 11.53
CA ASP C 239 15.22 -4.83 11.76
C ASP C 239 15.43 -5.75 10.57
N LEU C 240 16.66 -5.76 10.05
CA LEU C 240 17.03 -6.61 8.93
C LEU C 240 17.95 -7.73 9.42
N ASP C 241 18.09 -8.79 8.63
CA ASP C 241 18.97 -9.89 9.02
C ASP C 241 20.29 -9.88 8.26
N LEU C 242 20.29 -9.33 7.05
CA LEU C 242 21.43 -9.52 6.17
C LEU C 242 21.57 -8.39 5.17
N ILE C 243 22.80 -7.96 4.92
CA ILE C 243 23.10 -7.14 3.76
C ILE C 243 23.73 -8.04 2.71
N CYS C 244 23.18 -7.97 1.49
CA CYS C 244 23.71 -8.72 0.36
C CYS C 244 24.18 -7.72 -0.69
N ARG C 245 25.47 -7.72 -0.97
CA ARG C 245 26.08 -6.71 -1.86
C ARG C 245 27.09 -7.38 -2.77
N ALA C 246 27.71 -6.61 -3.67
CA ALA C 246 28.57 -7.19 -4.70
C ALA C 246 29.87 -6.37 -4.81
N HIS C 247 30.29 -6.01 -6.03
CA HIS C 247 31.27 -4.89 -6.20
C HIS C 247 32.74 -5.27 -5.92
N GLN C 248 32.98 -6.38 -5.24
CA GLN C 248 34.35 -6.78 -4.93
C GLN C 248 34.58 -8.23 -5.28
N VAL C 249 35.67 -8.50 -6.00
CA VAL C 249 36.01 -9.86 -6.37
C VAL C 249 36.37 -10.63 -5.11
N VAL C 250 35.78 -11.80 -4.95
CA VAL C 250 36.09 -12.65 -3.82
C VAL C 250 36.39 -14.06 -4.30
N GLU C 251 37.39 -14.67 -3.66
CA GLU C 251 37.96 -15.92 -4.11
C GLU C 251 36.95 -17.05 -4.31
N ASP C 252 36.01 -17.19 -3.38
CA ASP C 252 35.04 -18.27 -3.43
C ASP C 252 33.71 -17.89 -4.10
N GLY C 253 33.67 -16.73 -4.73
CA GLY C 253 32.43 -16.28 -5.36
C GLY C 253 31.52 -15.58 -4.37
N TYR C 254 31.47 -16.07 -3.13
CA TYR C 254 30.77 -15.35 -2.06
C TYR C 254 31.70 -15.24 -0.86
N GLU C 255 31.46 -14.24 -0.02
CA GLU C 255 32.30 -14.03 1.14
C GLU C 255 31.57 -13.29 2.26
N PHE C 256 31.56 -13.89 3.45
CA PHE C 256 30.88 -13.33 4.59
C PHE C 256 31.70 -12.26 5.26
N PHE C 257 31.02 -11.38 6.00
CA PHE C 257 31.65 -10.29 6.73
C PHE C 257 30.82 -10.01 7.97
N ALA C 258 31.49 -9.58 9.05
CA ALA C 258 30.79 -9.27 10.31
C ALA C 258 30.04 -10.49 10.77
N LYS C 259 30.77 -11.58 10.93
CA LYS C 259 30.19 -12.89 11.18
C LYS C 259 29.52 -13.33 9.89
N ARG C 260 28.21 -13.23 9.86
CA ARG C 260 27.42 -13.55 8.67
C ARG C 260 26.34 -12.49 8.50
N GLN C 261 26.64 -11.26 8.90
CA GLN C 261 25.65 -10.20 8.82
C GLN C 261 25.67 -9.51 7.45
N LEU C 262 26.73 -9.75 6.68
CA LEU C 262 26.85 -9.19 5.33
C LEU C 262 27.48 -10.26 4.45
N VAL C 263 27.07 -10.31 3.19
CA VAL C 263 27.72 -11.24 2.25
C VAL C 263 28.01 -10.48 0.97
N THR C 264 29.17 -10.77 0.38
CA THR C 264 29.52 -10.23 -0.92
C THR C 264 29.37 -11.32 -1.94
N LEU C 265 28.68 -11.01 -3.04
CA LEU C 265 28.53 -11.92 -4.17
C LEU C 265 29.23 -11.36 -5.40
N PHE C 266 29.98 -12.22 -6.08
CA PHE C 266 30.68 -11.85 -7.31
C PHE C 266 30.53 -13.03 -8.26
N SER C 267 29.91 -12.81 -9.41
CA SER C 267 29.41 -13.91 -10.24
C SER C 267 30.23 -14.18 -11.49
N ALA C 268 31.31 -13.44 -11.66
CA ALA C 268 32.13 -13.56 -12.86
C ALA C 268 33.41 -14.31 -12.51
N PRO C 269 33.47 -15.61 -12.86
CA PRO C 269 34.68 -16.37 -12.50
C PRO C 269 35.90 -15.97 -13.34
N ASN C 270 37.09 -16.16 -12.77
CA ASN C 270 38.32 -15.77 -13.44
C ASN C 270 38.22 -14.35 -13.96
N TYR C 271 37.77 -13.46 -13.08
CA TYR C 271 37.50 -12.08 -13.45
C TYR C 271 38.67 -11.45 -14.18
N CYS C 272 38.40 -10.81 -15.33
CA CYS C 272 39.44 -10.13 -16.12
C CYS C 272 40.51 -11.06 -16.68
N GLY C 273 40.38 -12.36 -16.42
CA GLY C 273 41.44 -13.30 -16.72
C GLY C 273 42.62 -13.12 -15.79
N GLU C 274 42.54 -12.13 -14.90
CA GLU C 274 43.64 -11.84 -13.99
C GLU C 274 43.51 -12.63 -12.70
N PHE C 275 42.27 -12.76 -12.21
CA PHE C 275 42.02 -13.43 -10.95
C PHE C 275 41.66 -14.89 -11.17
N ASP C 276 41.77 -15.68 -10.11
CA ASP C 276 41.42 -17.10 -10.18
C ASP C 276 40.25 -17.36 -9.24
N ASN C 277 39.34 -16.39 -9.17
CA ASN C 277 38.18 -16.48 -8.30
C ASN C 277 37.08 -17.35 -8.93
N ALA C 278 36.27 -17.96 -8.08
CA ALA C 278 35.03 -18.56 -8.52
C ALA C 278 34.00 -17.46 -8.62
N GLY C 279 32.89 -17.74 -9.30
CA GLY C 279 31.71 -16.90 -9.20
C GLY C 279 30.64 -17.61 -8.40
N ALA C 280 29.70 -16.86 -7.83
CA ALA C 280 28.61 -17.47 -7.08
C ALA C 280 27.32 -16.73 -7.24
N MET C 281 26.26 -17.46 -7.00
CA MET C 281 24.91 -16.97 -7.00
C MET C 281 24.35 -17.40 -5.65
N MET C 282 23.47 -16.60 -5.07
CA MET C 282 22.82 -16.98 -3.81
C MET C 282 21.32 -17.20 -4.01
N SER C 283 20.85 -18.41 -3.73
CA SER C 283 19.42 -18.72 -3.81
C SER C 283 18.77 -18.51 -2.45
N VAL C 284 17.62 -17.85 -2.45
CA VAL C 284 16.87 -17.62 -1.22
C VAL C 284 15.55 -18.37 -1.33
N ASP C 285 15.29 -19.37 -0.49
CA ASP C 285 13.98 -20.04 -0.60
C ASP C 285 12.90 -19.32 0.21
N GLU C 286 11.69 -19.86 0.23
CA GLU C 286 10.57 -19.12 0.80
C GLU C 286 10.67 -18.96 2.32
N THR C 287 11.54 -19.73 2.96
CA THR C 287 11.74 -19.60 4.39
C THR C 287 12.95 -18.71 4.68
N LEU C 288 13.48 -18.11 3.62
CA LEU C 288 14.67 -17.26 3.74
C LEU C 288 15.90 -18.06 4.14
N MET C 289 15.96 -19.33 3.74
CA MET C 289 17.21 -20.08 3.86
C MET C 289 18.03 -19.85 2.59
N CYS C 290 19.25 -19.37 2.78
CA CYS C 290 20.14 -19.00 1.68
C CYS C 290 21.16 -20.08 1.40
N SER C 291 21.40 -20.36 0.12
CA SER C 291 22.45 -21.30 -0.27
C SER C 291 23.19 -20.74 -1.46
N PHE C 292 24.43 -21.18 -1.67
CA PHE C 292 25.25 -20.63 -2.74
C PHE C 292 25.54 -21.65 -3.82
N GLN C 293 25.42 -21.23 -5.07
CA GLN C 293 25.74 -22.09 -6.18
C GLN C 293 27.00 -21.53 -6.84
N ILE C 294 27.99 -22.39 -7.05
CA ILE C 294 29.34 -21.92 -7.38
C ILE C 294 29.75 -22.30 -8.81
N LEU C 295 30.19 -21.31 -9.56
CA LEU C 295 30.88 -21.55 -10.82
C LEU C 295 32.36 -21.52 -10.53
N LYS C 296 33.01 -22.68 -10.51
CA LYS C 296 34.44 -22.73 -10.26
C LYS C 296 35.22 -22.13 -11.42
N PRO C 297 36.40 -21.56 -11.14
CA PRO C 297 37.29 -21.09 -12.21
C PRO C 297 37.78 -22.27 -13.04
N ALA C 298 38.01 -22.06 -14.33
CA ALA C 298 38.41 -23.15 -15.21
C ALA C 298 39.79 -23.66 -14.83
N ASP C 299 40.07 -24.90 -15.23
CA ASP C 299 41.39 -25.49 -15.03
C ASP C 299 42.40 -24.80 -15.96
N ALA D 2 12.63 15.41 -31.21
CA ALA D 2 13.81 14.57 -31.40
C ALA D 2 15.02 15.16 -30.67
N MET D 3 15.70 16.08 -31.34
CA MET D 3 16.83 16.77 -30.75
C MET D 3 16.35 17.56 -29.54
N GLU D 4 15.08 17.97 -29.58
CA GLU D 4 14.49 18.73 -28.50
C GLU D 4 14.32 17.87 -27.24
N GLU D 5 13.83 16.65 -27.41
CA GLU D 5 13.61 15.76 -26.28
C GLU D 5 14.94 15.30 -25.67
N GLU D 6 15.94 15.02 -26.50
CA GLU D 6 17.29 14.72 -26.00
C GLU D 6 17.76 15.82 -25.06
N THR D 7 17.64 17.06 -25.52
CA THR D 7 18.14 18.22 -24.80
C THR D 7 17.45 18.34 -23.45
N GLU D 8 16.14 18.18 -23.46
CA GLU D 8 15.36 18.26 -22.23
C GLU D 8 15.72 17.11 -21.27
N LEU D 9 15.93 15.92 -21.81
CA LEU D 9 16.28 14.76 -21.00
C LEU D 9 17.64 14.99 -20.32
N ASP D 10 18.60 15.50 -21.09
CA ASP D 10 19.94 15.83 -20.56
C ASP D 10 19.85 16.89 -19.44
N ASN D 11 19.04 17.93 -19.65
CA ASN D 11 18.82 18.96 -18.61
C ASN D 11 18.23 18.38 -17.32
N LEU D 12 17.21 17.56 -17.45
CA LEU D 12 16.55 17.00 -16.27
C LEU D 12 17.50 16.04 -15.57
N THR D 13 18.24 15.27 -16.36
CA THR D 13 19.22 14.35 -15.81
C THR D 13 20.29 15.14 -15.03
N GLU D 14 20.75 16.26 -15.60
CA GLU D 14 21.74 17.10 -14.91
C GLU D 14 21.18 17.64 -13.59
N PHE D 15 19.93 18.12 -13.60
CA PHE D 15 19.32 18.62 -12.38
C PHE D 15 19.23 17.54 -11.31
N ASN D 16 18.77 16.35 -11.71
CA ASN D 16 18.64 15.23 -10.77
C ASN D 16 19.99 14.80 -10.20
N THR D 17 21.00 14.73 -11.07
CA THR D 17 22.34 14.36 -10.65
C THR D 17 22.85 15.33 -9.61
N ALA D 18 22.78 16.64 -9.90
CA ALA D 18 23.23 17.64 -8.95
C ALA D 18 22.43 17.53 -7.64
N HIS D 19 21.13 17.29 -7.75
CA HIS D 19 20.29 17.11 -6.57
C HIS D 19 20.72 15.91 -5.71
N ASN D 20 21.02 14.78 -6.36
CA ASN D 20 21.43 13.56 -5.64
C ASN D 20 22.85 13.64 -5.06
N LYS D 21 23.62 14.62 -5.51
CA LYS D 21 24.99 14.80 -5.06
C LYS D 21 25.05 15.48 -3.68
N ARG D 22 24.04 16.29 -3.37
CA ARG D 22 23.96 16.97 -2.06
C ARG D 22 24.03 15.98 -0.90
N ILE D 23 24.74 16.35 0.16
CA ILE D 23 24.93 15.46 1.31
C ILE D 23 24.04 15.79 2.54
N SER D 24 23.43 14.74 3.09
CA SER D 24 23.00 14.65 4.50
C SER D 24 21.51 14.42 4.66
N SER D 45 9.93 -14.56 9.88
CA SER D 45 10.92 -15.07 8.94
C SER D 45 12.29 -14.46 9.22
N ARG D 46 13.26 -15.33 9.50
CA ARG D 46 14.62 -14.91 9.80
C ARG D 46 15.60 -15.72 8.94
N VAL D 47 16.63 -15.05 8.42
CA VAL D 47 17.53 -15.64 7.46
C VAL D 47 18.38 -16.72 8.10
N THR D 48 18.58 -17.82 7.38
CA THR D 48 19.52 -18.85 7.77
C THR D 48 20.33 -19.25 6.53
N PHE D 49 21.40 -20.01 6.75
CA PHE D 49 22.26 -20.43 5.67
C PHE D 49 22.40 -21.95 5.61
N SER D 50 22.22 -22.50 4.42
CA SER D 50 22.43 -23.91 4.18
C SER D 50 23.90 -24.24 4.44
N GLU D 51 24.20 -25.50 4.68
CA GLU D 51 25.58 -25.89 4.96
C GLU D 51 26.32 -26.39 3.71
N ASP D 52 25.59 -26.69 2.65
CA ASP D 52 26.20 -27.25 1.44
C ASP D 52 26.20 -26.27 0.27
N ASP D 53 27.40 -25.90 -0.17
CA ASP D 53 27.54 -25.11 -1.38
C ASP D 53 27.44 -26.06 -2.57
N GLU D 54 26.59 -25.74 -3.53
CA GLU D 54 26.49 -26.58 -4.72
C GLU D 54 27.51 -26.12 -5.75
N ILE D 55 28.29 -27.06 -6.27
CA ILE D 55 29.28 -26.75 -7.29
C ILE D 55 28.68 -27.01 -8.65
N ILE D 56 28.53 -25.96 -9.44
CA ILE D 56 27.85 -26.05 -10.73
C ILE D 56 28.66 -26.82 -11.77
N ASN D 57 29.96 -26.59 -11.82
CA ASN D 57 30.81 -27.21 -12.82
C ASN D 57 31.98 -27.97 -12.20
N PRO D 58 31.69 -29.06 -11.47
CA PRO D 58 32.75 -29.86 -10.83
C PRO D 58 33.65 -30.54 -11.86
N GLU D 59 33.13 -30.76 -13.07
CA GLU D 59 33.94 -31.33 -14.15
C GLU D 59 35.01 -30.34 -14.63
N ASP D 60 35.14 -29.22 -13.92
CA ASP D 60 36.18 -28.24 -14.19
C ASP D 60 36.47 -28.07 -15.68
N LEU E 6 9.90 15.85 -12.65
CA LEU E 6 9.42 17.21 -12.38
C LEU E 6 10.57 18.21 -12.42
N ASN E 7 10.41 19.30 -13.18
CA ASN E 7 11.51 20.27 -13.33
C ASN E 7 11.49 21.42 -12.34
N LEU E 8 11.97 21.12 -11.14
CA LEU E 8 11.99 22.02 -10.00
C LEU E 8 12.76 23.30 -10.25
N ASP E 9 14.00 23.18 -10.73
CA ASP E 9 14.83 24.38 -10.94
C ASP E 9 14.19 25.37 -11.93
N SER E 10 13.62 24.87 -13.02
CA SER E 10 12.88 25.74 -13.93
C SER E 10 11.67 26.39 -13.23
N ILE E 11 10.96 25.63 -12.42
CA ILE E 11 9.80 26.18 -11.70
C ILE E 11 10.24 27.25 -10.69
N ILE E 12 11.17 26.90 -9.81
CA ILE E 12 11.69 27.83 -8.82
C ILE E 12 12.30 29.05 -9.52
N GLY E 13 12.96 28.81 -10.64
CA GLY E 13 13.59 29.87 -11.40
C GLY E 13 12.56 30.89 -11.85
N ARG E 14 11.44 30.41 -12.38
CA ARG E 14 10.39 31.33 -12.83
C ARG E 14 9.69 32.02 -11.65
N LEU E 15 9.52 31.32 -10.53
CA LEU E 15 8.93 31.95 -9.35
C LEU E 15 9.79 33.08 -8.81
N LEU E 16 11.11 32.90 -8.87
CA LEU E 16 12.01 33.90 -8.26
C LEU E 16 12.32 35.06 -9.22
N GLU E 17 12.02 34.85 -10.48
CA GLU E 17 12.28 35.80 -11.56
C GLU E 17 11.70 37.17 -11.27
N VAL E 18 10.58 37.21 -10.58
CA VAL E 18 9.89 38.48 -10.34
C VAL E 18 10.39 39.19 -9.09
N GLN E 19 11.38 38.61 -8.42
CA GLN E 19 12.01 39.29 -7.29
C GLN E 19 12.60 40.59 -7.82
N GLY E 20 12.15 41.71 -7.28
CA GLY E 20 12.62 43.01 -7.74
C GLY E 20 11.70 43.68 -8.73
N SER E 21 10.82 42.91 -9.37
CA SER E 21 9.73 43.51 -10.13
C SER E 21 8.90 44.32 -9.16
N ARG E 22 7.94 45.07 -9.68
CA ARG E 22 7.08 45.86 -8.80
C ARG E 22 5.99 44.97 -8.21
N PRO E 23 5.93 44.92 -6.86
CA PRO E 23 5.04 44.04 -6.08
C PRO E 23 3.69 43.79 -6.73
N GLY E 24 3.35 42.52 -6.93
CA GLY E 24 2.07 42.15 -7.52
C GLY E 24 2.17 41.42 -8.85
N LYS E 25 3.33 41.51 -9.52
CA LYS E 25 3.52 40.83 -10.81
C LYS E 25 3.41 39.32 -10.65
N ASN E 26 2.47 38.72 -11.37
CA ASN E 26 2.17 37.30 -11.21
C ASN E 26 3.17 36.40 -11.90
N VAL E 27 3.28 35.17 -11.40
CA VAL E 27 3.97 34.12 -12.11
C VAL E 27 2.94 33.05 -12.43
N GLN E 28 2.72 32.79 -13.70
CA GLN E 28 1.70 31.83 -14.12
C GLN E 28 2.38 30.50 -14.51
N LEU E 29 2.51 29.58 -13.56
CA LEU E 29 3.03 28.25 -13.88
C LEU E 29 1.96 27.50 -14.69
N THR E 30 2.32 26.40 -15.34
CA THR E 30 1.32 25.57 -16.00
C THR E 30 0.55 24.79 -14.93
N GLU E 31 -0.66 24.41 -15.26
CA GLU E 31 -1.47 23.60 -14.37
C GLU E 31 -0.79 22.25 -14.02
N ASN E 32 -0.13 21.62 -15.01
CA ASN E 32 0.55 20.33 -14.79
C ASN E 32 1.73 20.48 -13.84
N GLU E 33 2.45 21.59 -13.97
CA GLU E 33 3.56 21.88 -13.07
C GLU E 33 3.04 21.99 -11.64
N ILE E 34 1.96 22.74 -11.44
CA ILE E 34 1.40 22.89 -10.12
C ILE E 34 0.87 21.56 -9.58
N ARG E 35 0.15 20.82 -10.42
CA ARG E 35 -0.28 19.48 -10.05
C ARG E 35 0.92 18.66 -9.59
N GLY E 36 2.04 18.75 -10.31
CA GLY E 36 3.22 17.98 -9.96
C GLY E 36 3.78 18.38 -8.60
N LEU E 37 3.86 19.68 -8.34
CA LEU E 37 4.26 20.20 -7.02
C LEU E 37 3.39 19.63 -5.90
N CYS E 38 2.08 19.60 -6.13
CA CYS E 38 1.14 19.13 -5.10
C CYS E 38 1.32 17.64 -4.81
N LEU E 39 1.45 16.85 -5.87
CA LEU E 39 1.54 15.41 -5.74
C LEU E 39 2.86 14.98 -5.10
N LYS E 40 3.96 15.59 -5.50
CA LYS E 40 5.26 15.21 -4.99
C LYS E 40 5.42 15.68 -3.54
N SER E 41 5.01 16.90 -3.24
CA SER E 41 5.12 17.38 -1.86
C SER E 41 4.23 16.54 -0.92
N ARG E 42 3.04 16.19 -1.40
CA ARG E 42 2.09 15.33 -0.68
C ARG E 42 2.73 14.01 -0.21
N GLU E 43 3.43 13.35 -1.12
CA GLU E 43 4.10 12.09 -0.80
C GLU E 43 5.11 12.30 0.30
N ILE E 44 5.84 13.40 0.21
CA ILE E 44 6.84 13.70 1.22
C ILE E 44 6.18 13.98 2.58
N PHE E 45 5.13 14.80 2.61
CA PHE E 45 4.43 15.09 3.87
C PHE E 45 4.01 13.79 4.56
N LEU E 46 3.47 12.84 3.79
CA LEU E 46 2.95 11.59 4.37
C LEU E 46 4.07 10.65 4.82
N SER E 47 5.24 10.77 4.21
CA SER E 47 6.36 9.92 4.56
C SER E 47 7.05 10.41 5.83
N GLN E 48 6.76 11.65 6.22
CA GLN E 48 7.33 12.22 7.45
C GLN E 48 6.31 12.26 8.61
N PRO E 49 6.80 12.30 9.86
CA PRO E 49 5.88 12.28 11.01
C PRO E 49 4.91 13.46 11.01
N ILE E 50 3.70 13.25 11.52
CA ILE E 50 2.72 14.32 11.59
C ILE E 50 3.12 15.28 12.71
N LEU E 51 3.89 14.76 13.67
CA LEU E 51 4.51 15.59 14.70
C LEU E 51 6.02 15.61 14.44
N LEU E 52 6.52 16.70 13.88
CA LEU E 52 7.93 16.75 13.47
C LEU E 52 8.81 16.91 14.69
N GLU E 53 9.98 16.28 14.64
CA GLU E 53 11.01 16.51 15.64
C GLU E 53 12.22 17.11 14.95
N LEU E 54 12.45 18.39 15.19
CA LEU E 54 13.43 19.16 14.45
C LEU E 54 14.56 19.64 15.36
N GLU E 55 15.66 20.04 14.73
CA GLU E 55 16.81 20.52 15.46
C GLU E 55 17.19 21.91 14.96
N ALA E 56 17.67 22.77 15.85
CA ALA E 56 18.17 24.08 15.45
C ALA E 56 19.58 23.88 14.90
N PRO E 57 20.10 24.90 14.17
CA PRO E 57 19.45 26.19 13.94
C PRO E 57 18.38 26.13 12.85
N LEU E 58 17.39 27.00 12.95
CA LEU E 58 16.38 27.14 11.91
C LEU E 58 15.61 28.44 12.11
N LYS E 59 14.88 28.84 11.08
CA LYS E 59 14.12 30.09 11.14
C LYS E 59 12.66 29.77 11.01
N ILE E 60 11.85 30.37 11.87
CA ILE E 60 10.43 30.08 11.92
C ILE E 60 9.61 31.29 11.49
N CYS E 61 8.66 31.09 10.57
CA CYS E 61 7.78 32.17 10.11
C CYS E 61 6.33 31.83 10.42
N GLY E 62 5.54 32.86 10.71
CA GLY E 62 4.11 32.73 10.92
C GLY E 62 3.36 33.03 9.63
N ASP E 63 2.12 33.48 9.74
CA ASP E 63 1.23 33.56 8.59
C ASP E 63 1.81 34.40 7.44
N ILE E 64 1.63 33.91 6.21
CA ILE E 64 2.00 34.66 5.02
C ILE E 64 0.75 35.16 4.25
N HIS E 65 -0.28 34.33 4.22
CA HIS E 65 -1.55 34.71 3.58
C HIS E 65 -1.35 35.37 2.21
N GLY E 66 -0.59 34.69 1.35
CA GLY E 66 -0.52 35.07 -0.04
C GLY E 66 0.24 36.36 -0.33
N GLN E 67 0.98 36.85 0.66
CA GLN E 67 1.79 38.06 0.43
C GLN E 67 3.15 37.63 -0.11
N TYR E 68 3.13 37.21 -1.36
CA TYR E 68 4.30 36.63 -1.99
C TYR E 68 5.52 37.53 -1.86
N TYR E 69 5.35 38.82 -2.11
CA TYR E 69 6.51 39.70 -2.11
C TYR E 69 7.13 39.88 -0.72
N ASP E 70 6.32 39.75 0.34
CA ASP E 70 6.90 39.78 1.68
C ASP E 70 7.65 38.49 1.98
N LEU E 71 7.13 37.36 1.48
CA LEU E 71 7.81 36.08 1.63
C LEU E 71 9.20 36.17 1.02
N LEU E 72 9.28 36.74 -0.17
CA LEU E 72 10.57 36.88 -0.85
C LEU E 72 11.53 37.75 -0.03
N ARG E 73 11.02 38.80 0.59
CA ARG E 73 11.87 39.65 1.41
C ARG E 73 12.40 38.92 2.64
N LEU E 74 11.59 38.01 3.20
CA LEU E 74 12.03 37.25 4.36
C LEU E 74 13.14 36.27 3.98
N PHE E 75 12.96 35.58 2.86
CA PHE E 75 13.98 34.69 2.35
C PHE E 75 15.25 35.49 2.03
N GLU E 76 15.07 36.65 1.43
CA GLU E 76 16.21 37.47 1.05
C GLU E 76 17.08 37.79 2.26
N TYR E 77 16.45 38.17 3.38
CA TYR E 77 17.16 38.52 4.60
C TYR E 77 17.67 37.27 5.35
N GLY E 78 16.84 36.25 5.44
CA GLY E 78 17.21 35.06 6.19
C GLY E 78 18.11 34.10 5.44
N GLY E 79 18.12 34.20 4.11
CA GLY E 79 18.84 33.26 3.26
C GLY E 79 17.86 32.30 2.60
N PHE E 80 17.81 32.32 1.26
CA PHE E 80 16.96 31.39 0.52
C PHE E 80 17.41 29.96 0.81
N PRO E 81 16.45 29.03 0.86
CA PRO E 81 16.87 27.63 1.03
C PRO E 81 17.91 27.25 -0.03
N PRO E 82 18.90 26.42 0.32
CA PRO E 82 19.08 25.78 1.62
C PRO E 82 20.07 26.52 2.53
N GLU E 83 20.25 27.81 2.32
CA GLU E 83 21.19 28.59 3.14
C GLU E 83 20.82 28.54 4.62
N SER E 84 19.52 28.55 4.91
CA SER E 84 19.04 28.31 6.27
C SER E 84 17.95 27.25 6.23
N ASN E 85 17.72 26.59 7.35
CA ASN E 85 16.56 25.72 7.49
C ASN E 85 15.34 26.55 7.83
N TYR E 86 14.15 26.09 7.43
CA TYR E 86 12.92 26.84 7.72
C TYR E 86 11.82 25.95 8.26
N LEU E 87 11.02 26.55 9.13
CA LEU E 87 9.78 25.96 9.56
C LEU E 87 8.72 27.03 9.41
N PHE E 88 7.68 26.76 8.62
CA PHE E 88 6.52 27.68 8.55
C PHE E 88 5.34 27.11 9.34
N LEU E 89 4.60 28.00 10.01
CA LEU E 89 3.54 27.62 10.93
C LEU E 89 2.14 27.60 10.33
N GLY E 90 2.02 27.69 9.00
CA GLY E 90 0.74 27.56 8.34
C GLY E 90 0.17 28.88 7.81
N ASP E 91 -1.03 28.79 7.25
CA ASP E 91 -1.74 29.93 6.66
C ASP E 91 -0.94 30.58 5.52
N TYR E 92 -0.72 29.79 4.47
CA TYR E 92 0.01 30.25 3.29
C TYR E 92 -0.89 30.96 2.27
N VAL E 93 -2.18 30.62 2.29
CA VAL E 93 -3.11 31.11 1.30
C VAL E 93 -4.26 31.88 1.97
N ASP E 94 -5.14 32.46 1.15
CA ASP E 94 -6.24 33.33 1.58
C ASP E 94 -5.81 34.77 1.90
N ARG E 95 -6.75 35.69 1.68
CA ARG E 95 -6.61 37.10 2.04
C ARG E 95 -5.72 37.90 1.12
N GLY E 96 -4.49 37.42 0.89
CA GLY E 96 -3.53 38.14 0.07
C GLY E 96 -3.81 38.03 -1.41
N LYS E 97 -2.92 38.56 -2.23
CA LYS E 97 -3.18 38.66 -3.67
C LYS E 97 -2.47 37.58 -4.49
N GLN E 98 -1.50 36.91 -3.88
CA GLN E 98 -0.69 35.94 -4.60
C GLN E 98 -0.50 34.68 -3.78
N SER E 99 -1.60 34.11 -3.33
CA SER E 99 -1.59 32.82 -2.66
C SER E 99 -0.94 31.76 -3.54
N LEU E 100 -1.22 31.78 -4.84
CA LEU E 100 -0.69 30.75 -5.74
C LEU E 100 0.84 30.74 -5.78
N GLU E 101 1.44 31.91 -5.99
CA GLU E 101 2.91 31.99 -6.04
C GLU E 101 3.51 31.58 -4.70
N THR E 102 2.85 32.00 -3.63
CA THR E 102 3.32 31.70 -2.28
C THR E 102 3.38 30.19 -2.03
N ILE E 103 2.28 29.49 -2.20
CA ILE E 103 2.22 28.06 -1.88
C ILE E 103 3.10 27.29 -2.89
N CYS E 104 3.14 27.73 -4.14
CA CYS E 104 3.96 27.01 -5.14
C CYS E 104 5.45 27.07 -4.79
N LEU E 105 5.96 28.23 -4.39
CA LEU E 105 7.36 28.35 -4.01
C LEU E 105 7.64 27.48 -2.78
N LEU E 106 6.75 27.52 -1.80
CA LEU E 106 6.92 26.75 -0.57
C LEU E 106 6.96 25.25 -0.85
N LEU E 107 6.06 24.76 -1.71
CA LEU E 107 6.02 23.33 -2.04
C LEU E 107 7.26 22.94 -2.83
N ALA E 108 7.70 23.82 -3.72
CA ALA E 108 8.88 23.53 -4.52
C ALA E 108 10.08 23.36 -3.61
N TYR E 109 10.18 24.20 -2.58
CA TYR E 109 11.30 24.11 -1.64
C TYR E 109 11.20 22.85 -0.78
N LYS E 110 9.97 22.46 -0.44
CA LYS E 110 9.77 21.25 0.35
C LYS E 110 10.26 20.04 -0.44
N ILE E 111 9.98 20.02 -1.74
CA ILE E 111 10.38 18.89 -2.59
C ILE E 111 11.89 18.91 -2.81
N LYS E 112 12.45 20.10 -2.97
CA LYS E 112 13.88 20.23 -3.22
C LYS E 112 14.74 19.97 -1.98
N TYR E 113 14.26 20.38 -0.81
CA TYR E 113 15.03 20.22 0.42
C TYR E 113 14.17 19.60 1.51
N PRO E 114 13.75 18.33 1.32
CA PRO E 114 12.76 17.71 2.20
C PRO E 114 13.21 17.60 3.65
N GLU E 115 14.52 17.54 3.90
CA GLU E 115 15.03 17.38 5.27
C GLU E 115 15.41 18.70 5.95
N ASN E 116 15.31 19.80 5.23
CA ASN E 116 15.75 21.12 5.73
C ASN E 116 14.70 22.21 5.64
N PHE E 117 13.51 21.84 5.19
CA PHE E 117 12.45 22.80 4.90
C PHE E 117 11.14 22.17 5.29
N PHE E 118 10.38 22.87 6.11
CA PHE E 118 9.18 22.29 6.71
C PHE E 118 8.00 23.25 6.73
N LEU E 119 6.81 22.69 6.47
CA LEU E 119 5.56 23.45 6.47
C LEU E 119 4.58 22.75 7.39
N LEU E 120 4.01 23.48 8.35
CA LEU E 120 2.91 22.97 9.16
C LEU E 120 1.59 23.38 8.55
N ARG E 121 0.52 22.74 8.99
CA ARG E 121 -0.81 23.09 8.54
C ARG E 121 -1.41 24.23 9.37
N GLY E 122 -1.97 25.23 8.67
CA GLY E 122 -2.70 26.31 9.32
C GLY E 122 -4.20 26.08 9.16
N ASN E 123 -5.04 26.86 9.84
CA ASN E 123 -6.48 26.65 9.69
C ASN E 123 -6.98 27.04 8.30
N HIS E 124 -6.20 27.85 7.57
CA HIS E 124 -6.56 28.20 6.19
C HIS E 124 -6.13 27.17 5.13
N GLU E 125 -5.38 26.16 5.54
CA GLU E 125 -5.09 25.05 4.62
C GLU E 125 -6.20 24.01 4.75
N CYS E 126 -7.39 24.42 4.32
CA CYS E 126 -8.61 23.69 4.58
C CYS E 126 -9.65 24.16 3.58
N ALA E 127 -10.25 23.21 2.88
CA ALA E 127 -11.12 23.52 1.74
C ALA E 127 -12.24 24.50 2.12
N SER E 128 -12.96 24.21 3.20
CA SER E 128 -14.13 25.01 3.57
C SER E 128 -13.73 26.44 3.94
N ILE E 129 -12.55 26.62 4.53
CA ILE E 129 -12.04 27.95 4.81
C ILE E 129 -11.60 28.69 3.51
N ASN E 130 -10.84 28.03 2.64
CA ASN E 130 -10.46 28.58 1.32
C ASN E 130 -11.59 29.10 0.51
N ARG E 131 -12.71 28.38 0.56
CA ARG E 131 -13.88 28.75 -0.23
C ARG E 131 -14.28 30.17 0.11
N ILE E 132 -14.16 30.51 1.39
CA ILE E 132 -14.67 31.77 1.89
C ILE E 132 -13.64 32.89 1.78
N TYR E 133 -12.37 32.60 2.05
CA TYR E 133 -11.42 33.71 2.25
C TYR E 133 -10.45 34.00 1.10
N GLY E 134 -10.69 33.41 -0.08
CA GLY E 134 -10.04 33.91 -1.28
C GLY E 134 -9.30 32.89 -2.14
N PHE E 135 -8.80 31.81 -1.55
CA PHE E 135 -7.96 30.89 -2.33
C PHE E 135 -8.75 30.17 -3.41
N TYR E 136 -9.97 29.75 -3.10
CA TYR E 136 -10.87 29.16 -4.09
C TYR E 136 -11.06 30.09 -5.30
N ASP E 137 -11.38 31.35 -5.05
CA ASP E 137 -11.58 32.33 -6.12
C ASP E 137 -10.29 32.56 -6.91
N GLU E 138 -9.14 32.59 -6.21
CA GLU E 138 -7.87 32.80 -6.90
C GLU E 138 -7.64 31.63 -7.89
N CYS E 139 -7.84 30.39 -7.41
CA CYS E 139 -7.72 29.22 -8.28
C CYS E 139 -8.72 29.22 -9.43
N LYS E 140 -9.97 29.54 -9.12
CA LYS E 140 -11.01 29.53 -10.14
C LYS E 140 -10.70 30.55 -11.24
N ARG E 141 -10.15 31.69 -10.82
CA ARG E 141 -9.84 32.77 -11.74
C ARG E 141 -8.59 32.49 -12.59
N ARG E 142 -7.56 31.94 -11.97
CA ARG E 142 -6.26 31.81 -12.65
C ARG E 142 -5.98 30.42 -13.23
N TYR E 143 -6.74 29.43 -12.76
CA TYR E 143 -6.63 28.06 -13.23
C TYR E 143 -8.04 27.50 -13.33
N ASN E 144 -8.38 26.53 -12.49
CA ASN E 144 -9.75 26.02 -12.46
C ASN E 144 -10.01 25.35 -11.12
N ILE E 145 -11.25 24.95 -10.89
CA ILE E 145 -11.64 24.41 -9.59
C ILE E 145 -11.01 23.04 -9.33
N LYS E 146 -10.71 22.29 -10.40
CA LYS E 146 -10.06 20.99 -10.21
C LYS E 146 -8.67 21.15 -9.61
N LEU E 147 -7.94 22.18 -9.99
CA LEU E 147 -6.61 22.36 -9.43
C LEU E 147 -6.74 22.75 -7.96
N TRP E 148 -7.77 23.51 -7.64
CA TRP E 148 -8.04 23.83 -6.23
C TRP E 148 -8.23 22.55 -5.39
N LYS E 149 -9.00 21.59 -5.87
CA LYS E 149 -9.16 20.32 -5.15
C LYS E 149 -7.80 19.61 -5.05
N THR E 150 -6.94 19.75 -6.06
CA THR E 150 -5.61 19.19 -5.96
C THR E 150 -4.80 19.80 -4.81
N PHE E 151 -4.84 21.12 -4.67
CA PHE E 151 -4.23 21.77 -3.51
C PHE E 151 -4.81 21.25 -2.18
N THR E 152 -6.14 21.13 -2.13
CA THR E 152 -6.82 20.65 -0.94
C THR E 152 -6.34 19.26 -0.50
N ASP E 153 -6.16 18.37 -1.47
CA ASP E 153 -5.65 17.04 -1.16
C ASP E 153 -4.21 17.08 -0.68
N CYS E 154 -3.47 18.08 -1.13
CA CYS E 154 -2.11 18.26 -0.64
C CYS E 154 -2.12 18.84 0.79
N PHE E 155 -2.94 19.87 1.01
CA PHE E 155 -3.11 20.48 2.33
C PHE E 155 -3.54 19.42 3.36
N ASN E 156 -4.41 18.49 2.92
CA ASN E 156 -4.92 17.45 3.81
C ASN E 156 -3.82 16.52 4.34
N CYS E 157 -2.61 16.66 3.83
CA CYS E 157 -1.50 15.80 4.24
C CYS E 157 -0.41 16.53 5.06
N LEU E 158 -0.57 17.83 5.29
CA LEU E 158 0.44 18.61 6.01
C LEU E 158 0.58 18.14 7.46
N PRO E 159 1.80 18.17 8.03
CA PRO E 159 1.96 17.85 9.45
C PRO E 159 1.36 18.94 10.30
N ILE E 160 1.12 18.64 11.57
CA ILE E 160 0.29 19.50 12.42
C ILE E 160 1.10 20.25 13.47
N ALA E 161 2.27 19.74 13.84
CA ALA E 161 3.04 20.40 14.89
C ALA E 161 4.47 19.98 14.77
N ALA E 162 5.35 20.67 15.47
CA ALA E 162 6.76 20.33 15.46
C ALA E 162 7.34 20.65 16.84
N ILE E 163 8.33 19.87 17.25
CA ILE E 163 9.07 20.18 18.48
C ILE E 163 10.52 20.40 18.11
N VAL E 164 11.06 21.58 18.43
CA VAL E 164 12.44 21.90 18.06
C VAL E 164 13.35 21.61 19.26
N ASP E 165 14.29 20.68 19.10
CA ASP E 165 15.23 20.28 20.16
C ASP E 165 14.57 19.99 21.51
N GLU E 166 13.42 19.32 21.47
CA GLU E 166 12.71 18.89 22.67
C GLU E 166 12.37 20.04 23.60
N LYS E 167 12.35 21.27 23.08
CA LYS E 167 12.15 22.44 23.93
C LYS E 167 11.10 23.44 23.44
N ILE E 168 10.97 23.61 22.13
CA ILE E 168 10.00 24.53 21.56
C ILE E 168 8.88 23.74 20.87
N PHE E 169 7.66 23.90 21.37
CA PHE E 169 6.50 23.28 20.75
C PHE E 169 5.86 24.28 19.78
N CYS E 170 5.82 23.91 18.50
CA CYS E 170 5.31 24.80 17.43
C CYS E 170 4.06 24.24 16.79
N CYS E 171 3.03 25.08 16.65
CA CYS E 171 1.83 24.72 15.91
C CYS E 171 1.15 26.01 15.48
N HIS E 172 0.17 25.94 14.60
CA HIS E 172 -0.44 27.16 14.10
C HIS E 172 -1.29 27.92 15.14
N GLY E 173 -2.26 27.23 15.75
CA GLY E 173 -3.18 27.90 16.66
C GLY E 173 -2.66 27.85 18.10
N GLY E 174 -2.88 26.73 18.78
CA GLY E 174 -2.32 26.56 20.11
C GLY E 174 -2.69 25.24 20.75
N LEU E 175 -2.89 25.26 22.06
CA LEU E 175 -3.07 24.03 22.83
C LEU E 175 -4.53 23.58 22.77
N SER E 176 -4.77 22.38 23.28
CA SER E 176 -6.11 21.78 23.28
C SER E 176 -6.37 21.15 24.64
N PRO E 177 -7.63 21.14 25.09
CA PRO E 177 -7.98 20.45 26.33
C PRO E 177 -7.89 18.93 26.19
N ASP E 178 -7.85 18.43 24.96
CA ASP E 178 -7.70 16.98 24.74
C ASP E 178 -6.24 16.58 24.62
N LEU E 179 -5.31 17.53 24.72
CA LEU E 179 -3.90 17.23 24.51
C LEU E 179 -3.21 16.82 25.81
N GLN E 180 -3.17 15.52 26.06
CA GLN E 180 -2.55 15.02 27.29
C GLN E 180 -1.16 14.48 27.00
N SER E 181 -0.98 13.78 25.89
CA SER E 181 0.35 13.30 25.52
C SER E 181 0.63 13.56 24.05
N MET E 182 1.91 13.69 23.74
CA MET E 182 2.35 13.93 22.39
C MET E 182 1.90 12.79 21.48
N GLU E 183 1.83 11.59 22.03
CA GLU E 183 1.47 10.43 21.23
C GLU E 183 0.10 10.63 20.56
N GLN E 184 -0.81 11.32 21.24
CA GLN E 184 -2.14 11.57 20.68
C GLN E 184 -2.07 12.26 19.33
N ILE E 185 -1.16 13.23 19.20
CA ILE E 185 -0.93 13.92 17.95
C ILE E 185 -0.50 12.93 16.88
N ARG E 186 0.35 11.97 17.27
CA ARG E 186 0.82 10.98 16.30
C ARG E 186 -0.28 10.00 15.91
N ARG E 187 -1.42 10.02 16.61
CA ARG E 187 -2.54 9.14 16.26
C ARG E 187 -3.49 9.77 15.24
N ILE E 188 -3.30 11.06 14.94
CA ILE E 188 -4.11 11.73 13.91
C ILE E 188 -3.80 11.10 12.56
N MET E 189 -4.82 10.67 11.83
CA MET E 189 -4.59 10.00 10.55
C MET E 189 -4.71 10.98 9.39
N ARG E 190 -3.88 10.76 8.37
CA ARG E 190 -3.84 11.58 7.16
C ARG E 190 -3.99 10.66 5.96
N PRO E 191 -4.59 11.15 4.86
CA PRO E 191 -5.13 12.50 4.66
C PRO E 191 -6.37 12.78 5.47
N THR E 192 -6.55 14.04 5.83
CA THR E 192 -7.70 14.40 6.63
C THR E 192 -8.08 15.84 6.39
N ASP E 193 -9.37 16.13 6.54
CA ASP E 193 -9.84 17.50 6.60
C ASP E 193 -9.74 17.92 8.07
N VAL E 194 -9.97 19.19 8.35
CA VAL E 194 -9.97 19.67 9.73
C VAL E 194 -11.37 19.49 10.30
N PRO E 195 -11.52 18.71 11.38
CA PRO E 195 -12.83 18.56 12.03
C PRO E 195 -13.24 19.84 12.76
N ASP E 196 -14.52 19.96 13.08
CA ASP E 196 -15.01 21.18 13.71
C ASP E 196 -14.79 21.21 15.22
N GLN E 197 -14.16 20.16 15.75
CA GLN E 197 -13.84 20.09 17.17
C GLN E 197 -12.82 18.99 17.39
N GLY E 198 -12.17 18.98 18.54
CA GLY E 198 -11.21 17.93 18.84
C GLY E 198 -9.78 18.42 18.78
N LEU E 199 -8.85 17.51 19.02
CA LEU E 199 -7.44 17.85 19.13
C LEU E 199 -6.89 18.50 17.86
N LEU E 200 -7.31 17.99 16.71
CA LEU E 200 -6.78 18.49 15.44
C LEU E 200 -7.32 19.89 15.20
N CYS E 201 -8.61 20.06 15.40
CA CYS E 201 -9.23 21.37 15.34
C CYS E 201 -8.49 22.38 16.22
N ASP E 202 -8.30 22.06 17.49
CA ASP E 202 -7.69 23.02 18.45
C ASP E 202 -6.24 23.42 18.10
N LEU E 203 -5.43 22.46 17.65
CA LEU E 203 -4.04 22.76 17.30
C LEU E 203 -3.94 23.81 16.20
N LEU E 204 -4.96 23.87 15.35
CA LEU E 204 -5.01 24.80 14.23
C LEU E 204 -5.80 26.09 14.53
N TRP E 205 -6.67 26.05 15.55
CA TRP E 205 -7.64 27.13 15.77
C TRP E 205 -7.55 27.90 17.10
N SER E 206 -7.00 27.31 18.16
CA SER E 206 -7.14 27.92 19.49
C SER E 206 -6.23 29.16 19.70
N ASP E 207 -6.54 29.94 20.73
CA ASP E 207 -5.82 31.20 21.02
C ASP E 207 -5.52 31.35 22.50
N PRO E 208 -4.34 31.92 22.81
CA PRO E 208 -4.09 32.30 24.20
C PRO E 208 -4.93 33.52 24.54
N ASP E 209 -5.33 33.66 25.80
CA ASP E 209 -6.05 34.84 26.23
C ASP E 209 -5.78 35.13 27.71
N LYS E 210 -5.25 36.32 28.00
CA LYS E 210 -4.79 36.67 29.33
C LYS E 210 -5.92 36.73 30.35
N ASP E 211 -7.16 36.89 29.89
CA ASP E 211 -8.30 37.05 30.79
C ASP E 211 -8.93 35.70 31.18
N VAL E 212 -8.48 34.64 30.54
CA VAL E 212 -9.08 33.34 30.77
C VAL E 212 -8.27 32.59 31.80
N GLN E 213 -8.97 32.00 32.77
CA GLN E 213 -8.33 31.08 33.70
C GLN E 213 -8.77 29.69 33.30
N GLY E 214 -7.80 28.89 32.88
CA GLY E 214 -8.08 27.57 32.31
C GLY E 214 -8.49 27.70 30.85
N TRP E 215 -9.64 27.12 30.51
CA TRP E 215 -10.14 27.13 29.14
C TRP E 215 -11.41 27.97 29.00
N GLY E 216 -11.53 28.68 27.87
CA GLY E 216 -12.67 29.55 27.65
C GLY E 216 -13.19 29.46 26.22
N GLU E 217 -14.27 30.17 25.94
CA GLU E 217 -14.84 30.20 24.60
C GLU E 217 -13.97 31.03 23.67
N ASN E 218 -14.18 30.85 22.37
CA ASN E 218 -13.40 31.55 21.36
C ASN E 218 -14.34 32.26 20.39
N ASP E 219 -14.14 33.57 20.22
CA ASP E 219 -15.03 34.36 19.39
C ASP E 219 -14.93 33.98 17.90
N ARG E 220 -13.98 33.12 17.56
CA ARG E 220 -13.87 32.61 16.20
C ARG E 220 -15.06 31.69 15.92
N GLY E 221 -15.67 31.19 16.98
CA GLY E 221 -16.83 30.31 16.87
C GLY E 221 -16.41 28.87 16.69
N VAL E 222 -15.13 28.58 16.94
CA VAL E 222 -14.64 27.22 16.95
C VAL E 222 -13.53 27.09 18.00
N SER E 223 -13.33 25.88 18.52
CA SER E 223 -12.22 25.62 19.43
C SER E 223 -12.35 26.48 20.71
N PHE E 224 -11.20 26.80 21.31
CA PHE E 224 -11.13 27.38 22.65
C PHE E 224 -10.13 28.52 22.78
N THR E 225 -10.18 29.18 23.94
CA THR E 225 -9.09 30.00 24.43
C THR E 225 -8.49 29.33 25.66
N PHE E 226 -7.24 29.65 25.95
CA PHE E 226 -6.54 29.09 27.11
C PHE E 226 -5.69 30.17 27.77
N GLY E 227 -5.59 30.13 29.10
CA GLY E 227 -4.86 31.16 29.84
C GLY E 227 -3.40 30.84 30.09
N ALA E 228 -2.74 31.74 30.81
CA ALA E 228 -1.31 31.63 31.12
C ALA E 228 -0.96 30.37 31.91
N GLU E 229 -1.81 29.99 32.87
CA GLU E 229 -1.53 28.82 33.70
C GLU E 229 -1.58 27.57 32.84
N VAL E 230 -2.51 27.49 31.91
CA VAL E 230 -2.53 26.36 30.98
C VAL E 230 -1.16 26.22 30.32
N VAL E 231 -0.60 27.33 29.87
CA VAL E 231 0.72 27.32 29.24
C VAL E 231 1.79 26.84 30.21
N ALA E 232 1.81 27.42 31.42
CA ALA E 232 2.81 27.08 32.41
C ALA E 232 2.78 25.58 32.73
N LYS E 233 1.58 25.05 32.99
CA LYS E 233 1.41 23.62 33.28
C LYS E 233 1.82 22.75 32.10
N PHE E 234 1.46 23.16 30.88
CA PHE E 234 1.83 22.39 29.70
C PHE E 234 3.36 22.32 29.58
N LEU E 235 4.02 23.46 29.73
CA LEU E 235 5.48 23.49 29.57
C LEU E 235 6.14 22.63 30.65
N HIS E 236 5.64 22.73 31.88
CA HIS E 236 6.20 21.96 32.97
C HIS E 236 6.04 20.45 32.72
N LYS E 237 4.82 20.03 32.38
CA LYS E 237 4.51 18.61 32.20
C LYS E 237 5.37 17.95 31.12
N HIS E 238 5.61 18.65 30.01
CA HIS E 238 6.34 18.08 28.88
C HIS E 238 7.79 18.57 28.83
N ASP E 239 8.22 19.26 29.87
CA ASP E 239 9.60 19.72 29.97
C ASP E 239 10.00 20.54 28.75
N LEU E 240 9.13 21.47 28.37
CA LEU E 240 9.40 22.38 27.27
C LEU E 240 9.69 23.77 27.82
N ASP E 241 10.29 24.62 27.00
CA ASP E 241 10.60 26.01 27.37
C ASP E 241 9.66 27.03 26.75
N LEU E 242 9.18 26.75 25.55
CA LEU E 242 8.46 27.75 24.76
C LEU E 242 7.38 27.13 23.87
N ILE E 243 6.23 27.77 23.79
CA ILE E 243 5.27 27.47 22.75
C ILE E 243 5.41 28.56 21.69
N CYS E 244 5.60 28.16 20.44
CA CYS E 244 5.72 29.13 19.37
C CYS E 244 4.56 28.94 18.39
N ARG E 245 3.66 29.92 18.25
CA ARG E 245 2.49 29.74 17.39
C ARG E 245 2.24 30.96 16.50
N ALA E 246 1.18 30.94 15.68
CA ALA E 246 0.92 32.01 14.73
C ALA E 246 -0.55 32.45 14.80
N HIS E 247 -1.24 32.54 13.67
CA HIS E 247 -2.71 32.54 13.69
C HIS E 247 -3.37 33.88 14.10
N GLN E 248 -2.62 34.79 14.73
CA GLN E 248 -3.17 36.09 15.12
C GLN E 248 -2.27 37.25 14.68
N VAL E 249 -2.83 38.21 13.96
CA VAL E 249 -2.07 39.39 13.55
C VAL E 249 -1.66 40.13 14.81
N VAL E 250 -0.38 40.47 14.94
CA VAL E 250 0.08 41.24 16.09
C VAL E 250 0.90 42.43 15.60
N GLU E 251 0.82 43.54 16.33
CA GLU E 251 1.35 44.83 15.87
C GLU E 251 2.83 44.84 15.48
N ASP E 252 3.69 44.21 16.30
CA ASP E 252 5.12 44.24 16.06
C ASP E 252 5.64 43.00 15.29
N GLY E 253 4.73 42.21 14.75
CA GLY E 253 5.11 41.00 14.03
C GLY E 253 5.26 39.80 14.95
N TYR E 254 5.68 40.05 16.20
CA TYR E 254 5.71 39.02 17.22
C TYR E 254 5.19 39.57 18.53
N GLU E 255 4.66 38.70 19.37
CA GLU E 255 4.09 39.15 20.62
C GLU E 255 4.13 38.03 21.65
N PHE E 256 4.70 38.32 22.82
CA PHE E 256 4.84 37.35 23.90
C PHE E 256 3.53 37.20 24.69
N PHE E 257 3.43 36.11 25.44
CA PHE E 257 2.28 35.80 26.30
C PHE E 257 2.77 34.98 27.50
N ALA E 258 2.11 35.11 28.65
CA ALA E 258 2.55 34.42 29.86
C ALA E 258 4.03 34.68 30.11
N LYS E 259 4.38 35.95 30.21
CA LYS E 259 5.75 36.41 30.23
C LYS E 259 6.40 36.15 28.87
N ARG E 260 7.27 35.15 28.81
CA ARG E 260 7.87 34.75 27.53
C ARG E 260 7.74 33.25 27.32
N GLN E 261 6.71 32.66 27.90
CA GLN E 261 6.49 31.23 27.78
C GLN E 261 5.80 30.86 26.46
N LEU E 262 5.10 31.81 25.85
CA LEU E 262 4.54 31.61 24.52
C LEU E 262 4.78 32.84 23.70
N VAL E 263 5.04 32.65 22.42
CA VAL E 263 5.15 33.77 21.48
C VAL E 263 4.27 33.53 20.26
N THR E 264 3.62 34.60 19.80
CA THR E 264 2.90 34.59 18.55
C THR E 264 3.75 35.23 17.44
N LEU E 265 3.84 34.57 16.30
CA LEU E 265 4.56 35.11 15.15
C LEU E 265 3.59 35.32 14.01
N PHE E 266 3.68 36.46 13.36
CA PHE E 266 2.85 36.78 12.19
C PHE E 266 3.79 37.45 11.18
N SER E 267 3.86 36.90 9.98
CA SER E 267 4.91 37.29 9.04
C SER E 267 4.42 38.14 7.86
N ALA E 268 3.15 38.53 7.89
CA ALA E 268 2.57 39.29 6.79
C ALA E 268 2.35 40.75 7.18
N PRO E 269 3.32 41.63 6.88
CA PRO E 269 3.18 43.04 7.26
C PRO E 269 2.00 43.71 6.55
N ASN E 270 1.45 44.78 7.14
CA ASN E 270 0.29 45.46 6.58
C ASN E 270 -0.76 44.45 6.12
N TYR E 271 -1.16 43.58 7.04
CA TYR E 271 -2.03 42.45 6.74
C TYR E 271 -3.34 42.86 6.08
N CYS E 272 -3.62 42.28 4.91
CA CYS E 272 -4.85 42.55 4.18
C CYS E 272 -4.86 43.94 3.56
N GLY E 273 -3.94 44.80 3.98
CA GLY E 273 -4.03 46.21 3.69
C GLY E 273 -4.86 46.89 4.76
N GLU E 274 -5.54 46.09 5.58
CA GLU E 274 -6.39 46.62 6.64
C GLU E 274 -5.59 47.07 7.84
N PHE E 275 -4.56 46.29 8.18
CA PHE E 275 -3.79 46.52 9.40
C PHE E 275 -2.47 47.26 9.13
N ASP E 276 -1.90 47.87 10.17
CA ASP E 276 -0.63 48.57 10.08
C ASP E 276 0.48 47.82 10.82
N ASN E 277 0.34 46.50 10.91
CA ASN E 277 1.25 45.68 11.70
C ASN E 277 2.54 45.40 10.95
N ALA E 278 3.60 45.14 11.70
CA ALA E 278 4.81 44.58 11.12
C ALA E 278 4.66 43.06 11.02
N GLY E 279 5.52 42.44 10.24
CA GLY E 279 5.63 40.99 10.23
C GLY E 279 6.96 40.63 10.86
N ALA E 280 7.06 39.44 11.44
CA ALA E 280 8.33 39.01 12.02
C ALA E 280 8.60 37.55 11.73
N MET E 281 9.87 37.20 11.84
CA MET E 281 10.33 35.85 11.73
C MET E 281 11.27 35.62 12.92
N MET E 282 11.35 34.38 13.43
CA MET E 282 12.19 34.09 14.60
C MET E 282 13.33 33.14 14.24
N SER E 283 14.56 33.62 14.36
CA SER E 283 15.73 32.76 14.15
C SER E 283 16.10 32.07 15.45
N VAL E 284 16.21 30.74 15.40
CA VAL E 284 16.62 29.95 16.56
C VAL E 284 18.04 29.43 16.32
N ASP E 285 19.03 29.96 17.02
CA ASP E 285 20.40 29.49 16.77
C ASP E 285 20.62 28.14 17.46
N GLU E 286 21.77 27.53 17.21
CA GLU E 286 22.03 26.18 17.72
C GLU E 286 22.00 26.08 19.25
N THR E 287 22.09 27.20 19.95
CA THR E 287 22.02 27.19 21.42
C THR E 287 20.61 27.53 21.90
N LEU E 288 19.66 27.46 20.98
CA LEU E 288 18.28 27.82 21.25
C LEU E 288 18.16 29.27 21.73
N MET E 289 19.06 30.14 21.28
CA MET E 289 18.83 31.57 21.48
C MET E 289 17.98 32.11 20.32
N CYS E 290 16.84 32.70 20.65
CA CYS E 290 15.90 33.20 19.64
C CYS E 290 16.02 34.70 19.43
N SER E 291 15.97 35.11 18.16
CA SER E 291 16.00 36.54 17.82
C SER E 291 14.96 36.82 16.74
N PHE E 292 14.45 38.04 16.70
CA PHE E 292 13.40 38.38 15.75
C PHE E 292 13.87 39.32 14.66
N GLN E 293 13.54 38.98 13.43
CA GLN E 293 13.83 39.85 12.29
C GLN E 293 12.50 40.42 11.81
N ILE E 294 12.45 41.74 11.64
CA ILE E 294 11.18 42.46 11.48
C ILE E 294 11.03 43.12 10.13
N LEU E 295 9.90 42.84 9.47
CA LEU E 295 9.48 43.59 8.30
C LEU E 295 8.52 44.69 8.74
N LYS E 296 9.00 45.93 8.82
CA LYS E 296 8.18 47.04 9.28
C LYS E 296 7.12 47.35 8.22
N PRO E 297 5.98 47.92 8.65
CA PRO E 297 4.92 48.33 7.72
C PRO E 297 5.31 49.56 6.88
N ALA E 298 4.67 49.72 5.73
CA ALA E 298 4.93 50.85 4.82
C ALA E 298 5.33 52.12 5.55
N GLU F 5 -5.85 6.25 -6.86
CA GLU F 5 -7.31 6.33 -7.03
C GLU F 5 -7.91 7.49 -6.25
N GLU F 6 -8.41 8.49 -6.96
CA GLU F 6 -9.02 9.66 -6.32
C GLU F 6 -10.25 9.29 -5.46
N THR F 7 -11.07 8.37 -5.95
CA THR F 7 -12.31 7.99 -5.26
C THR F 7 -11.99 7.42 -3.88
N GLU F 8 -10.99 6.55 -3.86
CA GLU F 8 -10.50 5.95 -2.63
C GLU F 8 -9.98 7.04 -1.70
N LEU F 9 -9.29 8.03 -2.28
CA LEU F 9 -8.69 9.13 -1.53
C LEU F 9 -9.73 9.96 -0.78
N ASP F 10 -10.78 10.38 -1.49
CA ASP F 10 -11.88 11.13 -0.89
C ASP F 10 -12.52 10.29 0.23
N ASN F 11 -12.69 8.99 -0.01
CA ASN F 11 -13.31 8.12 0.99
C ASN F 11 -12.42 7.97 2.23
N LEU F 12 -11.14 7.76 2.04
CA LEU F 12 -10.21 7.69 3.15
C LEU F 12 -10.19 9.01 3.94
N THR F 13 -10.20 10.13 3.23
CA THR F 13 -10.14 11.43 3.89
C THR F 13 -11.37 11.62 4.79
N GLU F 14 -12.53 11.25 4.26
CA GLU F 14 -13.77 11.37 5.01
C GLU F 14 -13.71 10.46 6.24
N PHE F 15 -13.25 9.23 6.07
CA PHE F 15 -13.05 8.34 7.19
C PHE F 15 -12.12 8.94 8.26
N ASN F 16 -10.97 9.43 7.82
CA ASN F 16 -9.99 10.01 8.75
C ASN F 16 -10.50 11.26 9.47
N THR F 17 -11.20 12.11 8.75
CA THR F 17 -11.75 13.34 9.34
C THR F 17 -12.68 13.02 10.51
N ALA F 18 -13.55 12.01 10.33
CA ALA F 18 -14.43 11.56 11.41
C ALA F 18 -13.63 11.00 12.59
N HIS F 19 -12.64 10.18 12.27
CA HIS F 19 -11.80 9.55 13.28
C HIS F 19 -11.06 10.61 14.10
N ASN F 20 -10.55 11.63 13.42
CA ASN F 20 -9.72 12.66 14.05
C ASN F 20 -10.49 13.63 14.95
N LYS F 21 -11.80 13.49 14.98
CA LYS F 21 -12.66 14.34 15.81
C LYS F 21 -12.42 14.04 17.29
N ARG F 22 -12.27 12.76 17.60
CA ARG F 22 -12.12 12.28 18.97
C ARG F 22 -10.86 11.40 19.13
N ILE F 23 -9.73 12.02 19.42
CA ILE F 23 -8.51 11.24 19.67
C ILE F 23 -8.42 10.88 21.16
N SER F 24 -8.59 9.60 21.48
CA SER F 24 -8.60 9.14 22.87
C SER F 24 -7.28 9.41 23.59
N THR F 25 -7.37 9.75 24.88
CA THR F 25 -6.18 9.93 25.71
C THR F 25 -5.55 8.60 26.09
N LEU F 26 -6.27 7.51 25.86
CA LEU F 26 -5.77 6.18 26.19
C LEU F 26 -4.68 5.78 25.20
N THR F 27 -3.46 6.18 25.51
CA THR F 27 -2.30 5.87 24.66
C THR F 27 -1.29 5.09 25.48
N ILE F 28 -0.81 3.99 24.93
CA ILE F 28 0.17 3.13 25.62
C ILE F 28 1.51 3.14 24.89
N ARG F 46 18.88 25.39 26.54
CA ARG F 46 17.70 26.11 27.03
C ARG F 46 17.41 27.38 26.24
N VAL F 47 16.12 27.67 26.08
CA VAL F 47 15.68 28.78 25.23
C VAL F 47 15.98 30.12 25.88
N THR F 48 16.69 30.98 25.15
CA THR F 48 16.91 32.35 25.59
C THR F 48 16.51 33.29 24.46
N PHE F 49 16.46 34.59 24.75
CA PHE F 49 16.10 35.59 23.75
C PHE F 49 17.14 36.69 23.67
N SER F 50 17.44 37.15 22.46
CA SER F 50 18.35 38.26 22.25
C SER F 50 17.67 39.56 22.67
N GLU F 51 18.46 40.56 23.05
CA GLU F 51 17.91 41.85 23.47
C GLU F 51 17.44 42.69 22.29
N ASP F 52 18.05 42.47 21.13
CA ASP F 52 17.85 43.36 20.00
C ASP F 52 17.19 42.69 18.78
N ASP F 53 16.06 43.25 18.36
CA ASP F 53 15.42 42.84 17.12
C ASP F 53 16.16 43.44 15.94
N GLU F 54 16.12 42.75 14.79
CA GLU F 54 16.76 43.28 13.60
C GLU F 54 15.71 43.78 12.63
N ILE F 55 15.86 45.01 12.18
CA ILE F 55 14.92 45.57 11.22
C ILE F 55 15.39 45.22 9.82
N ILE F 56 14.53 44.55 9.06
CA ILE F 56 14.90 44.10 7.72
C ILE F 56 14.87 45.24 6.70
N ASN F 57 13.88 46.11 6.81
CA ASN F 57 13.71 47.18 5.83
C ASN F 57 13.73 48.55 6.49
N PRO F 58 14.93 49.00 6.91
CA PRO F 58 15.01 50.26 7.66
C PRO F 58 14.63 51.45 6.79
N GLU F 59 14.77 51.32 5.48
CA GLU F 59 14.36 52.37 4.56
C GLU F 59 12.84 52.57 4.59
N ASP F 60 12.12 51.60 5.16
CA ASP F 60 10.65 51.56 5.13
C ASP F 60 10.13 51.31 3.72
N GLY G 1 -32.45 -15.91 10.96
CA GLY G 1 -33.68 -16.42 10.38
C GLY G 1 -33.43 -17.66 9.54
N HIS G 2 -34.43 -18.07 8.77
CA HIS G 2 -34.33 -19.32 8.01
C HIS G 2 -33.49 -19.22 6.76
N MET G 3 -33.15 -18.00 6.35
CA MET G 3 -32.17 -17.77 5.28
C MET G 3 -30.79 -17.61 5.93
N GLY G 4 -30.69 -16.65 6.85
CA GLY G 4 -29.45 -16.35 7.55
C GLY G 4 -28.66 -17.52 8.13
N SER G 5 -29.35 -18.50 8.70
CA SER G 5 -28.66 -19.60 9.37
C SER G 5 -27.83 -20.45 8.40
N LEU G 6 -28.25 -20.49 7.13
CA LEU G 6 -27.52 -21.25 6.11
C LEU G 6 -26.17 -20.59 5.87
N ASN G 7 -26.19 -19.27 5.72
CA ASN G 7 -24.97 -18.49 5.63
C ASN G 7 -24.12 -18.69 6.89
N LEU G 8 -24.76 -18.67 8.06
CA LEU G 8 -24.03 -18.78 9.32
C LEU G 8 -23.36 -20.15 9.42
N ASP G 9 -24.09 -21.20 9.08
CA ASP G 9 -23.49 -22.54 9.06
C ASP G 9 -22.36 -22.62 8.04
N SER G 10 -22.53 -21.96 6.90
CA SER G 10 -21.49 -21.97 5.90
C SER G 10 -20.22 -21.29 6.43
N ILE G 11 -20.38 -20.13 7.05
CA ILE G 11 -19.27 -19.41 7.66
C ILE G 11 -18.52 -20.28 8.66
N ILE G 12 -19.26 -20.91 9.56
CA ILE G 12 -18.66 -21.74 10.59
C ILE G 12 -17.89 -22.93 9.98
N GLY G 13 -18.48 -23.56 8.97
CA GLY G 13 -17.82 -24.68 8.29
C GLY G 13 -16.48 -24.25 7.69
N ARG G 14 -16.47 -23.08 7.06
CA ARG G 14 -15.26 -22.60 6.41
C ARG G 14 -14.21 -22.21 7.43
N LEU G 15 -14.65 -21.66 8.55
CA LEU G 15 -13.73 -21.32 9.63
C LEU G 15 -13.11 -22.59 10.23
N LEU G 16 -13.89 -23.66 10.33
CA LEU G 16 -13.41 -24.91 10.93
C LEU G 16 -12.63 -25.79 9.93
N GLU G 17 -12.78 -25.48 8.65
CA GLU G 17 -12.14 -26.24 7.59
C GLU G 17 -10.64 -26.34 7.77
N VAL G 18 -10.03 -25.25 8.26
CA VAL G 18 -8.58 -25.17 8.36
C VAL G 18 -8.03 -25.85 9.61
N GLN G 19 -8.89 -26.53 10.35
CA GLN G 19 -8.45 -27.35 11.47
C GLN G 19 -7.70 -28.57 10.94
N GLY G 20 -6.55 -28.88 11.52
CA GLY G 20 -5.74 -29.99 11.04
C GLY G 20 -4.74 -29.51 10.01
N SER G 21 -5.15 -28.58 9.15
CA SER G 21 -4.23 -27.91 8.25
C SER G 21 -3.09 -27.37 9.10
N ARG G 22 -1.93 -27.16 8.49
CA ARG G 22 -0.78 -26.71 9.25
C ARG G 22 -1.04 -25.28 9.76
N PRO G 23 -0.88 -25.07 11.09
CA PRO G 23 -1.14 -23.77 11.69
C PRO G 23 -0.67 -22.62 10.81
N GLY G 24 -1.55 -21.65 10.57
CA GLY G 24 -1.21 -20.50 9.77
C GLY G 24 -2.09 -20.28 8.55
N LYS G 25 -2.90 -21.28 8.18
CA LYS G 25 -3.77 -21.14 7.01
C LYS G 25 -4.97 -20.24 7.30
N ASN G 26 -5.10 -19.21 6.47
CA ASN G 26 -6.10 -18.18 6.65
C ASN G 26 -7.45 -18.57 6.06
N VAL G 27 -8.52 -18.03 6.63
CA VAL G 27 -9.84 -18.18 6.05
C VAL G 27 -10.36 -16.81 5.64
N GLN G 28 -10.54 -16.59 4.34
CA GLN G 28 -10.99 -15.30 3.84
C GLN G 28 -12.51 -15.33 3.56
N LEU G 29 -13.32 -14.99 4.57
CA LEU G 29 -14.75 -14.77 4.39
C LEU G 29 -15.00 -13.49 3.59
N THR G 30 -16.21 -13.30 3.09
CA THR G 30 -16.51 -12.06 2.38
C THR G 30 -16.69 -10.92 3.40
N GLU G 31 -16.52 -9.70 2.91
CA GLU G 31 -16.74 -8.49 3.70
C GLU G 31 -18.16 -8.46 4.28
N ASN G 32 -19.16 -8.72 3.43
CA ASN G 32 -20.56 -8.77 3.88
C ASN G 32 -20.78 -9.80 5.00
N GLU G 33 -20.18 -10.97 4.85
CA GLU G 33 -20.29 -11.99 5.88
C GLU G 33 -19.77 -11.46 7.20
N ILE G 34 -18.61 -10.82 7.18
CA ILE G 34 -18.04 -10.33 8.43
C ILE G 34 -18.87 -9.15 8.99
N ARG G 35 -19.35 -8.28 8.12
CA ARG G 35 -20.20 -7.16 8.59
C ARG G 35 -21.46 -7.74 9.24
N GLY G 36 -22.03 -8.77 8.63
CA GLY G 36 -23.19 -9.45 9.18
C GLY G 36 -22.90 -10.06 10.55
N LEU G 37 -21.77 -10.72 10.71
CA LEU G 37 -21.37 -11.24 12.02
C LEU G 37 -21.34 -10.10 13.04
N CYS G 38 -20.75 -8.98 12.65
CA CYS G 38 -20.62 -7.85 13.56
C CYS G 38 -21.99 -7.27 13.93
N LEU G 39 -22.84 -7.08 12.93
CA LEU G 39 -24.14 -6.47 13.18
C LEU G 39 -25.04 -7.36 14.03
N LYS G 40 -25.17 -8.64 13.67
CA LYS G 40 -26.04 -9.54 14.44
C LYS G 40 -25.55 -9.78 15.87
N SER G 41 -24.24 -9.93 16.06
CA SER G 41 -23.73 -10.16 17.41
C SER G 41 -23.94 -8.89 18.23
N ARG G 42 -23.78 -7.72 17.59
CA ARG G 42 -24.00 -6.44 18.24
C ARG G 42 -25.40 -6.39 18.86
N GLU G 43 -26.40 -6.72 18.07
CA GLU G 43 -27.78 -6.67 18.56
C GLU G 43 -27.99 -7.59 19.76
N ILE G 44 -27.32 -8.74 19.76
CA ILE G 44 -27.46 -9.68 20.85
C ILE G 44 -26.75 -9.14 22.10
N PHE G 45 -25.54 -8.61 21.94
CA PHE G 45 -24.84 -7.96 23.05
C PHE G 45 -25.74 -6.92 23.72
N LEU G 46 -26.36 -6.05 22.93
CA LEU G 46 -27.16 -4.98 23.51
C LEU G 46 -28.43 -5.52 24.18
N SER G 47 -28.94 -6.65 23.70
CA SER G 47 -30.19 -7.17 24.23
C SER G 47 -29.97 -7.93 25.52
N GLN G 48 -28.75 -8.35 25.77
CA GLN G 48 -28.42 -9.05 27.01
C GLN G 48 -27.79 -8.08 28.01
N PRO G 49 -27.89 -8.39 29.31
CA PRO G 49 -27.37 -7.49 30.35
C PRO G 49 -25.87 -7.24 30.20
N ILE G 50 -25.43 -6.04 30.57
CA ILE G 50 -24.01 -5.69 30.48
C ILE G 50 -23.23 -6.39 31.60
N LEU G 51 -23.94 -6.71 32.69
CA LEU G 51 -23.41 -7.57 33.74
C LEU G 51 -24.16 -8.89 33.66
N LEU G 52 -23.50 -9.89 33.09
CA LEU G 52 -24.14 -11.17 32.78
C LEU G 52 -24.31 -12.01 34.05
N GLU G 53 -25.43 -12.72 34.14
CA GLU G 53 -25.66 -13.63 35.25
C GLU G 53 -25.77 -15.04 34.69
N LEU G 54 -24.71 -15.82 34.88
CA LEU G 54 -24.60 -17.12 34.23
C LEU G 54 -24.71 -18.28 35.23
N GLU G 55 -24.84 -19.49 34.72
CA GLU G 55 -24.92 -20.67 35.57
C GLU G 55 -23.99 -21.75 35.07
N ALA G 56 -23.40 -22.51 35.99
CA ALA G 56 -22.61 -23.67 35.61
C ALA G 56 -23.55 -24.79 35.14
N PRO G 57 -23.03 -25.79 34.43
CA PRO G 57 -21.62 -25.91 34.04
C PRO G 57 -21.26 -24.99 32.88
N LEU G 58 -19.99 -24.66 32.77
CA LEU G 58 -19.53 -23.65 31.84
C LEU G 58 -18.02 -23.71 31.83
N LYS G 59 -17.40 -23.38 30.71
CA LYS G 59 -15.94 -23.33 30.63
C LYS G 59 -15.48 -21.91 30.34
N ILE G 60 -14.44 -21.48 31.02
CA ILE G 60 -14.03 -20.09 30.98
C ILE G 60 -12.63 -19.98 30.43
N CYS G 61 -12.46 -19.11 29.44
CA CYS G 61 -11.17 -18.91 28.78
C CYS G 61 -10.69 -17.48 28.95
N GLY G 62 -9.37 -17.31 29.06
CA GLY G 62 -8.77 -16.00 29.12
C GLY G 62 -8.32 -15.58 27.73
N ASP G 63 -7.40 -14.61 27.68
CA ASP G 63 -6.92 -14.02 26.43
C ASP G 63 -6.57 -15.03 25.34
N ILE G 64 -7.05 -14.77 24.12
CA ILE G 64 -6.70 -15.58 22.95
C ILE G 64 -5.69 -14.85 22.04
N HIS G 65 -5.86 -13.53 21.89
CA HIS G 65 -4.95 -12.70 21.10
C HIS G 65 -4.60 -13.27 19.73
N GLY G 66 -5.64 -13.59 18.96
CA GLY G 66 -5.48 -13.92 17.55
C GLY G 66 -4.81 -15.26 17.34
N GLN G 67 -4.58 -16.01 18.41
CA GLN G 67 -4.00 -17.34 18.27
C GLN G 67 -5.08 -18.36 17.93
N TYR G 68 -5.56 -18.26 16.69
CA TYR G 68 -6.70 -19.03 16.24
C TYR G 68 -6.56 -20.55 16.45
N TYR G 69 -5.41 -21.10 16.11
CA TYR G 69 -5.24 -22.55 16.21
C TYR G 69 -5.25 -23.04 17.66
N ASP G 70 -4.82 -22.18 18.58
CA ASP G 70 -4.88 -22.51 20.01
C ASP G 70 -6.32 -22.48 20.50
N LEU G 71 -7.11 -21.54 19.99
CA LEU G 71 -8.54 -21.53 20.25
C LEU G 71 -9.18 -22.84 19.78
N LEU G 72 -8.88 -23.26 18.56
CA LEU G 72 -9.41 -24.50 18.04
C LEU G 72 -9.00 -25.69 18.93
N ARG G 73 -7.76 -25.69 19.41
CA ARG G 73 -7.32 -26.77 20.28
C ARG G 73 -8.06 -26.75 21.62
N LEU G 74 -8.48 -25.58 22.07
CA LEU G 74 -9.24 -25.48 23.31
C LEU G 74 -10.66 -26.01 23.11
N PHE G 75 -11.28 -25.63 21.99
CA PHE G 75 -12.60 -26.17 21.65
C PHE G 75 -12.48 -27.67 21.44
N GLU G 76 -11.40 -28.10 20.79
CA GLU G 76 -11.25 -29.51 20.46
C GLU G 76 -11.30 -30.33 21.74
N TYR G 77 -10.61 -29.85 22.77
CA TYR G 77 -10.60 -30.56 24.05
C TYR G 77 -11.91 -30.37 24.79
N GLY G 78 -12.34 -29.12 24.92
CA GLY G 78 -13.48 -28.79 25.77
C GLY G 78 -14.83 -29.15 25.17
N GLY G 79 -14.83 -29.45 23.88
CA GLY G 79 -16.07 -29.65 23.16
C GLY G 79 -16.51 -28.39 22.44
N PHE G 80 -16.67 -28.49 21.12
CA PHE G 80 -17.15 -27.39 20.32
C PHE G 80 -18.59 -27.03 20.71
N PRO G 81 -18.89 -25.72 20.79
CA PRO G 81 -20.27 -25.32 21.11
C PRO G 81 -21.21 -26.00 20.16
N PRO G 82 -22.42 -26.38 20.63
CA PRO G 82 -22.95 -26.17 21.96
C PRO G 82 -22.73 -27.36 22.90
N GLU G 83 -21.69 -28.17 22.64
CA GLU G 83 -21.39 -29.29 23.52
C GLU G 83 -21.18 -28.81 24.95
N SER G 84 -20.42 -27.72 25.09
CA SER G 84 -20.27 -27.07 26.40
C SER G 84 -20.61 -25.60 26.28
N ASN G 85 -21.00 -25.00 27.40
CA ASN G 85 -21.16 -23.56 27.47
C ASN G 85 -19.80 -22.92 27.66
N TYR G 86 -19.61 -21.73 27.09
CA TYR G 86 -18.34 -21.02 27.21
C TYR G 86 -18.52 -19.57 27.65
N LEU G 87 -17.59 -19.09 28.47
CA LEU G 87 -17.46 -17.66 28.74
C LEU G 87 -16.03 -17.24 28.47
N PHE G 88 -15.84 -16.28 27.56
CA PHE G 88 -14.52 -15.73 27.29
C PHE G 88 -14.35 -14.39 27.99
N LEU G 89 -13.16 -14.15 28.53
CA LEU G 89 -12.90 -12.94 29.33
C LEU G 89 -12.29 -11.79 28.53
N GLY G 90 -12.27 -11.89 27.20
CA GLY G 90 -11.83 -10.76 26.38
C GLY G 90 -10.46 -10.92 25.75
N ASP G 91 -9.98 -9.84 25.12
CA ASP G 91 -8.71 -9.85 24.40
C ASP G 91 -8.64 -10.93 23.32
N TYR G 92 -9.52 -10.80 22.32
CA TYR G 92 -9.60 -11.75 21.21
C TYR G 92 -8.61 -11.43 20.09
N VAL G 93 -8.29 -10.15 19.94
CA VAL G 93 -7.51 -9.67 18.81
C VAL G 93 -6.18 -9.10 19.28
N ASP G 94 -5.33 -8.75 18.32
CA ASP G 94 -3.99 -8.19 18.55
C ASP G 94 -2.93 -9.22 18.89
N ARG G 95 -1.70 -8.91 18.45
CA ARG G 95 -0.50 -9.67 18.77
C ARG G 95 -0.36 -10.94 17.93
N GLY G 96 -1.40 -11.77 17.94
CA GLY G 96 -1.37 -13.02 17.21
C GLY G 96 -1.51 -12.83 15.71
N LYS G 97 -1.47 -13.93 14.97
CA LYS G 97 -1.44 -13.85 13.51
C LYS G 97 -2.83 -13.93 12.87
N GLN G 98 -3.80 -14.47 13.60
CA GLN G 98 -5.15 -14.66 13.05
C GLN G 98 -6.25 -14.10 13.95
N SER G 99 -6.16 -12.82 14.23
CA SER G 99 -7.21 -12.10 14.94
C SER G 99 -8.55 -12.22 14.22
N LEU G 100 -8.54 -12.14 12.89
CA LEU G 100 -9.78 -12.12 12.11
C LEU G 100 -10.52 -13.46 12.22
N GLU G 101 -9.81 -14.56 11.98
CA GLU G 101 -10.43 -15.87 12.14
C GLU G 101 -10.93 -16.05 13.58
N THR G 102 -10.15 -15.57 14.54
CA THR G 102 -10.52 -15.70 15.95
C THR G 102 -11.81 -14.98 16.28
N ILE G 103 -11.90 -13.70 15.97
CA ILE G 103 -13.09 -12.96 16.37
C ILE G 103 -14.32 -13.42 15.56
N CYS G 104 -14.13 -13.75 14.29
CA CYS G 104 -15.28 -14.20 13.47
C CYS G 104 -15.91 -15.50 14.01
N LEU G 105 -15.08 -16.46 14.41
CA LEU G 105 -15.62 -17.73 14.91
C LEU G 105 -16.36 -17.49 16.22
N LEU G 106 -15.74 -16.72 17.12
CA LEU G 106 -16.37 -16.36 18.39
C LEU G 106 -17.68 -15.61 18.16
N LEU G 107 -17.69 -14.68 17.20
CA LEU G 107 -18.93 -13.96 16.90
C LEU G 107 -19.95 -14.91 16.29
N ALA G 108 -19.50 -15.82 15.43
CA ALA G 108 -20.43 -16.77 14.82
C ALA G 108 -21.11 -17.66 15.90
N TYR G 109 -20.35 -18.12 16.87
CA TYR G 109 -20.93 -18.98 17.89
C TYR G 109 -21.86 -18.19 18.80
N LYS G 110 -21.55 -16.91 19.00
CA LYS G 110 -22.40 -16.05 19.80
C LYS G 110 -23.78 -15.95 19.16
N ILE G 111 -23.79 -15.74 17.85
CA ILE G 111 -25.05 -15.60 17.14
C ILE G 111 -25.78 -16.95 17.08
N LYS G 112 -25.03 -18.01 16.84
CA LYS G 112 -25.66 -19.31 16.72
C LYS G 112 -26.16 -19.84 18.06
N TYR G 113 -25.40 -19.63 19.12
CA TYR G 113 -25.80 -20.14 20.45
C TYR G 113 -25.84 -19.01 21.48
N PRO G 114 -26.79 -18.08 21.32
CA PRO G 114 -26.75 -16.85 22.11
C PRO G 114 -26.94 -17.05 23.61
N GLU G 115 -27.58 -18.15 24.03
CA GLU G 115 -27.78 -18.42 25.45
C GLU G 115 -26.73 -19.35 26.05
N ASN G 116 -25.82 -19.88 25.22
CA ASN G 116 -24.87 -20.87 25.70
C ASN G 116 -23.42 -20.48 25.49
N PHE G 117 -23.22 -19.25 25.01
CA PHE G 117 -21.91 -18.80 24.57
C PHE G 117 -21.82 -17.31 24.88
N PHE G 118 -20.77 -16.91 25.60
CA PHE G 118 -20.68 -15.53 26.07
C PHE G 118 -19.28 -14.96 25.94
N LEU G 119 -19.23 -13.67 25.65
CA LEU G 119 -17.97 -12.96 25.40
C LEU G 119 -17.94 -11.66 26.19
N LEU G 120 -16.89 -11.47 26.98
CA LEU G 120 -16.71 -10.22 27.69
C LEU G 120 -15.73 -9.34 26.93
N ARG G 121 -15.67 -8.08 27.30
CA ARG G 121 -14.80 -7.12 26.63
C ARG G 121 -13.43 -7.07 27.29
N GLY G 122 -12.37 -7.11 26.48
CA GLY G 122 -11.02 -6.97 26.99
C GLY G 122 -10.53 -5.56 26.71
N ASN G 123 -9.37 -5.17 27.26
CA ASN G 123 -8.83 -3.85 26.98
C ASN G 123 -8.37 -3.70 25.54
N HIS G 124 -8.17 -4.82 24.84
CA HIS G 124 -7.82 -4.77 23.41
C HIS G 124 -9.04 -4.68 22.49
N GLU G 125 -10.24 -4.90 23.03
CA GLU G 125 -11.46 -4.65 22.25
C GLU G 125 -11.79 -3.17 22.36
N CYS G 126 -10.92 -2.36 21.75
CA CYS G 126 -10.91 -0.92 21.95
C CYS G 126 -10.02 -0.31 20.85
N ALA G 127 -10.57 0.61 20.07
CA ALA G 127 -9.87 1.10 18.89
C ALA G 127 -8.50 1.70 19.19
N SER G 128 -8.37 2.45 20.28
CA SER G 128 -7.11 3.13 20.53
C SER G 128 -6.01 2.15 20.96
N ILE G 129 -6.39 0.93 21.34
CA ILE G 129 -5.41 -0.10 21.63
C ILE G 129 -5.10 -0.97 20.41
N ASN G 130 -6.13 -1.55 19.81
CA ASN G 130 -5.91 -2.47 18.70
C ASN G 130 -5.51 -1.74 17.40
N ARG G 131 -5.59 -0.41 17.43
CA ARG G 131 -4.98 0.38 16.35
C ARG G 131 -3.48 0.09 16.28
N ILE G 132 -2.90 -0.18 17.43
CA ILE G 132 -1.46 -0.21 17.56
C ILE G 132 -0.92 -1.64 17.63
N TYR G 133 -1.70 -2.57 18.13
CA TYR G 133 -1.14 -3.88 18.41
C TYR G 133 -1.50 -4.96 17.42
N GLY G 134 -1.99 -4.55 16.25
CA GLY G 134 -2.08 -5.45 15.12
C GLY G 134 -3.43 -5.55 14.41
N PHE G 135 -4.53 -5.40 15.13
CA PHE G 135 -5.85 -5.67 14.52
C PHE G 135 -6.17 -4.69 13.40
N TYR G 136 -5.93 -3.41 13.64
CA TYR G 136 -6.12 -2.40 12.61
C TYR G 136 -5.31 -2.76 11.36
N ASP G 137 -4.04 -3.10 11.52
CA ASP G 137 -3.23 -3.45 10.36
C ASP G 137 -3.78 -4.68 9.64
N GLU G 138 -4.26 -5.65 10.41
CA GLU G 138 -4.80 -6.87 9.82
C GLU G 138 -6.06 -6.56 8.99
N CYS G 139 -6.96 -5.76 9.54
CA CYS G 139 -8.16 -5.37 8.81
C CYS G 139 -7.80 -4.64 7.52
N LYS G 140 -6.83 -3.74 7.61
CA LYS G 140 -6.46 -2.92 6.46
C LYS G 140 -5.87 -3.78 5.36
N ARG G 141 -5.04 -4.74 5.74
CA ARG G 141 -4.37 -5.59 4.76
C ARG G 141 -5.35 -6.55 4.08
N ARG G 142 -6.20 -7.20 4.88
CA ARG G 142 -7.05 -8.28 4.36
C ARG G 142 -8.43 -7.82 3.91
N TYR G 143 -8.87 -6.66 4.40
CA TYR G 143 -10.15 -6.09 4.03
C TYR G 143 -10.01 -4.60 3.75
N ASN G 144 -10.55 -3.76 4.63
CA ASN G 144 -10.40 -2.31 4.49
C ASN G 144 -10.66 -1.67 5.87
N ILE G 145 -10.40 -0.37 6.01
CA ILE G 145 -10.44 0.22 7.34
C ILE G 145 -11.87 0.46 7.82
N LYS G 146 -12.82 0.50 6.90
CA LYS G 146 -14.23 0.59 7.30
C LYS G 146 -14.62 -0.65 8.07
N LEU G 147 -14.09 -1.80 7.66
CA LEU G 147 -14.35 -3.04 8.39
C LEU G 147 -13.78 -2.98 9.80
N TRP G 148 -12.61 -2.36 9.95
CA TRP G 148 -12.04 -2.16 11.26
C TRP G 148 -13.01 -1.36 12.14
N LYS G 149 -13.55 -0.27 11.59
CA LYS G 149 -14.54 0.54 12.31
C LYS G 149 -15.80 -0.27 12.65
N THR G 150 -16.21 -1.14 11.74
CA THR G 150 -17.36 -2.00 12.01
C THR G 150 -17.10 -2.90 13.24
N PHE G 151 -15.94 -3.53 13.30
CA PHE G 151 -15.56 -4.28 14.49
C PHE G 151 -15.59 -3.39 15.74
N THR G 152 -15.07 -2.17 15.63
CA THR G 152 -15.05 -1.27 16.77
C THR G 152 -16.45 -1.00 17.32
N ASP G 153 -17.42 -0.81 16.43
CA ASP G 153 -18.79 -0.52 16.86
C ASP G 153 -19.41 -1.77 17.49
N CYS G 154 -18.95 -2.93 17.07
CA CYS G 154 -19.39 -4.17 17.69
C CYS G 154 -18.72 -4.30 19.07
N PHE G 155 -17.39 -4.15 19.12
CA PHE G 155 -16.69 -4.21 20.39
C PHE G 155 -17.25 -3.22 21.41
N ASN G 156 -17.66 -2.03 20.96
CA ASN G 156 -18.17 -1.02 21.90
C ASN G 156 -19.44 -1.49 22.59
N CYS G 157 -19.99 -2.63 22.17
CA CYS G 157 -21.21 -3.16 22.78
C CYS G 157 -21.02 -4.43 23.61
N LEU G 158 -19.80 -4.93 23.74
CA LEU G 158 -19.58 -6.12 24.57
C LEU G 158 -19.95 -5.88 26.04
N PRO G 159 -20.49 -6.91 26.72
CA PRO G 159 -20.71 -6.80 28.17
C PRO G 159 -19.38 -6.74 28.92
N ILE G 160 -19.41 -6.26 30.15
CA ILE G 160 -18.19 -5.91 30.85
C ILE G 160 -17.83 -6.93 31.93
N ALA G 161 -18.82 -7.63 32.47
CA ALA G 161 -18.55 -8.60 33.52
C ALA G 161 -19.60 -9.69 33.57
N ALA G 162 -19.33 -10.73 34.36
CA ALA G 162 -20.26 -11.82 34.56
C ALA G 162 -20.11 -12.37 35.98
N ILE G 163 -21.22 -12.84 36.52
CA ILE G 163 -21.23 -13.54 37.80
C ILE G 163 -21.79 -14.94 37.56
N VAL G 164 -21.02 -15.96 37.90
CA VAL G 164 -21.48 -17.33 37.71
C VAL G 164 -22.11 -17.85 39.01
N ASP G 165 -23.40 -18.18 38.93
CA ASP G 165 -24.16 -18.68 40.09
C ASP G 165 -23.87 -17.94 41.40
N GLU G 166 -23.82 -16.62 41.32
CA GLU G 166 -23.66 -15.75 42.49
C GLU G 166 -22.38 -15.95 43.29
N LYS G 167 -21.42 -16.69 42.75
CA LYS G 167 -20.21 -16.98 43.50
C LYS G 167 -18.91 -16.55 42.82
N ILE G 168 -18.88 -16.55 41.49
CA ILE G 168 -17.65 -16.19 40.77
C ILE G 168 -17.82 -14.90 39.98
N PHE G 169 -17.12 -13.87 40.40
CA PHE G 169 -17.12 -12.62 39.66
C PHE G 169 -16.04 -12.68 38.58
N CYS G 170 -16.46 -12.50 37.33
CA CYS G 170 -15.56 -12.59 36.18
C CYS G 170 -15.45 -11.28 35.43
N CYS G 171 -14.23 -10.83 35.16
CA CYS G 171 -14.02 -9.70 34.27
C CYS G 171 -12.63 -9.82 33.70
N HIS G 172 -12.27 -8.94 32.76
CA HIS G 172 -10.99 -9.06 32.08
C HIS G 172 -9.80 -8.59 32.93
N GLY G 173 -9.91 -7.36 33.43
CA GLY G 173 -8.86 -6.79 34.25
C GLY G 173 -9.00 -7.18 35.70
N GLY G 174 -9.75 -6.37 36.44
CA GLY G 174 -10.02 -6.68 37.83
C GLY G 174 -10.83 -5.62 38.54
N LEU G 175 -10.57 -5.48 39.84
CA LEU G 175 -11.35 -4.62 40.72
C LEU G 175 -11.06 -3.15 40.48
N SER G 176 -11.94 -2.31 41.02
CA SER G 176 -11.83 -0.87 40.87
C SER G 176 -12.02 -0.21 42.22
N PRO G 177 -11.22 0.83 42.52
CA PRO G 177 -11.50 1.57 43.75
C PRO G 177 -12.89 2.21 43.71
N ASP G 178 -13.47 2.35 42.52
CA ASP G 178 -14.79 2.96 42.37
C ASP G 178 -15.94 1.96 42.36
N LEU G 179 -15.65 0.67 42.53
CA LEU G 179 -16.71 -0.35 42.50
C LEU G 179 -17.30 -0.61 43.89
N GLN G 180 -18.36 0.12 44.22
CA GLN G 180 -19.04 -0.06 45.50
C GLN G 180 -20.27 -0.97 45.39
N SER G 181 -20.94 -0.93 44.24
CA SER G 181 -22.13 -1.76 44.04
C SER G 181 -22.17 -2.38 42.64
N MET G 182 -22.71 -3.60 42.55
CA MET G 182 -22.88 -4.25 41.26
C MET G 182 -23.77 -3.41 40.37
N GLU G 183 -24.70 -2.69 40.98
CA GLU G 183 -25.63 -1.86 40.21
C GLU G 183 -24.88 -0.79 39.40
N GLN G 184 -23.72 -0.36 39.89
CA GLN G 184 -22.93 0.60 39.13
C GLN G 184 -22.61 0.01 37.77
N ILE G 185 -22.16 -1.23 37.76
CA ILE G 185 -21.81 -1.92 36.51
C ILE G 185 -23.03 -1.94 35.59
N ARG G 186 -24.20 -2.23 36.15
CA ARG G 186 -25.43 -2.35 35.37
C ARG G 186 -25.92 -1.02 34.80
N ARG G 187 -25.40 0.10 35.31
CA ARG G 187 -25.82 1.43 34.83
C ARG G 187 -24.95 1.93 33.68
N ILE G 188 -23.85 1.23 33.40
CA ILE G 188 -22.98 1.60 32.29
C ILE G 188 -23.71 1.50 30.95
N MET G 189 -23.63 2.54 30.13
CA MET G 189 -24.38 2.59 28.88
CA MET G 189 -24.39 2.59 28.88
C MET G 189 -23.53 2.14 27.69
N ARG G 190 -24.17 1.50 26.72
CA ARG G 190 -23.54 0.99 25.50
C ARG G 190 -24.35 1.48 24.30
N PRO G 191 -23.67 1.76 23.17
CA PRO G 191 -22.23 1.61 22.90
C PRO G 191 -21.36 2.61 23.63
N THR G 192 -20.15 2.19 23.98
CA THR G 192 -19.23 3.03 24.71
C THR G 192 -17.79 2.71 24.34
N ASP G 193 -16.95 3.72 24.34
CA ASP G 193 -15.51 3.50 24.26
C ASP G 193 -14.98 3.25 25.68
N VAL G 194 -13.71 2.90 25.81
CA VAL G 194 -13.10 2.66 27.12
C VAL G 194 -12.41 3.94 27.64
N PRO G 195 -12.92 4.50 28.74
CA PRO G 195 -12.30 5.72 29.27
C PRO G 195 -10.89 5.46 29.80
N ASP G 196 -10.07 6.51 29.97
CA ASP G 196 -8.71 6.29 30.48
C ASP G 196 -8.66 6.25 32.01
N GLN G 197 -9.80 6.48 32.64
CA GLN G 197 -9.89 6.36 34.09
C GLN G 197 -11.33 6.08 34.50
N GLY G 198 -11.49 5.48 35.67
CA GLY G 198 -12.82 5.19 36.18
C GLY G 198 -13.11 3.71 36.29
N LEU G 199 -14.32 3.42 36.75
CA LEU G 199 -14.77 2.05 36.98
C LEU G 199 -14.67 1.17 35.73
N LEU G 200 -15.16 1.69 34.60
CA LEU G 200 -15.15 0.93 33.34
C LEU G 200 -13.72 0.63 32.90
N CYS G 201 -12.86 1.64 32.91
CA CYS G 201 -11.44 1.45 32.63
C CYS G 201 -10.84 0.36 33.54
N ASP G 202 -11.05 0.49 34.85
CA ASP G 202 -10.46 -0.44 35.82
C ASP G 202 -10.89 -1.90 35.59
N LEU G 203 -12.17 -2.13 35.31
CA LEU G 203 -12.67 -3.47 35.04
C LEU G 203 -11.92 -4.13 33.88
N LEU G 204 -11.36 -3.32 32.98
CA LEU G 204 -10.67 -3.86 31.81
C LEU G 204 -9.15 -3.84 31.96
N TRP G 205 -8.65 -3.09 32.94
CA TRP G 205 -7.24 -2.75 32.98
C TRP G 205 -6.47 -3.10 34.27
N SER G 206 -7.15 -3.22 35.40
CA SER G 206 -6.43 -3.37 36.65
C SER G 206 -5.75 -4.74 36.79
N ASP G 207 -4.80 -4.83 37.73
CA ASP G 207 -4.08 -6.06 38.05
C ASP G 207 -3.94 -6.22 39.55
N PRO G 208 -4.03 -7.46 40.05
CA PRO G 208 -3.65 -7.76 41.44
C PRO G 208 -2.14 -7.65 41.64
N ASP G 209 -1.69 -7.54 42.88
CA ASP G 209 -0.27 -7.33 43.19
C ASP G 209 0.01 -7.76 44.64
N LYS G 210 1.02 -8.62 44.82
CA LYS G 210 1.37 -9.15 46.13
C LYS G 210 2.03 -8.13 47.05
N ASP G 211 2.66 -7.12 46.47
CA ASP G 211 3.45 -6.17 47.25
C ASP G 211 2.62 -4.99 47.72
N VAL G 212 1.52 -4.72 47.02
CA VAL G 212 0.65 -3.61 47.39
C VAL G 212 -0.41 -4.06 48.39
N GLN G 213 -0.72 -3.19 49.35
CA GLN G 213 -1.87 -3.37 50.20
C GLN G 213 -2.82 -2.24 49.87
N GLY G 214 -4.08 -2.58 49.59
CA GLY G 214 -5.02 -1.58 49.09
C GLY G 214 -4.77 -1.31 47.62
N TRP G 215 -4.73 -0.04 47.23
CA TRP G 215 -4.62 0.35 45.83
C TRP G 215 -3.28 1.01 45.50
N GLY G 216 -2.64 0.55 44.43
CA GLY G 216 -1.36 1.09 44.00
C GLY G 216 -1.36 1.44 42.53
N GLU G 217 -0.34 2.19 42.11
CA GLU G 217 -0.24 2.60 40.72
C GLU G 217 0.17 1.43 39.85
N ASN G 218 -0.38 1.37 38.65
CA ASN G 218 -0.14 0.27 37.73
C ASN G 218 0.94 0.60 36.69
N ASP G 219 1.91 -0.30 36.53
CA ASP G 219 3.03 -0.09 35.61
C ASP G 219 2.58 0.11 34.16
N ARG G 220 1.37 -0.33 33.84
CA ARG G 220 0.81 -0.17 32.50
C ARG G 220 0.63 1.30 32.12
N GLY G 221 0.55 2.17 33.13
CA GLY G 221 0.38 3.59 32.89
C GLY G 221 -1.08 4.00 32.87
N VAL G 222 -1.95 3.07 33.22
CA VAL G 222 -3.37 3.37 33.39
C VAL G 222 -3.95 2.51 34.52
N SER G 223 -5.02 2.97 35.16
CA SER G 223 -5.70 2.18 36.18
C SER G 223 -4.80 1.93 37.40
N PHE G 224 -5.04 0.81 38.10
CA PHE G 224 -4.43 0.56 39.41
C PHE G 224 -3.99 -0.89 39.60
N THR G 225 -3.23 -1.12 40.67
CA THR G 225 -3.07 -2.46 41.20
C THR G 225 -3.87 -2.56 42.49
N PHE G 226 -4.21 -3.78 42.89
CA PHE G 226 -4.93 -3.98 44.14
C PHE G 226 -4.38 -5.18 44.89
N GLY G 227 -4.31 -5.05 46.22
CA GLY G 227 -3.68 -6.07 47.05
C GLY G 227 -4.65 -7.14 47.49
N ALA G 228 -4.10 -8.21 48.06
CA ALA G 228 -4.88 -9.34 48.54
C ALA G 228 -5.97 -8.93 49.53
N GLU G 229 -5.72 -7.86 50.28
CA GLU G 229 -6.69 -7.39 51.26
C GLU G 229 -7.96 -6.86 50.57
N VAL G 230 -7.78 -6.15 49.46
CA VAL G 230 -8.92 -5.63 48.73
C VAL G 230 -9.82 -6.76 48.22
N VAL G 231 -9.20 -7.81 47.71
CA VAL G 231 -9.95 -8.97 47.21
C VAL G 231 -10.82 -9.56 48.31
N ALA G 232 -10.22 -9.85 49.47
CA ALA G 232 -10.93 -10.45 50.59
C ALA G 232 -12.14 -9.62 51.00
N LYS G 233 -11.96 -8.30 51.09
CA LYS G 233 -13.08 -7.41 51.45
C LYS G 233 -14.18 -7.46 50.40
N PHE G 234 -13.78 -7.43 49.12
CA PHE G 234 -14.74 -7.45 48.04
C PHE G 234 -15.54 -8.75 48.04
N LEU G 235 -14.85 -9.88 48.11
CA LEU G 235 -15.51 -11.17 48.14
C LEU G 235 -16.52 -11.25 49.29
N HIS G 236 -16.09 -10.79 50.46
CA HIS G 236 -16.94 -10.88 51.64
C HIS G 236 -18.16 -9.98 51.50
N LYS G 237 -17.95 -8.76 51.04
CA LYS G 237 -19.01 -7.78 50.91
C LYS G 237 -20.11 -8.24 49.97
N HIS G 238 -19.72 -8.93 48.91
CA HIS G 238 -20.67 -9.29 47.87
C HIS G 238 -21.07 -10.76 47.93
N ASP G 239 -20.56 -11.45 48.95
CA ASP G 239 -20.90 -12.85 49.16
C ASP G 239 -20.48 -13.68 47.95
N LEU G 240 -19.25 -13.46 47.50
CA LEU G 240 -18.70 -14.21 46.38
C LEU G 240 -17.62 -15.15 46.91
N ASP G 241 -17.30 -16.17 46.11
CA ASP G 241 -16.25 -17.11 46.50
C ASP G 241 -14.97 -16.89 45.72
N LEU G 242 -15.09 -16.40 44.49
CA LEU G 242 -13.95 -16.28 43.59
C LEU G 242 -14.03 -15.11 42.62
N ILE G 243 -12.89 -14.52 42.33
CA ILE G 243 -12.75 -13.59 41.22
C ILE G 243 -11.97 -14.28 40.10
N CYS G 244 -12.57 -14.39 38.92
CA CYS G 244 -11.91 -15.00 37.79
C CYS G 244 -11.61 -13.94 36.73
N ARG G 245 -10.33 -13.76 36.41
CA ARG G 245 -9.93 -12.72 35.48
C ARG G 245 -8.78 -13.17 34.57
N ALA G 246 -8.35 -12.29 33.68
CA ALA G 246 -7.35 -12.65 32.67
C ALA G 246 -6.27 -11.56 32.58
N HIS G 247 -5.96 -11.12 31.36
CA HIS G 247 -5.27 -9.85 31.18
C HIS G 247 -3.75 -9.88 31.47
N GLN G 248 -3.27 -10.91 32.17
CA GLN G 248 -1.84 -11.03 32.43
C GLN G 248 -1.36 -12.45 32.09
N VAL G 249 -0.30 -12.56 31.29
CA VAL G 249 0.25 -13.88 30.97
C VAL G 249 0.82 -14.52 32.24
N VAL G 250 0.47 -15.79 32.46
CA VAL G 250 0.96 -16.52 33.62
C VAL G 250 1.57 -17.84 33.19
N GLU G 251 2.70 -18.17 33.80
CA GLU G 251 3.53 -19.29 33.37
C GLU G 251 2.74 -20.57 33.14
N ASP G 252 1.85 -20.92 34.06
CA ASP G 252 1.13 -22.19 33.97
C ASP G 252 -0.24 -22.10 33.32
N GLY G 253 -0.59 -20.92 32.80
CA GLY G 253 -1.88 -20.75 32.16
C GLY G 253 -2.92 -20.22 33.14
N TYR G 254 -2.93 -20.77 34.34
CA TYR G 254 -3.78 -20.23 35.41
C TYR G 254 -2.87 -19.96 36.60
N GLU G 255 -3.25 -19.03 37.46
CA GLU G 255 -2.44 -18.67 38.60
C GLU G 255 -3.24 -18.02 39.72
N PHE G 256 -3.26 -18.65 40.90
CA PHE G 256 -4.04 -18.16 42.03
C PHE G 256 -3.42 -16.92 42.69
N PHE G 257 -4.26 -16.20 43.42
CA PHE G 257 -3.84 -15.00 44.13
C PHE G 257 -4.70 -14.84 45.39
N ALA G 258 -4.11 -14.31 46.46
CA ALA G 258 -4.82 -14.18 47.73
C ALA G 258 -5.40 -15.54 48.15
N LYS G 259 -4.55 -16.55 48.23
CA LYS G 259 -4.97 -17.89 48.66
C LYS G 259 -6.25 -18.36 47.97
N ARG G 260 -6.18 -18.53 46.66
CA ARG G 260 -7.29 -19.08 45.88
C ARG G 260 -8.57 -18.25 45.90
N GLN G 261 -8.48 -16.99 46.32
CA GLN G 261 -9.65 -16.11 46.27
C GLN G 261 -9.79 -15.45 44.88
N LEU G 262 -8.67 -15.36 44.16
CA LEU G 262 -8.68 -14.87 42.78
C LEU G 262 -7.86 -15.82 41.92
N VAL G 263 -8.27 -15.99 40.67
CA VAL G 263 -7.47 -16.71 39.70
C VAL G 263 -7.38 -15.93 38.40
N THR G 264 -6.16 -15.86 37.86
CA THR G 264 -5.94 -15.28 36.54
C THR G 264 -5.90 -16.41 35.51
N LEU G 265 -6.67 -16.27 34.43
CA LEU G 265 -6.62 -17.21 33.32
C LEU G 265 -6.03 -16.56 32.07
N PHE G 266 -5.14 -17.27 31.39
CA PHE G 266 -4.56 -16.79 30.14
C PHE G 266 -4.52 -18.00 29.20
N SER G 267 -5.17 -17.87 28.05
CA SER G 267 -5.44 -19.04 27.21
C SER G 267 -4.58 -19.12 25.95
N ALA G 268 -3.59 -18.25 25.84
CA ALA G 268 -2.77 -18.20 24.63
C ALA G 268 -1.35 -18.68 24.94
N PRO G 269 -1.05 -19.94 24.63
CA PRO G 269 0.27 -20.51 24.94
C PRO G 269 1.39 -19.91 24.09
N ASN G 270 2.62 -19.95 24.59
CA ASN G 270 3.74 -19.34 23.89
C ASN G 270 3.33 -17.99 23.34
N TYR G 271 2.72 -17.18 24.20
CA TYR G 271 2.19 -15.89 23.82
C TYR G 271 3.23 -15.03 23.11
N CYS G 272 2.84 -14.44 21.99
CA CYS G 272 3.71 -13.55 21.24
C CYS G 272 4.92 -14.28 20.69
N GLY G 273 4.97 -15.59 20.90
CA GLY G 273 6.18 -16.35 20.64
C GLY G 273 7.34 -15.84 21.47
N GLU G 274 7.07 -14.87 22.34
CA GLU G 274 8.10 -14.25 23.17
C GLU G 274 8.19 -14.95 24.52
N PHE G 275 7.06 -15.44 25.01
CA PHE G 275 7.00 -16.13 26.30
C PHE G 275 6.91 -17.64 26.08
N ASP G 276 7.08 -18.40 27.15
CA ASP G 276 6.93 -19.86 27.08
C ASP G 276 5.85 -20.35 28.03
N ASN G 277 4.87 -19.50 28.27
CA ASN G 277 3.75 -19.82 29.15
C ASN G 277 2.88 -20.91 28.57
N ALA G 278 2.23 -21.67 29.45
CA ALA G 278 1.15 -22.52 29.02
C ALA G 278 -0.08 -21.65 28.98
N GLY G 279 -1.12 -22.10 28.29
CA GLY G 279 -2.42 -21.49 28.38
C GLY G 279 -3.34 -22.40 29.17
N ALA G 280 -4.40 -21.84 29.72
CA ALA G 280 -5.34 -22.66 30.49
C ALA G 280 -6.78 -22.22 30.33
N MET G 281 -7.67 -23.18 30.51
CA MET G 281 -9.09 -22.97 30.49
C MET G 281 -9.61 -23.53 31.82
N MET G 282 -10.57 -22.86 32.45
CA MET G 282 -11.15 -23.36 33.68
C MET G 282 -12.58 -23.87 33.47
N SER G 283 -12.78 -25.16 33.73
CA SER G 283 -14.11 -25.75 33.68
C SER G 283 -14.79 -25.65 35.05
N VAL G 284 -16.07 -25.33 35.04
CA VAL G 284 -16.85 -25.23 36.26
C VAL G 284 -18.04 -26.18 36.14
N ASP G 285 -18.13 -27.19 37.01
CA ASP G 285 -19.27 -28.11 36.94
C ASP G 285 -20.48 -27.54 37.68
N GLU G 286 -21.57 -28.30 37.71
CA GLU G 286 -22.83 -27.78 38.28
C GLU G 286 -22.73 -27.44 39.78
N THR G 287 -21.82 -28.10 40.49
CA THR G 287 -21.65 -27.87 41.92
C THR G 287 -20.68 -26.72 42.16
N LEU G 288 -20.12 -26.18 41.09
CA LEU G 288 -19.07 -25.16 41.16
C LEU G 288 -17.74 -25.79 41.55
N MET G 289 -17.49 -27.01 41.09
CA MET G 289 -16.15 -27.56 41.19
C MET G 289 -15.35 -27.14 39.96
N CYS G 290 -14.28 -26.38 40.19
CA CYS G 290 -13.46 -25.84 39.11
C CYS G 290 -12.22 -26.68 38.86
N SER G 291 -12.02 -27.09 37.61
CA SER G 291 -10.79 -27.77 37.20
C SER G 291 -10.15 -27.06 36.01
N PHE G 292 -8.83 -27.18 35.89
CA PHE G 292 -8.10 -26.48 34.84
C PHE G 292 -7.62 -27.43 33.76
N GLN G 293 -7.88 -27.07 32.50
CA GLN G 293 -7.37 -27.80 31.36
C GLN G 293 -6.23 -27.00 30.73
N ILE G 294 -5.11 -27.66 30.48
CA ILE G 294 -3.87 -26.95 30.18
C ILE G 294 -3.31 -27.24 28.79
N LEU G 295 -3.09 -26.18 28.02
CA LEU G 295 -2.33 -26.24 26.78
C LEU G 295 -0.87 -25.91 27.08
N LYS G 296 0.01 -26.90 26.99
CA LYS G 296 1.43 -26.67 27.27
C LYS G 296 2.12 -25.97 26.09
N PRO G 297 3.20 -25.24 26.37
CA PRO G 297 3.95 -24.47 25.37
C PRO G 297 4.69 -25.32 24.34
N ALA H 2 -26.49 7.84 5.97
CA ALA H 2 -25.28 7.06 5.74
C ALA H 2 -24.12 7.59 6.57
N MET H 3 -23.49 8.66 6.09
CA MET H 3 -22.46 9.34 6.88
C MET H 3 -23.10 10.04 8.06
N GLU H 4 -24.40 10.31 7.95
CA GLU H 4 -25.14 10.95 9.03
C GLU H 4 -25.49 9.93 10.12
N GLU H 5 -25.86 8.75 9.69
CA GLU H 5 -26.17 7.65 10.60
C GLU H 5 -24.91 7.26 11.40
N GLU H 6 -23.76 7.32 10.73
CA GLU H 6 -22.48 7.00 11.34
C GLU H 6 -22.05 8.15 12.25
N THR H 7 -22.37 9.37 11.84
CA THR H 7 -22.12 10.55 12.68
C THR H 7 -22.91 10.45 13.98
N GLU H 8 -24.18 10.06 13.89
CA GLU H 8 -25.04 9.90 15.06
C GLU H 8 -24.47 8.84 16.01
N LEU H 9 -24.08 7.70 15.45
CA LEU H 9 -23.51 6.61 16.24
C LEU H 9 -22.28 7.10 17.00
N ASP H 10 -21.38 7.81 16.31
CA ASP H 10 -20.18 8.33 16.95
C ASP H 10 -20.55 9.29 18.08
N ASN H 11 -21.53 10.16 17.83
CA ASN H 11 -22.03 11.07 18.88
C ASN H 11 -22.60 10.32 20.08
N LEU H 12 -23.43 9.31 19.80
CA LEU H 12 -24.02 8.49 20.85
C LEU H 12 -22.91 7.82 21.67
N THR H 13 -21.88 7.34 20.98
CA THR H 13 -20.81 6.59 21.64
C THR H 13 -20.03 7.52 22.56
N GLU H 14 -19.76 8.73 22.10
CA GLU H 14 -19.07 9.72 22.93
C GLU H 14 -19.93 10.13 24.13
N PHE H 15 -21.22 10.34 23.88
CA PHE H 15 -22.16 10.68 24.95
C PHE H 15 -22.19 9.59 26.04
N ASN H 16 -22.27 8.33 25.63
CA ASN H 16 -22.29 7.24 26.58
C ASN H 16 -20.96 7.13 27.32
N THR H 17 -19.86 7.32 26.59
CA THR H 17 -18.54 7.25 27.18
C THR H 17 -18.40 8.28 28.32
N ALA H 18 -18.75 9.52 28.02
CA ALA H 18 -18.70 10.59 29.03
C ALA H 18 -19.58 10.24 30.23
N HIS H 19 -20.81 9.81 29.95
CA HIS H 19 -21.71 9.33 31.00
C HIS H 19 -21.02 8.25 31.84
N ASN H 20 -20.41 7.27 31.19
CA ASN H 20 -19.84 6.14 31.92
C ASN H 20 -18.70 6.54 32.87
N LYS H 21 -17.94 7.57 32.53
CA LYS H 21 -16.92 8.09 33.45
C LYS H 21 -17.51 8.63 34.75
N ARG H 22 -18.75 9.13 34.70
CA ARG H 22 -19.40 9.68 35.91
C ARG H 22 -19.91 8.57 36.83
N ILE H 23 -20.26 7.42 36.26
CA ILE H 23 -20.76 6.29 37.04
C ILE H 23 -19.83 5.94 38.20
N SER H 24 -18.51 6.08 37.97
CA SER H 24 -17.52 5.70 38.96
C SER H 24 -17.84 6.23 40.36
N THR H 25 -18.41 7.43 40.43
CA THR H 25 -18.63 8.13 41.70
C THR H 25 -20.12 8.22 42.01
N LEU H 26 -20.92 7.45 41.29
CA LEU H 26 -22.37 7.43 41.50
C LEU H 26 -22.70 7.26 42.98
N THR H 27 -21.89 6.46 43.68
CA THR H 27 -21.99 6.27 45.13
C THR H 27 -22.22 7.57 45.89
N ILE H 28 -21.89 8.70 45.27
CA ILE H 28 -22.16 10.01 45.86
C ILE H 28 -23.59 10.44 45.52
N GLU H 29 -24.49 9.46 45.63
CA GLU H 29 -25.89 9.63 45.35
C GLU H 29 -26.65 8.61 46.20
N ASN H 44 -27.54 -22.26 46.32
CA ASN H 44 -26.77 -22.59 47.51
C ASN H 44 -25.50 -23.35 47.16
N SER H 45 -24.90 -22.99 46.02
CA SER H 45 -23.66 -23.63 45.56
C SER H 45 -22.44 -22.97 46.20
N ARG H 46 -21.40 -23.77 46.43
CA ARG H 46 -20.14 -23.24 46.97
C ARG H 46 -18.99 -23.64 46.05
N VAL H 47 -17.96 -22.80 45.99
CA VAL H 47 -16.85 -22.99 45.05
C VAL H 47 -15.76 -23.91 45.60
N THR H 48 -15.45 -24.97 44.86
CA THR H 48 -14.39 -25.91 45.21
C THR H 48 -13.43 -26.14 44.04
N PHE H 49 -12.28 -26.76 44.30
CA PHE H 49 -11.28 -26.97 43.25
C PHE H 49 -10.79 -28.41 43.16
N SER H 50 -11.00 -29.04 42.01
CA SER H 50 -10.40 -30.34 41.72
C SER H 50 -8.90 -30.31 42.03
N GLU H 51 -8.32 -31.49 42.24
CA GLU H 51 -6.90 -31.62 42.57
C GLU H 51 -6.02 -31.75 41.35
N ASP H 52 -6.57 -32.29 40.27
CA ASP H 52 -5.77 -32.66 39.12
C ASP H 52 -6.00 -31.77 37.91
N ASP H 53 -4.96 -31.09 37.46
CA ASP H 53 -5.00 -30.40 36.19
C ASP H 53 -5.12 -31.45 35.10
N GLU H 54 -5.87 -31.13 34.05
CA GLU H 54 -5.94 -32.00 32.89
C GLU H 54 -5.03 -31.44 31.83
N ILE H 55 -4.12 -32.27 31.30
CA ILE H 55 -3.21 -31.84 30.25
C ILE H 55 -3.76 -32.21 28.88
N ILE H 56 -3.94 -31.21 28.04
CA ILE H 56 -4.55 -31.38 26.73
C ILE H 56 -3.57 -31.93 25.70
N ASN H 57 -2.29 -31.60 25.84
CA ASN H 57 -1.28 -31.98 24.83
C ASN H 57 0.00 -32.54 25.44
N PRO H 58 -0.04 -33.79 25.91
CA PRO H 58 1.12 -34.47 26.50
C PRO H 58 1.97 -35.19 25.45
#